data_8UYA
#
_entry.id   8UYA
#
_cell.length_a   1.00
_cell.length_b   1.00
_cell.length_c   1.00
_cell.angle_alpha   90.00
_cell.angle_beta   90.00
_cell.angle_gamma   90.00
#
_symmetry.space_group_name_H-M   'P 1'
#
loop_
_entity.id
_entity.type
_entity.pdbx_description
1 polymer 'Magnesium-transporting ATPase, P-type 1'
2 non-polymer 'MAGNESIUM ION'
3 non-polymer "ADENOSINE-5'-TRIPHOSPHATE"
4 water water
#
_entity_poly.entity_id   1
_entity_poly.type   'polypeptide(L)'
_entity_poly.pdbx_seq_one_letter_code
;MFKEIFTRLIRHLPSRLVHRDPLPGAQQTVNTVVPPSLSAHCLKMAVMPEEELWKTFDTHPEGLNQAEVESAREQHGENK
LPAQQPSPWWVHLWVCYRNPFNILLTILGAISYATEDLFAAGVIALMVAISTLLNFIQEARSTKAADALKAMVSNTATVL
RVINDKGENGWLEIPIDQLVPGDIIKLAAGDMIPADLRILQARDLFVAQASLTGESLPVEKAATTRQPEHSNPLECDTLC
FMGTTVVSGTAQAMVIATGANTWFGQLAGRVSEQESEPNAFQQGISRVSMLLIRFMLVMAPVVLLINGYTKGDWWEAALF
ALSVAVGLTPEMLPMIVTSTLARGAVKLSKQKVIVKHLDAIQNFGAMDILCTDKTGTLTQDKIVLENHTDISGKTSERVL
HSAWLNSHYQTGLKNLLDTAVLEGTDEESARSLASRWQKIDEIPFDFERRRMSVVVAENTEHHQLVCKGALQEILNVCSQ
VRHNGEIVPLDDIMLRKIKRVTDTLNRQGLRVVAVATKYLPAREGDYQRADESDLILEGYIAFLDPPKETTAPALKALKA
SGITVKILTGDSELVAAKVCHEVGLDAGEVVIGSDIETLSDDELANLAQRTTLFARLTPMHKERIVTLLKREGHVVGFMG
DGINDAPALRAADIGISVDGAVDIAREAADIILLEKSLMVLEEGVIEGRRTFANMLKYIKMTASSNFGNVFSVLVASAFL
PFLPMLPLHLLIQNLLYDVSQVAIPFDNVDDEQIQKPQRWNPADLGRFMIFFGPISSIFDILTFCLMWWVFHANTPETQT
LFQSGWFVVGLLSQTLIVHMIRTRRVPFIQSCASWPLMIMTVIVMIVGIALPFSPLASYLQLQALPLSYFPWLVAILAGY
MTLTQLVKGFYSRRYGWQHHHHHH
;
_entity_poly.pdbx_strand_id   A,B
#
# COMPACT_ATOMS: atom_id res chain seq x y z
N MET A 1 -40.48 31.88 7.60
CA MET A 1 -39.43 32.73 7.05
C MET A 1 -39.07 33.85 8.02
N PHE A 2 -38.00 34.58 7.70
CA PHE A 2 -37.48 35.67 8.54
C PHE A 2 -37.17 35.08 9.91
N LYS A 3 -37.82 35.52 10.99
CA LYS A 3 -37.66 34.92 12.32
C LYS A 3 -36.20 34.96 12.76
N GLU A 4 -35.72 36.19 13.02
CA GLU A 4 -34.35 36.40 13.48
C GLU A 4 -33.98 35.49 14.65
N ILE A 5 -34.97 35.05 15.43
CA ILE A 5 -34.69 34.09 16.50
C ILE A 5 -34.19 32.77 15.92
N PHE A 6 -34.72 32.38 14.75
CA PHE A 6 -34.28 31.14 14.11
C PHE A 6 -32.81 31.17 13.76
N THR A 7 -32.23 32.37 13.58
CA THR A 7 -30.80 32.51 13.37
C THR A 7 -30.01 32.52 14.67
N ARG A 8 -30.69 32.58 15.82
CA ARG A 8 -30.05 32.52 17.12
C ARG A 8 -30.19 31.15 17.79
N LEU A 9 -31.15 30.33 17.37
CA LEU A 9 -31.27 28.97 17.86
C LEU A 9 -30.35 28.00 17.15
N ILE A 10 -29.62 28.46 16.14
CA ILE A 10 -28.70 27.62 15.37
C ILE A 10 -27.28 28.02 15.76
N ARG A 11 -26.54 27.08 16.33
CA ARG A 11 -25.13 27.33 16.59
C ARG A 11 -24.33 27.16 15.31
N HIS A 12 -23.13 27.74 15.30
CA HIS A 12 -22.26 27.72 14.14
C HIS A 12 -20.90 27.14 14.51
N LEU A 13 -20.38 26.30 13.63
CA LEU A 13 -19.01 25.83 13.78
C LEU A 13 -18.05 26.99 13.57
N PRO A 14 -16.86 26.93 14.19
CA PRO A 14 -15.90 28.02 14.00
C PRO A 14 -15.52 28.18 12.54
N SER A 15 -15.30 29.43 12.14
CA SER A 15 -15.01 29.76 10.74
C SER A 15 -13.66 29.28 10.27
N ARG A 16 -12.89 28.57 11.11
CA ARG A 16 -11.60 28.04 10.69
C ARG A 16 -11.67 26.58 10.25
N LEU A 17 -12.77 25.88 10.54
CA LEU A 17 -12.89 24.47 10.17
C LEU A 17 -13.73 24.25 8.92
N VAL A 18 -14.57 25.21 8.55
CA VAL A 18 -15.50 25.02 7.44
C VAL A 18 -15.31 26.03 6.31
N HIS A 19 -14.58 27.12 6.54
CA HIS A 19 -14.44 28.16 5.53
C HIS A 19 -13.00 28.26 5.05
N ARG A 20 -12.83 28.45 3.75
CA ARG A 20 -11.51 28.65 3.18
C ARG A 20 -10.88 29.91 3.77
N ASP A 21 -9.58 29.84 4.05
CA ASP A 21 -8.89 30.95 4.69
C ASP A 21 -8.98 32.20 3.81
N PRO A 22 -9.45 33.33 4.33
CA PRO A 22 -9.67 34.51 3.49
C PRO A 22 -8.39 35.22 3.07
N LEU A 23 -7.22 34.82 3.61
CA LEU A 23 -5.98 35.54 3.36
C LEU A 23 -4.99 34.62 2.65
N PRO A 24 -4.95 34.64 1.32
CA PRO A 24 -3.87 33.97 0.58
C PRO A 24 -2.61 34.81 0.39
N GLY A 25 -2.59 36.03 0.92
CA GLY A 25 -1.49 36.94 0.71
C GLY A 25 -1.91 38.14 -0.12
N ALA A 26 -2.75 37.90 -1.13
CA ALA A 26 -3.25 38.96 -1.99
C ALA A 26 -4.76 39.10 -1.93
N GLN A 27 -5.50 38.01 -2.08
CA GLN A 27 -6.96 38.00 -2.11
C GLN A 27 -7.41 38.89 -3.26
N GLN A 28 -8.20 39.93 -3.03
CA GLN A 28 -8.67 40.83 -4.07
C GLN A 28 -8.01 42.19 -3.90
N THR A 29 -7.42 42.71 -4.98
CA THR A 29 -6.79 44.03 -4.97
C THR A 29 -7.88 45.08 -5.05
N VAL A 30 -8.51 45.35 -3.91
CA VAL A 30 -9.60 46.31 -3.87
C VAL A 30 -9.08 47.72 -4.06
N ASN A 31 -10.00 48.64 -4.34
CA ASN A 31 -9.67 50.05 -4.56
C ASN A 31 -9.78 50.88 -3.28
N THR A 32 -9.57 50.25 -2.12
CA THR A 32 -9.63 50.95 -0.84
C THR A 32 -8.37 51.79 -0.68
N VAL A 33 -8.55 53.11 -0.73
CA VAL A 33 -7.40 54.02 -0.60
C VAL A 33 -6.78 53.90 0.78
N VAL A 34 -7.61 53.67 1.79
CA VAL A 34 -7.21 53.51 3.19
C VAL A 34 -6.77 54.87 3.75
N PRO A 35 -6.85 55.09 5.06
CA PRO A 35 -6.43 56.37 5.63
C PRO A 35 -4.94 56.62 5.37
N PRO A 36 -4.55 57.87 5.18
CA PRO A 36 -3.13 58.17 4.88
C PRO A 36 -2.19 57.85 6.03
N SER A 37 -2.70 57.46 7.19
CA SER A 37 -1.87 57.16 8.35
C SER A 37 -0.88 56.04 8.03
N LEU A 38 -1.36 54.93 7.49
CA LEU A 38 -0.48 53.80 7.21
C LEU A 38 0.52 54.13 6.10
N SER A 39 0.08 54.85 5.07
CA SER A 39 1.00 55.23 4.01
C SER A 39 2.11 56.14 4.55
N ALA A 40 1.75 57.11 5.39
CA ALA A 40 2.75 57.97 5.99
C ALA A 40 3.70 57.18 6.88
N HIS A 41 3.15 56.24 7.66
CA HIS A 41 3.98 55.42 8.53
C HIS A 41 4.97 54.59 7.73
N CYS A 42 4.51 53.98 6.63
CA CYS A 42 5.40 53.19 5.78
C CYS A 42 6.47 54.06 5.13
N LEU A 43 6.09 55.23 4.62
CA LEU A 43 7.07 56.12 4.02
C LEU A 43 8.10 56.56 5.03
N LYS A 44 7.67 56.84 6.27
CA LYS A 44 8.61 57.16 7.33
C LYS A 44 9.52 55.99 7.64
N MET A 45 8.96 54.78 7.71
CA MET A 45 9.76 53.59 8.00
C MET A 45 10.71 53.22 6.87
N ALA A 46 10.53 53.80 5.67
CA ALA A 46 11.36 53.47 4.53
C ALA A 46 12.45 54.52 4.27
N VAL A 47 12.68 55.43 5.22
CA VAL A 47 13.66 56.50 5.00
C VAL A 47 14.72 56.58 6.10
N MET A 48 14.50 56.04 7.29
CA MET A 48 15.49 56.16 8.34
C MET A 48 16.78 55.42 7.97
N PRO A 49 17.93 55.89 8.48
CA PRO A 49 19.19 55.19 8.21
C PRO A 49 19.28 53.85 8.94
N GLU A 50 20.39 53.13 8.73
CA GLU A 50 20.55 51.82 9.34
C GLU A 50 20.58 51.90 10.86
N GLU A 51 21.26 52.91 11.40
CA GLU A 51 21.44 52.98 12.85
C GLU A 51 20.14 53.25 13.59
N GLU A 52 19.19 53.95 12.95
CA GLU A 52 17.95 54.27 13.63
C GLU A 52 17.12 53.03 13.91
N LEU A 53 17.10 52.08 12.97
CA LEU A 53 16.39 50.83 13.19
C LEU A 53 16.99 50.01 14.32
N TRP A 54 18.26 50.25 14.67
CA TRP A 54 18.87 49.59 15.81
C TRP A 54 18.14 49.95 17.10
N LYS A 55 17.78 51.23 17.25
CA LYS A 55 17.20 51.72 18.49
C LYS A 55 15.68 51.77 18.46
N THR A 56 15.06 51.83 17.27
CA THR A 56 13.60 51.83 17.21
C THR A 56 13.03 50.56 17.81
N PHE A 57 13.62 49.42 17.49
CA PHE A 57 13.29 48.14 18.10
C PHE A 57 14.48 47.67 18.92
N ASP A 58 14.38 46.46 19.46
CA ASP A 58 15.45 45.85 20.24
C ASP A 58 16.19 44.78 19.45
N THR A 59 16.32 45.00 18.14
CA THR A 59 16.98 44.04 17.28
C THR A 59 18.49 44.04 17.50
N HIS A 60 19.08 42.86 17.49
CA HIS A 60 20.53 42.70 17.62
C HIS A 60 20.95 41.63 16.63
N PRO A 61 22.01 41.87 15.83
CA PRO A 61 22.42 40.88 14.84
C PRO A 61 23.20 39.72 15.46
N GLU A 62 22.70 39.22 16.59
CA GLU A 62 23.25 38.04 17.23
C GLU A 62 22.17 37.11 17.75
N GLY A 63 20.91 37.39 17.49
CA GLY A 63 19.80 36.60 17.97
C GLY A 63 19.10 37.27 19.15
N LEU A 64 17.86 36.84 19.38
CA LEU A 64 17.06 37.31 20.50
C LEU A 64 16.89 36.16 21.49
N ASN A 65 17.20 36.44 22.76
CA ASN A 65 17.11 35.40 23.78
C ASN A 65 15.66 35.01 24.04
N GLN A 66 15.49 33.86 24.67
CA GLN A 66 14.16 33.30 24.91
C GLN A 66 13.34 34.11 25.91
N ALA A 67 13.87 35.21 26.44
CA ALA A 67 13.13 36.07 27.37
C ALA A 67 12.61 37.33 26.70
N GLU A 68 13.46 38.01 25.91
CA GLU A 68 13.03 39.23 25.23
C GLU A 68 11.96 38.93 24.19
N VAL A 69 12.05 37.78 23.53
CA VAL A 69 11.10 37.43 22.49
C VAL A 69 9.70 37.30 23.06
N GLU A 70 9.56 36.64 24.21
CA GLU A 70 8.25 36.48 24.81
C GLU A 70 7.67 37.83 25.24
N SER A 71 8.49 38.68 25.84
CA SER A 71 8.03 39.98 26.28
C SER A 71 7.56 40.83 25.10
N ALA A 72 8.34 40.84 24.02
CA ALA A 72 7.96 41.60 22.83
C ALA A 72 6.70 41.03 22.20
N ARG A 73 6.57 39.70 22.16
CA ARG A 73 5.38 39.07 21.60
C ARG A 73 4.14 39.44 22.40
N GLU A 74 4.24 39.43 23.73
CA GLU A 74 3.11 39.81 24.55
C GLU A 74 2.81 41.31 24.42
N GLN A 75 3.84 42.13 24.24
CA GLN A 75 3.63 43.57 24.08
C GLN A 75 2.91 43.88 22.78
N HIS A 76 3.29 43.22 21.68
CA HIS A 76 2.72 43.50 20.37
C HIS A 76 1.58 42.56 20.00
N GLY A 77 1.82 41.25 20.07
CA GLY A 77 0.81 40.29 19.66
C GLY A 77 1.40 39.09 18.96
N GLU A 78 0.65 38.49 18.04
CA GLU A 78 1.08 37.32 17.32
C GLU A 78 0.92 37.51 15.82
N ASN A 79 1.72 36.79 15.04
CA ASN A 79 1.67 36.86 13.58
C ASN A 79 0.56 35.93 13.08
N LYS A 80 -0.67 36.34 13.36
CA LYS A 80 -1.85 35.58 12.95
C LYS A 80 -3.01 36.53 12.74
N LEU A 81 -3.93 36.14 11.87
CA LEU A 81 -5.14 36.90 11.69
C LEU A 81 -6.07 36.70 12.90
N PRO A 82 -6.94 37.66 13.18
CA PRO A 82 -7.82 37.51 14.36
C PRO A 82 -8.74 36.30 14.27
N ALA A 83 -9.15 35.89 13.07
CA ALA A 83 -10.09 34.79 12.91
C ALA A 83 -9.46 33.42 13.10
N GLN A 84 -8.12 33.33 13.17
CA GLN A 84 -7.42 32.06 13.27
C GLN A 84 -6.99 31.74 14.70
N GLN A 85 -7.63 32.34 15.69
CA GLN A 85 -7.24 32.14 17.08
C GLN A 85 -8.28 31.31 17.80
N PRO A 86 -7.90 30.16 18.36
CA PRO A 86 -8.87 29.31 19.07
C PRO A 86 -9.36 29.97 20.35
N SER A 87 -10.58 29.58 20.76
CA SER A 87 -11.31 30.07 21.91
C SER A 87 -10.94 29.28 23.17
N PRO A 88 -11.07 29.90 24.34
CA PRO A 88 -10.79 29.17 25.59
C PRO A 88 -11.78 28.04 25.82
N TRP A 89 -11.30 27.00 26.50
CA TRP A 89 -12.10 25.79 26.66
C TRP A 89 -13.29 26.02 27.58
N TRP A 90 -13.14 26.86 28.61
CA TRP A 90 -14.27 27.11 29.51
C TRP A 90 -15.39 27.85 28.81
N VAL A 91 -15.05 28.78 27.91
CA VAL A 91 -16.08 29.44 27.12
C VAL A 91 -16.77 28.44 26.21
N HIS A 92 -16.01 27.49 25.66
CA HIS A 92 -16.60 26.43 24.85
C HIS A 92 -17.57 25.60 25.66
N LEU A 93 -17.22 25.27 26.90
CA LEU A 93 -18.14 24.54 27.76
C LEU A 93 -19.39 25.36 28.07
N TRP A 94 -19.22 26.66 28.30
CA TRP A 94 -20.36 27.51 28.61
C TRP A 94 -21.33 27.63 27.44
N VAL A 95 -20.80 27.81 26.23
CA VAL A 95 -21.68 28.01 25.08
C VAL A 95 -22.46 26.74 24.76
N CYS A 96 -21.90 25.58 25.06
CA CYS A 96 -22.59 24.32 24.87
C CYS A 96 -23.58 24.01 25.99
N TYR A 97 -23.77 24.93 26.92
CA TYR A 97 -24.65 24.73 28.07
C TYR A 97 -25.84 25.68 28.11
N ARG A 98 -25.80 26.77 27.35
CA ARG A 98 -26.88 27.75 27.34
C ARG A 98 -27.79 27.59 26.12
N ASN A 99 -27.93 26.38 25.61
CA ASN A 99 -28.83 26.14 24.49
C ASN A 99 -30.26 26.43 24.93
N PRO A 100 -31.06 27.13 24.11
CA PRO A 100 -32.43 27.47 24.54
C PRO A 100 -33.26 26.25 24.92
N PHE A 101 -33.15 25.16 24.17
CA PHE A 101 -33.93 23.96 24.52
C PHE A 101 -33.52 23.43 25.88
N ASN A 102 -32.21 23.36 26.15
CA ASN A 102 -31.74 22.84 27.42
C ASN A 102 -32.17 23.74 28.59
N ILE A 103 -32.04 25.06 28.42
CA ILE A 103 -32.39 25.96 29.51
C ILE A 103 -33.90 25.94 29.78
N LEU A 104 -34.70 25.94 28.72
CA LEU A 104 -36.15 25.83 28.92
C LEU A 104 -36.54 24.52 29.57
N LEU A 105 -35.89 23.41 29.16
CA LEU A 105 -36.18 22.13 29.78
C LEU A 105 -35.83 22.14 31.27
N THR A 106 -34.68 22.70 31.62
CA THR A 106 -34.29 22.76 33.03
C THR A 106 -35.24 23.62 33.83
N ILE A 107 -35.61 24.79 33.28
CA ILE A 107 -36.52 25.68 33.99
C ILE A 107 -37.88 25.03 34.20
N LEU A 108 -38.39 24.36 33.16
CA LEU A 108 -39.71 23.73 33.26
C LEU A 108 -39.67 22.53 34.21
N GLY A 109 -38.57 21.79 34.24
CA GLY A 109 -38.42 20.73 35.22
C GLY A 109 -38.37 21.25 36.64
N ALA A 110 -37.68 22.38 36.85
CA ALA A 110 -37.68 23.01 38.16
C ALA A 110 -39.08 23.47 38.55
N ILE A 111 -39.84 24.01 37.59
CA ILE A 111 -41.18 24.50 37.88
C ILE A 111 -42.11 23.35 38.25
N SER A 112 -42.07 22.26 37.49
CA SER A 112 -43.04 21.19 37.68
C SER A 112 -42.71 20.32 38.89
N TYR A 113 -41.57 19.63 38.84
CA TYR A 113 -41.23 18.61 39.84
C TYR A 113 -40.36 19.20 40.95
N ALA A 114 -40.91 20.17 41.67
CA ALA A 114 -40.19 20.79 42.78
C ALA A 114 -40.87 20.60 44.12
N THR A 115 -42.14 20.97 44.23
CA THR A 115 -42.81 21.00 45.53
C THR A 115 -43.04 19.61 46.11
N GLU A 116 -43.00 18.56 45.28
CA GLU A 116 -43.30 17.22 45.76
C GLU A 116 -42.26 16.20 45.30
N ASP A 117 -41.58 16.48 44.19
CA ASP A 117 -40.68 15.51 43.57
C ASP A 117 -39.35 16.19 43.20
N LEU A 118 -38.75 16.88 44.16
CA LEU A 118 -37.48 17.56 43.92
C LEU A 118 -36.42 16.61 43.37
N PHE A 119 -36.47 15.33 43.75
CA PHE A 119 -35.55 14.35 43.20
C PHE A 119 -35.68 14.23 41.69
N ALA A 120 -36.90 14.36 41.17
CA ALA A 120 -37.09 14.34 39.72
C ALA A 120 -36.42 15.53 39.05
N ALA A 121 -36.52 16.72 39.66
CA ALA A 121 -35.80 17.87 39.12
C ALA A 121 -34.29 17.63 39.16
N GLY A 122 -33.80 17.04 40.25
CA GLY A 122 -32.38 16.74 40.33
C GLY A 122 -31.91 15.80 39.24
N VAL A 123 -32.67 14.73 39.00
CA VAL A 123 -32.26 13.78 37.96
C VAL A 123 -32.41 14.38 36.57
N ILE A 124 -33.40 15.27 36.37
CA ILE A 124 -33.51 15.95 35.08
C ILE A 124 -32.28 16.82 34.83
N ALA A 125 -31.86 17.57 35.86
CA ALA A 125 -30.64 18.37 35.73
C ALA A 125 -29.43 17.49 35.47
N LEU A 126 -29.36 16.34 36.14
CA LEU A 126 -28.25 15.42 35.90
C LEU A 126 -28.23 14.92 34.46
N MET A 127 -29.41 14.60 33.92
CA MET A 127 -29.48 14.11 32.54
C MET A 127 -29.05 15.18 31.55
N VAL A 128 -29.54 16.41 31.73
CA VAL A 128 -29.17 17.45 30.78
C VAL A 128 -27.67 17.77 30.89
N ALA A 129 -27.13 17.73 32.12
CA ALA A 129 -25.71 17.96 32.31
C ALA A 129 -24.87 16.90 31.63
N ILE A 130 -25.26 15.63 31.78
CA ILE A 130 -24.46 14.56 31.17
C ILE A 130 -24.56 14.62 29.65
N SER A 131 -25.73 14.99 29.11
CA SER A 131 -25.85 15.12 27.66
C SER A 131 -24.94 16.22 27.13
N THR A 132 -25.01 17.41 27.74
CA THR A 132 -24.17 18.50 27.26
C THR A 132 -22.69 18.22 27.48
N LEU A 133 -22.35 17.47 28.53
CA LEU A 133 -20.96 17.10 28.76
C LEU A 133 -20.46 16.15 27.68
N LEU A 134 -21.28 15.18 27.29
CA LEU A 134 -20.89 14.28 26.21
C LEU A 134 -20.68 15.05 24.92
N ASN A 135 -21.62 15.94 24.58
CA ASN A 135 -21.46 16.71 23.35
C ASN A 135 -20.21 17.57 23.39
N PHE A 136 -19.96 18.26 24.52
CA PHE A 136 -18.78 19.10 24.62
C PHE A 136 -17.50 18.29 24.50
N ILE A 137 -17.43 17.14 25.17
CA ILE A 137 -16.22 16.34 25.13
C ILE A 137 -15.93 15.87 23.71
N GLN A 138 -16.95 15.34 23.03
CA GLN A 138 -16.75 14.84 21.68
C GLN A 138 -16.30 15.96 20.75
N GLU A 139 -17.00 17.09 20.78
CA GLU A 139 -16.66 18.20 19.88
C GLU A 139 -15.27 18.74 20.18
N ALA A 140 -14.93 18.89 21.46
CA ALA A 140 -13.63 19.44 21.82
C ALA A 140 -12.50 18.53 21.38
N ARG A 141 -12.64 17.21 21.60
CA ARG A 141 -11.59 16.30 21.17
C ARG A 141 -11.44 16.33 19.65
N SER A 142 -12.55 16.33 18.92
CA SER A 142 -12.47 16.32 17.46
C SER A 142 -11.83 17.61 16.93
N THR A 143 -12.23 18.76 17.48
CA THR A 143 -11.67 20.02 16.99
C THR A 143 -10.24 20.24 17.45
N LYS A 144 -9.80 19.59 18.53
CA LYS A 144 -8.39 19.64 18.90
C LYS A 144 -7.56 18.76 17.97
N ALA A 145 -8.10 17.59 17.61
CA ALA A 145 -7.37 16.71 16.70
C ALA A 145 -7.31 17.29 15.29
N ALA A 146 -8.34 18.03 14.88
CA ALA A 146 -8.38 18.54 13.52
C ALA A 146 -7.41 19.71 13.29
N ASP A 147 -6.96 20.37 14.35
CA ASP A 147 -6.03 21.49 14.20
C ASP A 147 -4.57 21.07 14.24
N ALA A 148 -4.29 19.78 14.49
CA ALA A 148 -2.91 19.31 14.39
C ALA A 148 -2.47 19.14 12.95
N LEU A 149 -3.40 18.81 12.05
CA LEU A 149 -3.07 18.67 10.64
C LEU A 149 -2.81 20.02 9.98
N LYS A 150 -3.43 21.09 10.46
CA LYS A 150 -3.23 22.39 9.86
C LYS A 150 -1.82 22.92 10.08
N ALA A 151 -1.22 22.60 11.22
CA ALA A 151 0.13 23.07 11.54
C ALA A 151 1.22 22.11 11.07
N MET A 152 0.85 20.94 10.54
CA MET A 152 1.85 20.00 10.04
C MET A 152 2.37 20.37 8.66
N VAL A 153 1.68 21.26 7.94
CA VAL A 153 2.08 21.66 6.61
C VAL A 153 2.19 23.19 6.53
N SER A 154 2.50 23.82 7.66
CA SER A 154 2.62 25.26 7.70
C SER A 154 3.96 25.72 7.17
N ASN A 155 3.97 26.93 6.62
CA ASN A 155 5.20 27.49 6.06
C ASN A 155 6.20 27.82 7.16
N THR A 156 7.47 27.88 6.79
CA THR A 156 8.56 28.10 7.72
C THR A 156 9.42 29.26 7.28
N ALA A 157 10.06 29.90 8.25
CA ALA A 157 10.99 30.99 8.01
C ALA A 157 12.26 30.75 8.80
N THR A 158 13.37 31.26 8.27
CA THR A 158 14.69 31.06 8.87
C THR A 158 15.04 32.28 9.69
N VAL A 159 14.98 32.14 11.01
CA VAL A 159 15.36 33.19 11.94
C VAL A 159 16.73 32.83 12.53
N LEU A 160 17.43 33.85 13.03
CA LEU A 160 18.76 33.62 13.58
C LEU A 160 18.66 33.11 15.03
N ARG A 161 18.14 33.95 15.92
CA ARG A 161 17.87 33.58 17.32
C ARG A 161 19.08 32.99 18.04
N VAL A 162 18.84 32.38 19.20
CA VAL A 162 19.85 31.65 19.96
C VAL A 162 19.29 30.27 20.27
N ILE A 163 20.10 29.23 20.04
CA ILE A 163 19.62 27.85 20.08
C ILE A 163 20.18 27.07 21.26
N ASN A 164 21.50 26.91 21.34
CA ASN A 164 22.05 25.89 22.23
C ASN A 164 22.18 26.38 23.67
N ASP A 165 23.11 27.32 23.93
CA ASP A 165 23.28 27.86 25.26
C ASP A 165 23.12 29.38 25.31
N LYS A 166 23.92 30.11 24.53
CA LYS A 166 23.90 31.56 24.54
C LYS A 166 24.74 32.10 23.38
N GLY A 167 24.16 33.01 22.58
CA GLY A 167 24.89 33.58 21.47
C GLY A 167 25.35 32.57 20.44
N GLU A 168 24.69 31.42 20.37
CA GLU A 168 25.08 30.36 19.44
C GLU A 168 24.45 30.51 18.07
N ASN A 169 23.63 31.53 17.87
CA ASN A 169 22.96 31.80 16.59
C ASN A 169 22.11 30.57 16.25
N GLY A 170 22.32 29.92 15.11
CA GLY A 170 21.63 28.69 14.81
C GLY A 170 20.95 28.64 13.47
N TRP A 171 20.36 29.76 13.04
CA TRP A 171 19.62 29.85 11.79
C TRP A 171 18.52 28.78 11.73
N LEU A 172 17.81 28.61 12.84
CA LEU A 172 16.78 27.58 12.92
C LEU A 172 15.52 28.03 12.18
N GLU A 173 14.65 27.05 11.90
CA GLU A 173 13.40 27.28 11.19
C GLU A 173 12.24 27.23 12.17
N ILE A 174 11.34 28.21 12.07
CA ILE A 174 10.17 28.27 12.92
C ILE A 174 8.94 28.55 12.05
N PRO A 175 7.74 28.16 12.46
CA PRO A 175 6.54 28.53 11.71
C PRO A 175 6.37 30.04 11.65
N ILE A 176 5.75 30.51 10.56
CA ILE A 176 5.63 31.94 10.33
C ILE A 176 4.79 32.63 11.38
N ASP A 177 3.96 31.89 12.13
CA ASP A 177 3.14 32.52 13.16
C ASP A 177 3.95 32.88 14.39
N GLN A 178 5.01 32.14 14.68
CA GLN A 178 5.86 32.44 15.84
C GLN A 178 6.88 33.53 15.49
N LEU A 179 6.42 34.65 14.94
CA LEU A 179 7.30 35.73 14.54
C LEU A 179 7.00 36.97 15.39
N VAL A 180 8.04 37.72 15.71
CA VAL A 180 7.95 38.87 16.59
C VAL A 180 8.58 40.07 15.90
N PRO A 181 8.00 41.27 15.99
CA PRO A 181 8.63 42.43 15.35
C PRO A 181 10.01 42.70 15.92
N GLY A 182 10.90 43.19 15.06
CA GLY A 182 12.29 43.38 15.45
C GLY A 182 13.13 42.14 15.38
N ASP A 183 12.80 41.21 14.48
CA ASP A 183 13.54 39.97 14.31
C ASP A 183 14.09 39.91 12.89
N ILE A 184 15.29 39.34 12.76
CA ILE A 184 16.01 39.29 11.49
C ILE A 184 15.79 37.94 10.85
N ILE A 185 15.46 37.95 9.55
CA ILE A 185 15.29 36.73 8.77
C ILE A 185 16.08 36.86 7.47
N LYS A 186 16.33 35.72 6.85
CA LYS A 186 17.06 35.65 5.59
C LYS A 186 16.16 35.07 4.52
N LEU A 187 16.15 35.70 3.34
CA LEU A 187 15.31 35.29 2.23
C LEU A 187 16.16 34.63 1.16
N ALA A 188 15.63 33.57 0.56
CA ALA A 188 16.26 32.86 -0.54
C ALA A 188 15.31 32.80 -1.73
N ALA A 189 15.76 32.16 -2.81
CA ALA A 189 14.95 32.07 -4.01
C ALA A 189 13.73 31.18 -3.78
N GLY A 190 12.59 31.62 -4.29
CA GLY A 190 11.35 30.87 -4.14
C GLY A 190 10.90 30.77 -2.69
N ASP A 191 10.57 31.91 -2.09
CA ASP A 191 10.19 31.95 -0.68
C ASP A 191 9.19 33.07 -0.47
N MET A 192 8.08 32.74 0.19
CA MET A 192 7.09 33.75 0.55
C MET A 192 7.67 34.70 1.60
N ILE A 193 7.25 35.96 1.51
CA ILE A 193 7.67 36.98 2.46
C ILE A 193 6.71 36.93 3.65
N PRO A 194 7.17 36.56 4.85
CA PRO A 194 6.23 36.39 5.97
C PRO A 194 5.50 37.65 6.37
N ALA A 195 6.20 38.78 6.43
CA ALA A 195 5.60 40.03 6.88
C ALA A 195 6.44 41.18 6.33
N ASP A 196 6.03 42.41 6.66
CA ASP A 196 6.73 43.59 6.19
C ASP A 196 8.17 43.57 6.71
N LEU A 197 9.11 43.85 5.80
CA LEU A 197 10.54 43.67 6.07
C LEU A 197 11.29 44.96 5.75
N ARG A 198 12.59 44.94 6.04
CA ARG A 198 13.48 46.06 5.72
C ARG A 198 14.83 45.46 5.36
N ILE A 199 15.20 45.54 4.08
CA ILE A 199 16.41 44.88 3.60
C ILE A 199 17.63 45.59 4.15
N LEU A 200 18.58 44.82 4.69
CA LEU A 200 19.84 45.34 5.19
C LEU A 200 20.99 45.14 4.21
N GLN A 201 21.06 43.97 3.58
CA GLN A 201 22.04 43.71 2.53
C GLN A 201 21.36 42.97 1.39
N ALA A 202 21.88 43.14 0.18
CA ALA A 202 21.25 42.58 -1.00
C ALA A 202 22.31 41.96 -1.90
N ARG A 203 21.87 40.98 -2.68
CA ARG A 203 22.71 40.26 -3.64
C ARG A 203 21.96 40.12 -4.97
N ASP A 204 21.46 41.26 -5.47
CA ASP A 204 20.64 41.32 -6.67
C ASP A 204 19.33 40.55 -6.48
N LEU A 205 18.55 41.01 -5.50
CA LEU A 205 17.28 40.39 -5.18
C LEU A 205 16.19 40.89 -6.11
N PHE A 206 15.28 40.00 -6.48
CA PHE A 206 14.13 40.33 -7.31
C PHE A 206 12.88 39.72 -6.69
N VAL A 207 11.83 40.53 -6.56
CA VAL A 207 10.56 40.06 -6.02
C VAL A 207 9.47 40.31 -7.04
N ALA A 208 8.42 39.50 -6.99
CA ALA A 208 7.31 39.58 -7.93
C ALA A 208 6.16 40.31 -7.24
N GLN A 209 6.15 41.63 -7.38
CA GLN A 209 5.10 42.48 -6.80
C GLN A 209 3.90 42.57 -7.73
N ALA A 210 3.40 41.43 -8.19
CA ALA A 210 2.22 41.38 -9.04
C ALA A 210 0.95 41.10 -8.27
N SER A 211 1.06 40.50 -7.08
CA SER A 211 -0.12 40.21 -6.27
C SER A 211 -0.74 41.48 -5.67
N LEU A 212 -0.03 42.60 -5.72
CA LEU A 212 -0.52 43.85 -5.16
C LEU A 212 -0.74 44.95 -6.20
N THR A 213 0.07 45.00 -7.25
CA THR A 213 -0.01 46.07 -8.24
C THR A 213 -0.39 45.59 -9.63
N GLY A 214 0.09 44.42 -10.04
CA GLY A 214 -0.20 43.90 -11.37
C GLY A 214 0.84 44.20 -12.43
N GLU A 215 2.08 44.51 -12.05
CA GLU A 215 3.12 44.81 -13.02
C GLU A 215 3.71 43.56 -13.67
N SER A 216 3.34 42.37 -13.19
CA SER A 216 3.80 41.10 -13.76
C SER A 216 5.32 40.95 -13.66
N LEU A 217 6.06 41.84 -14.32
CA LEU A 217 7.51 41.74 -14.35
C LEU A 217 8.07 41.91 -12.94
N PRO A 218 9.13 41.17 -12.58
CA PRO A 218 9.72 41.33 -11.25
C PRO A 218 10.33 42.71 -11.07
N VAL A 219 10.36 43.16 -9.82
CA VAL A 219 10.88 44.47 -9.45
C VAL A 219 12.12 44.29 -8.59
N GLU A 220 13.19 44.98 -8.96
CA GLU A 220 14.47 44.85 -8.27
C GLU A 220 14.40 45.46 -6.88
N LYS A 221 15.07 44.82 -5.92
CA LYS A 221 15.12 45.28 -4.54
C LYS A 221 16.56 45.42 -4.10
N ALA A 222 16.85 46.50 -3.36
CA ALA A 222 18.20 46.80 -2.92
C ALA A 222 18.16 47.33 -1.49
N ALA A 223 19.30 47.26 -0.81
CA ALA A 223 19.38 47.68 0.57
C ALA A 223 19.29 49.20 0.70
N THR A 224 20.23 49.91 0.10
CA THR A 224 20.23 51.36 0.09
C THR A 224 19.49 51.85 -1.15
N THR A 225 18.62 52.83 -0.98
CA THR A 225 17.77 53.27 -2.08
C THR A 225 18.61 53.83 -3.23
N ARG A 226 18.21 53.49 -4.45
CA ARG A 226 18.85 54.01 -5.65
C ARG A 226 17.98 54.99 -6.43
N GLN A 227 16.67 54.92 -6.28
CA GLN A 227 15.78 55.88 -6.91
C GLN A 227 15.78 57.20 -6.15
N PRO A 228 15.58 58.33 -6.84
CA PRO A 228 15.63 59.61 -6.13
C PRO A 228 14.46 59.83 -5.19
N GLU A 229 13.24 59.53 -5.62
CA GLU A 229 12.04 59.76 -4.82
C GLU A 229 11.14 58.54 -4.88
N HIS A 230 10.54 58.19 -3.74
CA HIS A 230 9.64 57.05 -3.66
C HIS A 230 8.21 57.44 -4.04
N SER A 231 7.62 58.37 -3.29
CA SER A 231 6.31 58.93 -3.58
C SER A 231 5.18 57.91 -3.51
N ASN A 232 5.50 56.66 -3.16
CA ASN A 232 4.51 55.61 -3.00
C ASN A 232 4.98 54.65 -1.92
N PRO A 233 4.07 53.99 -1.22
CA PRO A 233 4.49 52.99 -0.23
C PRO A 233 4.81 51.63 -0.84
N LEU A 234 4.30 51.33 -2.02
CA LEU A 234 4.50 50.03 -2.66
C LEU A 234 5.67 50.02 -3.64
N GLU A 235 6.41 51.12 -3.75
CA GLU A 235 7.55 51.20 -4.65
C GLU A 235 8.75 51.83 -3.96
N CYS A 236 8.89 51.62 -2.66
CA CYS A 236 9.97 52.23 -1.90
C CYS A 236 11.34 51.65 -2.24
N ASP A 237 11.38 50.46 -2.85
CA ASP A 237 12.62 49.76 -3.18
C ASP A 237 13.47 49.48 -1.95
N THR A 238 12.87 49.49 -0.77
CA THR A 238 13.60 49.26 0.47
C THR A 238 12.89 48.31 1.43
N LEU A 239 11.59 48.08 1.28
CA LEU A 239 10.82 47.24 2.18
C LEU A 239 10.24 46.05 1.42
N CYS A 240 9.39 45.29 2.10
CA CYS A 240 8.76 44.11 1.52
C CYS A 240 7.35 43.99 2.08
N PHE A 241 6.53 43.20 1.39
CA PHE A 241 5.13 43.02 1.78
C PHE A 241 4.76 41.55 1.61
N MET A 242 3.93 41.06 2.52
CA MET A 242 3.52 39.66 2.49
C MET A 242 2.63 39.38 1.28
N GLY A 243 2.67 38.13 0.81
CA GLY A 243 1.95 37.73 -0.37
C GLY A 243 2.79 37.66 -1.62
N THR A 244 3.95 38.31 -1.63
CA THR A 244 4.86 38.28 -2.75
C THR A 244 5.90 37.17 -2.56
N THR A 245 6.62 36.87 -3.64
CA THR A 245 7.63 35.82 -3.63
C THR A 245 8.96 36.37 -4.14
N VAL A 246 10.03 35.70 -3.74
CA VAL A 246 11.38 36.07 -4.17
C VAL A 246 11.72 35.26 -5.41
N VAL A 247 11.98 35.94 -6.52
CA VAL A 247 12.23 35.27 -7.79
C VAL A 247 13.71 34.97 -7.99
N SER A 248 14.60 35.86 -7.55
CA SER A 248 16.02 35.66 -7.77
C SER A 248 16.81 36.36 -6.68
N GLY A 249 18.02 35.87 -6.43
CA GLY A 249 18.93 36.49 -5.49
C GLY A 249 18.66 36.08 -4.06
N THR A 250 19.55 36.53 -3.18
CA THR A 250 19.44 36.31 -1.74
C THR A 250 19.66 37.63 -1.02
N ALA A 251 19.01 37.76 0.14
CA ALA A 251 19.11 39.01 0.89
C ALA A 251 18.81 38.73 2.36
N GLN A 252 18.96 39.77 3.17
CA GLN A 252 18.68 39.72 4.59
C GLN A 252 17.83 40.92 4.97
N ALA A 253 16.98 40.74 5.99
CA ALA A 253 16.07 41.80 6.39
C ALA A 253 15.59 41.54 7.81
N MET A 254 14.95 42.56 8.39
CA MET A 254 14.36 42.47 9.71
C MET A 254 12.91 42.90 9.64
N VAL A 255 12.05 42.17 10.35
CA VAL A 255 10.62 42.47 10.33
C VAL A 255 10.35 43.78 11.06
N ILE A 256 9.34 44.51 10.59
CA ILE A 256 8.94 45.76 11.22
C ILE A 256 7.49 45.77 11.67
N ALA A 257 6.68 44.81 11.23
CA ALA A 257 5.28 44.73 11.65
C ALA A 257 4.80 43.30 11.47
N THR A 258 3.90 42.86 12.36
CA THR A 258 3.36 41.52 12.32
C THR A 258 1.87 41.58 12.61
N GLY A 259 1.18 40.47 12.32
CA GLY A 259 -0.24 40.38 12.62
C GLY A 259 -1.06 41.28 11.71
N ALA A 260 -2.12 41.85 12.28
CA ALA A 260 -3.04 42.69 11.53
C ALA A 260 -2.57 44.13 11.39
N ASN A 261 -1.42 44.48 11.98
CA ASN A 261 -0.88 45.82 11.88
C ASN A 261 -0.10 46.07 10.60
N THR A 262 0.03 45.06 9.74
CA THR A 262 0.80 45.17 8.52
C THR A 262 -0.08 45.59 7.35
N TRP A 263 0.53 45.67 6.18
CA TRP A 263 -0.23 45.83 4.94
C TRP A 263 -1.05 44.56 4.70
N PHE A 264 -1.96 44.63 3.73
CA PHE A 264 -2.83 43.53 3.32
C PHE A 264 -3.89 43.21 4.38
N GLY A 265 -3.81 43.82 5.56
CA GLY A 265 -4.81 43.60 6.58
C GLY A 265 -5.84 44.70 6.60
N GLN A 266 -5.71 45.63 7.56
CA GLN A 266 -6.59 46.79 7.59
C GLN A 266 -6.40 47.69 6.37
N LEU A 267 -5.22 47.67 5.75
CA LEU A 267 -5.02 48.43 4.53
C LEU A 267 -5.86 47.89 3.38
N ALA A 268 -5.85 46.57 3.19
CA ALA A 268 -6.64 45.93 2.14
C ALA A 268 -8.06 45.60 2.59
N GLY A 269 -8.39 45.82 3.86
CA GLY A 269 -9.73 45.54 4.34
C GLY A 269 -10.09 44.08 4.38
N ARG A 270 -9.10 43.20 4.51
CA ARG A 270 -9.39 41.77 4.57
C ARG A 270 -10.22 41.44 5.81
N VAL A 271 -9.86 42.02 6.96
CA VAL A 271 -10.63 41.79 8.17
C VAL A 271 -12.00 42.45 8.07
N SER A 272 -12.08 43.63 7.46
CA SER A 272 -13.33 44.34 7.34
C SER A 272 -14.24 43.64 6.33
N GLU A 273 -15.38 43.15 6.82
CA GLU A 273 -16.35 42.42 6.00
C GLU A 273 -15.69 41.26 5.29
N GLN A 274 -16.08 41.04 4.02
CA GLN A 274 -15.54 39.98 3.17
C GLN A 274 -15.74 38.59 3.78
N GLU A 275 -16.68 38.45 4.71
CA GLU A 275 -16.96 37.17 5.34
C GLU A 275 -18.36 36.65 5.09
N SER A 276 -19.24 37.45 4.47
CA SER A 276 -20.61 37.02 4.18
C SER A 276 -20.65 36.21 2.88
N GLU A 277 -19.99 35.06 2.91
CA GLU A 277 -19.93 34.16 1.76
C GLU A 277 -20.00 32.73 2.25
N PRO A 278 -21.16 32.10 2.17
CA PRO A 278 -21.27 30.67 2.52
C PRO A 278 -20.85 29.79 1.33
N ASN A 279 -19.95 28.86 1.59
CA ASN A 279 -19.37 28.02 0.54
C ASN A 279 -20.08 26.68 0.52
N ALA A 280 -21.30 26.68 -0.01
CA ALA A 280 -22.07 25.45 -0.25
C ALA A 280 -22.34 24.67 1.03
N PHE A 281 -21.27 24.21 1.68
CA PHE A 281 -21.40 23.45 2.92
C PHE A 281 -22.22 24.22 3.95
N GLN A 282 -21.86 25.49 4.17
CA GLN A 282 -22.58 26.33 5.12
C GLN A 282 -24.00 26.63 4.70
N GLN A 283 -24.35 26.40 3.44
CA GLN A 283 -25.74 26.51 3.00
C GLN A 283 -26.51 25.23 3.26
N GLY A 284 -25.90 24.08 2.96
CA GLY A 284 -26.58 22.82 3.21
C GLY A 284 -26.83 22.57 4.68
N ILE A 285 -25.85 22.88 5.53
CA ILE A 285 -26.04 22.70 6.97
C ILE A 285 -27.18 23.60 7.47
N SER A 286 -27.20 24.85 7.00
CA SER A 286 -28.27 25.76 7.41
C SER A 286 -29.64 25.26 6.96
N ARG A 287 -29.73 24.76 5.73
CA ARG A 287 -31.01 24.26 5.23
C ARG A 287 -31.48 23.04 6.02
N VAL A 288 -30.56 22.13 6.35
CA VAL A 288 -30.94 20.96 7.14
C VAL A 288 -31.43 21.39 8.52
N SER A 289 -30.71 22.32 9.16
CA SER A 289 -31.14 22.79 10.47
C SER A 289 -32.49 23.47 10.41
N MET A 290 -32.72 24.27 9.36
CA MET A 290 -34.02 24.92 9.20
C MET A 290 -35.14 23.90 9.03
N LEU A 291 -34.90 22.85 8.25
CA LEU A 291 -35.91 21.81 8.08
C LEU A 291 -36.23 21.15 9.42
N LEU A 292 -35.19 20.80 10.18
CA LEU A 292 -35.42 20.14 11.47
C LEU A 292 -36.19 21.04 12.43
N ILE A 293 -35.82 22.33 12.48
CA ILE A 293 -36.50 23.22 13.42
C ILE A 293 -37.93 23.47 12.97
N ARG A 294 -38.18 23.55 11.67
CA ARG A 294 -39.56 23.72 11.18
C ARG A 294 -40.42 22.53 11.60
N PHE A 295 -39.91 21.31 11.41
CA PHE A 295 -40.70 20.14 11.80
C PHE A 295 -40.90 20.07 13.31
N MET A 296 -39.88 20.46 14.10
CA MET A 296 -40.06 20.46 15.55
C MET A 296 -41.13 21.45 15.98
N LEU A 297 -41.10 22.66 15.41
CA LEU A 297 -42.09 23.67 15.77
C LEU A 297 -43.48 23.30 15.26
N VAL A 298 -43.57 22.52 14.19
CA VAL A 298 -44.88 22.02 13.76
C VAL A 298 -45.40 20.98 14.74
N MET A 299 -44.54 20.05 15.16
CA MET A 299 -45.01 18.90 15.92
C MET A 299 -45.30 19.23 17.38
N ALA A 300 -44.46 20.05 18.03
CA ALA A 300 -44.53 20.21 19.48
C ALA A 300 -45.86 20.77 19.99
N PRO A 301 -46.36 21.91 19.49
CA PRO A 301 -47.50 22.54 20.18
C PRO A 301 -48.79 21.75 20.08
N VAL A 302 -48.98 20.95 19.03
CA VAL A 302 -50.18 20.13 18.94
C VAL A 302 -50.20 19.10 20.06
N VAL A 303 -49.07 18.43 20.30
CA VAL A 303 -48.97 17.48 21.40
C VAL A 303 -49.15 18.20 22.73
N LEU A 304 -48.56 19.39 22.86
CA LEU A 304 -48.74 20.17 24.08
C LEU A 304 -50.22 20.43 24.35
N LEU A 305 -50.94 20.89 23.32
CA LEU A 305 -52.37 21.19 23.48
C LEU A 305 -53.16 19.94 23.81
N ILE A 306 -52.85 18.82 23.15
CA ILE A 306 -53.59 17.58 23.40
C ILE A 306 -53.42 17.14 24.84
N ASN A 307 -52.18 17.09 25.33
CA ASN A 307 -51.95 16.66 26.70
C ASN A 307 -52.39 17.68 27.73
N GLY A 308 -52.53 18.95 27.34
CA GLY A 308 -53.02 19.95 28.27
C GLY A 308 -54.53 20.02 28.31
N TYR A 309 -55.19 19.52 27.27
CA TYR A 309 -56.64 19.50 27.22
C TYR A 309 -57.22 18.21 27.77
N THR A 310 -56.54 17.07 27.56
CA THR A 310 -57.02 15.82 28.11
C THR A 310 -56.95 15.82 29.64
N LYS A 311 -55.78 16.18 30.18
CA LYS A 311 -55.58 16.29 31.61
C LYS A 311 -55.59 17.75 32.03
N GLY A 312 -55.27 18.01 33.30
CA GLY A 312 -55.30 19.36 33.82
C GLY A 312 -53.95 19.92 34.23
N ASP A 313 -52.90 19.11 34.13
CA ASP A 313 -51.55 19.53 34.51
C ASP A 313 -50.87 20.12 33.28
N TRP A 314 -51.04 21.44 33.10
CA TRP A 314 -50.50 22.10 31.92
C TRP A 314 -48.97 22.10 31.93
N TRP A 315 -48.36 22.32 33.09
CA TRP A 315 -46.89 22.31 33.17
C TRP A 315 -46.34 20.96 32.78
N GLU A 316 -46.95 19.88 33.28
CA GLU A 316 -46.50 18.54 32.93
C GLU A 316 -46.68 18.27 31.45
N ALA A 317 -47.79 18.73 30.87
CA ALA A 317 -48.02 18.53 29.44
C ALA A 317 -46.96 19.25 28.61
N ALA A 318 -46.65 20.49 28.97
CA ALA A 318 -45.61 21.22 28.24
C ALA A 318 -44.26 20.54 28.38
N LEU A 319 -43.92 20.08 29.58
CA LEU A 319 -42.64 19.42 29.78
C LEU A 319 -42.57 18.12 28.98
N PHE A 320 -43.67 17.38 28.94
CA PHE A 320 -43.71 16.15 28.15
C PHE A 320 -43.56 16.44 26.67
N ALA A 321 -44.21 17.50 26.17
CA ALA A 321 -44.07 17.86 24.77
C ALA A 321 -42.62 18.23 24.45
N LEU A 322 -41.99 19.02 25.32
CA LEU A 322 -40.60 19.40 25.10
C LEU A 322 -39.69 18.18 25.14
N SER A 323 -39.93 17.25 26.07
CA SER A 323 -39.11 16.05 26.16
C SER A 323 -39.26 15.18 24.92
N VAL A 324 -40.47 15.08 24.39
CA VAL A 324 -40.67 14.31 23.16
C VAL A 324 -39.98 14.99 21.98
N ALA A 325 -40.05 16.33 21.91
CA ALA A 325 -39.50 17.05 20.77
C ALA A 325 -38.00 17.27 20.85
N VAL A 326 -37.37 17.04 22.01
CA VAL A 326 -35.94 17.33 22.14
C VAL A 326 -35.09 16.43 21.25
N GLY A 327 -35.66 15.36 20.69
CA GLY A 327 -34.87 14.47 19.86
C GLY A 327 -34.53 15.04 18.49
N LEU A 328 -35.13 16.16 18.10
CA LEU A 328 -34.88 16.77 16.80
C LEU A 328 -34.16 18.11 16.92
N THR A 329 -33.40 18.32 18.00
CA THR A 329 -32.72 19.58 18.20
C THR A 329 -31.64 19.80 17.14
N PRO A 330 -31.50 21.02 16.62
CA PRO A 330 -30.39 21.29 15.70
C PRO A 330 -29.03 21.29 16.36
N GLU A 331 -28.98 21.29 17.70
CA GLU A 331 -27.71 21.38 18.41
C GLU A 331 -26.82 20.16 18.17
N MET A 332 -27.40 19.05 17.72
CA MET A 332 -26.61 17.85 17.48
C MET A 332 -25.79 17.92 16.21
N LEU A 333 -26.10 18.85 15.31
CA LEU A 333 -25.40 18.91 14.03
C LEU A 333 -23.90 19.17 14.16
N PRO A 334 -23.43 20.12 14.99
CA PRO A 334 -21.96 20.30 15.08
C PRO A 334 -21.21 19.05 15.49
N MET A 335 -21.78 18.26 16.42
CA MET A 335 -21.14 17.00 16.78
C MET A 335 -21.09 16.05 15.59
N ILE A 336 -22.23 15.92 14.88
CA ILE A 336 -22.30 15.01 13.74
C ILE A 336 -21.27 15.38 12.68
N VAL A 337 -21.07 16.68 12.46
CA VAL A 337 -20.15 17.12 11.42
C VAL A 337 -18.71 16.92 11.88
N THR A 338 -18.36 17.48 13.04
CA THR A 338 -16.96 17.51 13.45
C THR A 338 -16.44 16.11 13.78
N SER A 339 -17.18 15.36 14.60
CA SER A 339 -16.68 14.06 15.05
C SER A 339 -16.58 13.05 13.91
N THR A 340 -17.28 13.28 12.80
CA THR A 340 -17.18 12.40 11.65
C THR A 340 -16.16 12.87 10.64
N LEU A 341 -15.99 14.18 10.46
CA LEU A 341 -15.01 14.67 9.50
C LEU A 341 -13.59 14.57 10.04
N ALA A 342 -13.42 14.70 11.36
CA ALA A 342 -12.09 14.65 11.94
C ALA A 342 -11.47 13.25 11.78
N ARG A 343 -12.27 12.20 11.93
CA ARG A 343 -11.76 10.86 11.77
C ARG A 343 -11.33 10.60 10.33
N GLY A 344 -12.13 11.08 9.37
CA GLY A 344 -11.74 10.99 7.98
C GLY A 344 -10.47 11.75 7.69
N ALA A 345 -10.32 12.93 8.29
CA ALA A 345 -9.10 13.70 8.11
C ALA A 345 -7.88 12.96 8.66
N VAL A 346 -8.03 12.34 9.82
CA VAL A 346 -6.92 11.57 10.40
C VAL A 346 -6.57 10.37 9.51
N LYS A 347 -7.60 9.67 9.01
CA LYS A 347 -7.34 8.53 8.14
C LYS A 347 -6.64 8.96 6.86
N LEU A 348 -7.05 10.09 6.28
CA LEU A 348 -6.35 10.63 5.11
C LEU A 348 -4.91 11.00 5.45
N SER A 349 -4.69 11.62 6.60
CA SER A 349 -3.33 11.91 7.06
C SER A 349 -2.48 10.65 7.15
N LYS A 350 -3.10 9.52 7.50
CA LYS A 350 -2.37 8.25 7.52
C LYS A 350 -1.92 7.81 6.13
N GLN A 351 -2.52 8.36 5.06
CA GLN A 351 -2.17 8.00 3.70
C GLN A 351 -1.46 9.12 2.94
N LYS A 352 -0.90 10.11 3.64
CA LYS A 352 -0.14 11.20 3.03
C LYS A 352 -1.02 12.09 2.15
N VAL A 353 -2.25 12.33 2.59
CA VAL A 353 -3.21 13.14 1.85
C VAL A 353 -3.66 14.30 2.74
N ILE A 354 -2.72 14.84 3.53
CA ILE A 354 -2.98 15.84 4.56
C ILE A 354 -4.00 16.88 4.10
N VAL A 355 -5.04 17.08 4.91
CA VAL A 355 -6.14 18.00 4.59
C VAL A 355 -6.06 19.19 5.53
N LYS A 356 -6.11 20.40 4.97
CA LYS A 356 -5.92 21.60 5.77
C LYS A 356 -7.18 21.92 6.58
N HIS A 357 -8.30 22.19 5.91
CA HIS A 357 -9.56 22.47 6.60
C HIS A 357 -10.59 21.40 6.25
N LEU A 358 -11.47 21.13 7.21
CA LEU A 358 -12.31 19.94 7.15
C LEU A 358 -13.30 19.99 5.98
N ASP A 359 -13.68 21.18 5.55
CA ASP A 359 -14.68 21.30 4.49
C ASP A 359 -14.18 20.72 3.17
N ALA A 360 -12.86 20.62 2.99
CA ALA A 360 -12.31 20.17 1.72
C ALA A 360 -12.74 18.75 1.38
N ILE A 361 -13.11 17.95 2.38
CA ILE A 361 -13.52 16.57 2.13
C ILE A 361 -14.80 16.52 1.33
N GLN A 362 -15.71 17.49 1.56
CA GLN A 362 -16.97 17.49 0.83
C GLN A 362 -16.77 17.69 -0.66
N ASN A 363 -15.86 18.59 -1.05
CA ASN A 363 -15.58 18.84 -2.45
C ASN A 363 -14.56 17.87 -3.04
N PHE A 364 -13.80 17.16 -2.20
CA PHE A 364 -12.78 16.26 -2.71
C PHE A 364 -13.39 14.98 -3.26
N GLY A 365 -14.52 14.55 -2.71
CA GLY A 365 -15.21 13.37 -3.16
C GLY A 365 -16.39 13.62 -4.07
N ALA A 366 -16.63 14.87 -4.47
CA ALA A 366 -17.76 15.21 -5.32
C ALA A 366 -17.34 15.89 -6.61
N MET A 367 -16.07 15.75 -6.99
CA MET A 367 -15.56 16.38 -8.21
C MET A 367 -15.57 15.38 -9.35
N ASP A 368 -15.61 15.91 -10.57
CA ASP A 368 -15.66 15.06 -11.76
C ASP A 368 -14.73 15.55 -12.88
N ILE A 369 -13.95 16.60 -12.65
CA ILE A 369 -12.97 17.08 -13.61
C ILE A 369 -11.69 17.39 -12.86
N LEU A 370 -10.57 16.86 -13.34
CA LEU A 370 -9.26 17.11 -12.76
C LEU A 370 -8.39 17.78 -13.80
N CYS A 371 -7.91 18.99 -13.50
CA CYS A 371 -7.09 19.77 -14.42
C CYS A 371 -5.66 19.77 -13.87
N THR A 372 -4.80 18.98 -14.48
CA THR A 372 -3.41 18.83 -14.02
C THR A 372 -2.45 19.36 -15.08
N ASP A 373 -1.17 19.17 -14.81
CA ASP A 373 -0.09 19.56 -15.72
C ASP A 373 0.66 18.31 -16.17
N LYS A 374 1.77 18.51 -16.88
CA LYS A 374 2.50 17.41 -17.51
C LYS A 374 3.69 16.95 -16.68
N THR A 375 4.64 17.84 -16.40
CA THR A 375 5.88 17.46 -15.75
C THR A 375 5.61 17.11 -14.30
N GLY A 376 6.14 15.97 -13.85
CA GLY A 376 5.94 15.52 -12.49
C GLY A 376 4.73 14.64 -12.33
N THR A 377 3.60 15.05 -12.91
CA THR A 377 2.39 14.26 -12.84
C THR A 377 2.47 13.03 -13.72
N LEU A 378 3.00 13.18 -14.94
CA LEU A 378 3.11 12.08 -15.89
C LEU A 378 4.54 11.63 -16.13
N THR A 379 5.50 12.55 -16.12
CA THR A 379 6.89 12.22 -16.37
C THR A 379 7.69 12.19 -15.08
N GLN A 380 8.86 11.54 -15.13
CA GLN A 380 9.64 11.30 -13.91
C GLN A 380 10.33 12.56 -13.42
N ASP A 381 10.51 13.55 -14.30
CA ASP A 381 11.20 14.83 -14.08
C ASP A 381 12.72 14.63 -14.01
N LYS A 382 13.20 13.39 -14.03
CA LYS A 382 14.63 13.10 -14.06
C LYS A 382 14.98 12.59 -15.45
N ILE A 383 15.82 13.32 -16.17
CA ILE A 383 16.13 13.00 -17.55
C ILE A 383 17.26 11.99 -17.60
N VAL A 384 17.14 11.02 -18.50
CA VAL A 384 18.13 9.94 -18.62
C VAL A 384 18.97 10.05 -19.88
N LEU A 385 18.64 10.95 -20.79
CA LEU A 385 19.37 11.12 -22.04
C LEU A 385 19.48 12.61 -22.36
N GLU A 386 20.63 13.02 -22.87
CA GLU A 386 20.82 14.39 -23.32
C GLU A 386 21.98 14.44 -24.31
N ASN A 387 21.84 15.27 -25.34
CA ASN A 387 22.85 15.39 -26.39
C ASN A 387 23.15 16.86 -26.61
N HIS A 388 24.33 17.29 -26.16
CA HIS A 388 24.75 18.68 -26.33
C HIS A 388 25.43 18.84 -27.69
N THR A 389 24.61 18.70 -28.73
CA THR A 389 25.11 18.72 -30.10
C THR A 389 25.37 20.17 -30.54
N ASP A 390 25.67 20.34 -31.82
CA ASP A 390 26.01 21.64 -32.40
C ASP A 390 24.97 22.01 -33.45
N ILE A 391 25.23 23.10 -34.17
CA ILE A 391 24.31 23.54 -35.21
C ILE A 391 24.23 22.52 -36.34
N SER A 392 25.38 21.95 -36.74
CA SER A 392 25.41 20.99 -37.83
C SER A 392 24.89 19.62 -37.40
N GLY A 393 25.10 19.25 -36.13
CA GLY A 393 24.66 17.95 -35.67
C GLY A 393 25.79 17.12 -35.09
N LYS A 394 26.84 17.78 -34.62
CA LYS A 394 28.01 17.12 -34.06
C LYS A 394 28.16 17.49 -32.59
N THR A 395 28.77 16.61 -31.82
CA THR A 395 29.07 16.92 -30.43
C THR A 395 30.08 18.07 -30.38
N SER A 396 29.79 19.08 -29.57
CA SER A 396 30.53 20.33 -29.61
C SER A 396 31.53 20.49 -28.49
N GLU A 397 31.16 20.13 -27.25
CA GLU A 397 31.99 20.34 -26.07
C GLU A 397 32.24 21.82 -25.81
N ARG A 398 31.61 22.68 -26.60
CA ARG A 398 31.59 24.13 -26.38
C ARG A 398 30.23 24.63 -25.95
N VAL A 399 29.16 24.05 -26.50
CA VAL A 399 27.81 24.37 -26.03
C VAL A 399 27.64 23.94 -24.59
N LEU A 400 28.20 22.78 -24.22
CA LEU A 400 28.08 22.30 -22.86
C LEU A 400 28.77 23.24 -21.87
N HIS A 401 29.97 23.73 -22.22
CA HIS A 401 30.67 24.64 -21.33
C HIS A 401 30.02 26.02 -21.30
N SER A 402 29.45 26.47 -22.43
CA SER A 402 28.73 27.73 -22.46
C SER A 402 27.37 27.64 -21.79
N ALA A 403 26.88 26.44 -21.52
CA ALA A 403 25.65 26.26 -20.75
C ALA A 403 25.92 25.94 -19.29
N TRP A 404 27.13 25.49 -18.96
CA TRP A 404 27.49 25.27 -17.57
C TRP A 404 27.60 26.59 -16.81
N LEU A 405 28.16 27.62 -17.45
CA LEU A 405 28.29 28.92 -16.79
C LEU A 405 26.92 29.51 -16.49
N ASN A 406 25.97 29.39 -17.41
CA ASN A 406 24.64 29.93 -17.20
C ASN A 406 23.87 29.15 -16.14
N SER A 407 24.28 27.91 -15.85
CA SER A 407 23.63 27.10 -14.84
C SER A 407 24.44 27.00 -13.55
N HIS A 408 25.52 27.77 -13.42
CA HIS A 408 26.30 27.82 -12.21
C HIS A 408 26.35 29.20 -11.56
N TYR A 409 26.07 30.27 -12.32
CA TYR A 409 26.06 31.63 -11.80
C TYR A 409 24.67 32.23 -11.82
N GLN A 410 23.65 31.40 -11.60
CA GLN A 410 22.28 31.86 -11.56
C GLN A 410 21.65 31.42 -10.24
N THR A 411 20.78 32.29 -9.70
CA THR A 411 20.17 32.08 -8.39
C THR A 411 18.68 31.80 -8.49
N GLY A 412 18.16 31.53 -9.67
CA GLY A 412 16.76 31.19 -9.84
C GLY A 412 16.47 29.77 -9.40
N LEU A 413 15.21 29.38 -9.56
CA LEU A 413 14.81 28.02 -9.23
C LEU A 413 15.48 27.03 -10.17
N LYS A 414 15.99 25.95 -9.61
CA LYS A 414 16.65 24.93 -10.41
C LYS A 414 15.61 24.10 -11.17
N ASN A 415 16.01 23.66 -12.36
CA ASN A 415 15.15 22.91 -13.26
C ASN A 415 15.64 21.47 -13.37
N LEU A 416 15.01 20.71 -14.27
CA LEU A 416 15.49 19.39 -14.61
C LEU A 416 16.64 19.41 -15.60
N LEU A 417 16.98 20.59 -16.12
CA LEU A 417 18.12 20.75 -17.01
C LEU A 417 19.37 21.20 -16.28
N ASP A 418 19.24 22.08 -15.29
CA ASP A 418 20.39 22.61 -14.60
C ASP A 418 21.13 21.52 -13.83
N THR A 419 20.40 20.63 -13.17
CA THR A 419 21.04 19.54 -12.45
C THR A 419 21.80 18.61 -13.40
N ALA A 420 21.19 18.29 -14.54
CA ALA A 420 21.85 17.44 -15.52
C ALA A 420 23.11 18.09 -16.07
N VAL A 421 23.05 19.39 -16.35
CA VAL A 421 24.24 20.08 -16.86
C VAL A 421 25.33 20.12 -15.80
N LEU A 422 24.95 20.35 -14.54
CA LEU A 422 25.93 20.38 -13.47
C LEU A 422 26.56 19.01 -13.24
N GLU A 423 25.80 17.93 -13.45
CA GLU A 423 26.31 16.58 -13.28
C GLU A 423 26.89 15.99 -14.56
N GLY A 424 26.86 16.73 -15.67
CA GLY A 424 27.35 16.20 -16.93
C GLY A 424 28.83 16.41 -17.16
N THR A 425 29.31 17.63 -16.97
CA THR A 425 30.72 17.92 -17.16
C THR A 425 31.57 17.22 -16.11
N ASP A 426 32.79 16.84 -16.51
CA ASP A 426 33.70 16.19 -15.59
C ASP A 426 34.25 17.19 -14.57
N GLU A 427 34.85 16.65 -13.51
CA GLU A 427 35.26 17.48 -12.38
C GLU A 427 36.36 18.48 -12.78
N GLU A 428 37.31 18.03 -13.60
CA GLU A 428 38.46 18.88 -13.92
C GLU A 428 38.03 20.13 -14.68
N SER A 429 37.20 19.96 -15.71
CA SER A 429 36.74 21.12 -16.47
C SER A 429 35.87 22.04 -15.62
N ALA A 430 35.05 21.47 -14.74
CA ALA A 430 34.24 22.29 -13.85
C ALA A 430 35.12 23.14 -12.94
N ARG A 431 36.16 22.53 -12.36
CA ARG A 431 37.06 23.28 -11.49
C ARG A 431 37.80 24.37 -12.26
N SER A 432 38.27 24.04 -13.47
CA SER A 432 38.99 25.02 -14.27
C SER A 432 38.09 26.20 -14.63
N LEU A 433 36.86 25.93 -15.05
CA LEU A 433 35.94 27.00 -15.41
C LEU A 433 35.57 27.84 -14.18
N ALA A 434 35.40 27.20 -13.03
CA ALA A 434 35.12 27.95 -11.80
C ALA A 434 36.29 28.86 -11.45
N SER A 435 37.51 28.38 -11.61
CA SER A 435 38.68 29.19 -11.31
C SER A 435 38.96 30.25 -12.36
N ARG A 436 38.38 30.14 -13.55
CA ARG A 436 38.70 31.05 -14.65
C ARG A 436 37.77 32.24 -14.74
N TRP A 437 36.54 32.16 -14.22
CA TRP A 437 35.55 33.20 -14.41
C TRP A 437 35.04 33.73 -13.08
N GLN A 438 34.50 34.95 -13.11
CA GLN A 438 33.88 35.59 -11.97
C GLN A 438 32.56 36.22 -12.38
N LYS A 439 31.54 36.03 -11.54
CA LYS A 439 30.22 36.56 -11.83
C LYS A 439 30.21 38.08 -11.75
N ILE A 440 29.36 38.71 -12.58
CA ILE A 440 29.27 40.16 -12.62
C ILE A 440 27.83 40.61 -12.38
N ASP A 441 26.90 40.13 -13.20
CA ASP A 441 25.51 40.55 -13.10
C ASP A 441 24.62 39.37 -13.48
N GLU A 442 23.31 39.66 -13.59
CA GLU A 442 22.33 38.61 -13.90
C GLU A 442 21.02 39.26 -14.31
N ILE A 443 20.44 38.76 -15.40
CA ILE A 443 19.10 39.15 -15.84
C ILE A 443 18.17 37.99 -15.54
N PRO A 444 17.20 38.14 -14.64
CA PRO A 444 16.40 37.00 -14.19
C PRO A 444 15.33 36.63 -15.22
N PHE A 445 14.74 35.46 -15.04
CA PHE A 445 13.70 34.97 -15.92
C PHE A 445 12.39 35.69 -15.65
N ASP A 446 11.64 35.97 -16.72
CA ASP A 446 10.30 36.52 -16.61
C ASP A 446 9.51 36.11 -17.83
N PHE A 447 8.21 35.90 -17.64
CA PHE A 447 7.36 35.44 -18.72
C PHE A 447 7.23 36.53 -19.79
N GLU A 448 6.61 36.14 -20.90
CA GLU A 448 6.49 36.92 -22.14
C GLU A 448 7.85 37.11 -22.82
N ARG A 449 8.93 36.61 -22.25
CA ARG A 449 10.24 36.58 -22.88
C ARG A 449 10.83 35.18 -22.95
N ARG A 450 10.62 34.37 -21.91
CA ARG A 450 11.07 32.98 -21.88
C ARG A 450 12.56 32.87 -22.19
N ARG A 451 13.36 33.51 -21.34
CA ARG A 451 14.79 33.63 -21.56
C ARG A 451 15.49 34.13 -20.31
N MET A 452 16.61 33.51 -19.95
CA MET A 452 17.38 33.89 -18.78
C MET A 452 18.85 34.03 -19.16
N SER A 453 19.47 35.11 -18.71
CA SER A 453 20.84 35.42 -19.08
C SER A 453 21.64 35.78 -17.84
N VAL A 454 22.95 35.58 -17.93
CA VAL A 454 23.89 35.93 -16.88
C VAL A 454 25.14 36.51 -17.53
N VAL A 455 25.70 37.54 -16.91
CA VAL A 455 26.87 38.23 -17.44
C VAL A 455 28.08 37.82 -16.61
N VAL A 456 29.09 37.27 -17.28
CA VAL A 456 30.29 36.77 -16.62
C VAL A 456 31.51 37.37 -17.30
N ALA A 457 32.61 37.45 -16.55
CA ALA A 457 33.85 38.03 -17.04
C ALA A 457 35.02 37.16 -16.61
N GLU A 458 36.07 37.17 -17.44
CA GLU A 458 37.31 36.46 -17.16
C GLU A 458 38.39 37.38 -16.62
N ASN A 459 38.72 38.44 -17.36
CA ASN A 459 39.65 39.47 -16.93
C ASN A 459 38.97 40.83 -17.09
N THR A 460 39.68 41.88 -16.69
CA THR A 460 39.10 43.23 -16.75
C THR A 460 39.27 43.79 -18.17
N GLU A 461 38.85 43.03 -19.17
CA GLU A 461 38.89 43.48 -20.55
C GLU A 461 37.51 43.48 -21.21
N HIS A 462 36.75 42.40 -21.09
CA HIS A 462 35.47 42.27 -21.76
C HIS A 462 34.52 41.49 -20.85
N HIS A 463 33.32 41.19 -21.36
CA HIS A 463 32.31 40.47 -20.63
C HIS A 463 31.55 39.57 -21.59
N GLN A 464 30.93 38.53 -21.04
CA GLN A 464 30.17 37.56 -21.82
C GLN A 464 28.70 37.60 -21.40
N LEU A 465 27.83 37.15 -22.31
CA LEU A 465 26.39 37.25 -22.15
C LEU A 465 25.73 35.92 -22.53
N VAL A 466 26.22 34.82 -21.96
CA VAL A 466 25.65 33.50 -22.26
C VAL A 466 24.16 33.50 -21.94
N CYS A 467 23.40 32.74 -22.72
CA CYS A 467 21.94 32.79 -22.65
C CYS A 467 21.33 31.47 -23.07
N LYS A 468 20.18 31.15 -22.49
CA LYS A 468 19.41 29.95 -22.82
C LYS A 468 17.95 30.32 -23.03
N GLY A 469 17.11 29.30 -23.14
CA GLY A 469 15.67 29.48 -23.27
C GLY A 469 15.13 28.62 -24.39
N ALA A 470 13.84 28.81 -24.69
CA ALA A 470 13.19 28.07 -25.74
C ALA A 470 13.78 28.43 -27.11
N LEU A 471 13.71 27.48 -28.03
CA LEU A 471 14.41 27.63 -29.31
C LEU A 471 13.93 28.85 -30.08
N GLN A 472 12.61 29.05 -30.14
CA GLN A 472 12.08 30.18 -30.90
C GLN A 472 12.46 31.52 -30.28
N GLU A 473 12.66 31.56 -28.97
CA GLU A 473 12.91 32.82 -28.27
C GLU A 473 14.36 33.26 -28.34
N ILE A 474 15.29 32.40 -28.75
CA ILE A 474 16.64 32.81 -29.08
C ILE A 474 16.83 32.92 -30.59
N LEU A 475 16.20 32.03 -31.35
CA LEU A 475 16.25 32.14 -32.80
C LEU A 475 15.63 33.44 -33.30
N ASN A 476 14.80 34.09 -32.48
CA ASN A 476 14.17 35.35 -32.85
C ASN A 476 15.04 36.57 -32.56
N VAL A 477 16.20 36.38 -31.92
CA VAL A 477 17.03 37.51 -31.51
C VAL A 477 18.44 37.36 -32.08
N CYS A 478 18.86 36.12 -32.32
CA CYS A 478 20.21 35.86 -32.77
C CYS A 478 20.44 36.42 -34.18
N SER A 479 21.71 36.65 -34.50
CA SER A 479 22.09 37.20 -35.80
C SER A 479 23.22 36.45 -36.50
N GLN A 480 24.02 35.67 -35.78
CA GLN A 480 25.11 34.91 -36.39
C GLN A 480 25.10 33.50 -35.82
N VAL A 481 25.74 32.59 -36.56
CA VAL A 481 25.88 31.19 -36.17
C VAL A 481 27.35 30.80 -36.24
N ARG A 482 27.86 30.22 -35.16
CA ARG A 482 29.23 29.72 -35.14
C ARG A 482 29.24 28.36 -35.84
N HIS A 483 29.49 28.38 -37.13
CA HIS A 483 29.44 27.20 -37.97
C HIS A 483 30.84 26.85 -38.48
N ASN A 484 31.19 25.57 -38.38
CA ASN A 484 32.50 25.07 -38.81
C ASN A 484 33.64 25.81 -38.12
N GLY A 485 33.46 26.13 -36.84
CA GLY A 485 34.49 26.82 -36.08
C GLY A 485 34.79 28.22 -36.56
N GLU A 486 33.79 28.93 -37.08
CA GLU A 486 33.96 30.31 -37.51
C GLU A 486 32.60 31.00 -37.54
N ILE A 487 32.60 32.30 -37.29
CA ILE A 487 31.36 33.05 -37.20
C ILE A 487 30.87 33.38 -38.60
N VAL A 488 29.62 33.03 -38.88
CA VAL A 488 29.02 33.24 -40.21
C VAL A 488 27.66 33.89 -40.02
N PRO A 489 27.30 34.88 -40.84
CA PRO A 489 25.96 35.49 -40.71
C PRO A 489 24.85 34.49 -40.93
N LEU A 490 23.76 34.67 -40.20
CA LEU A 490 22.60 33.79 -40.26
C LEU A 490 21.68 34.25 -41.39
N ASP A 491 21.59 33.45 -42.45
CA ASP A 491 20.70 33.75 -43.56
C ASP A 491 19.36 33.04 -43.36
N ASP A 492 18.53 33.01 -44.41
CA ASP A 492 17.16 32.52 -44.28
C ASP A 492 17.04 31.01 -44.40
N ILE A 493 17.85 30.37 -45.22
CA ILE A 493 17.73 28.91 -45.39
C ILE A 493 18.13 28.19 -44.11
N MET A 494 19.14 28.71 -43.41
CA MET A 494 19.53 28.13 -42.12
C MET A 494 18.40 28.24 -41.10
N LEU A 495 17.50 29.22 -41.26
CA LEU A 495 16.34 29.31 -40.39
C LEU A 495 15.27 28.28 -40.74
N ARG A 496 15.17 27.89 -42.00
CA ARG A 496 14.24 26.84 -42.39
C ARG A 496 14.82 25.45 -42.20
N LYS A 497 16.13 25.33 -41.96
CA LYS A 497 16.74 24.03 -41.67
C LYS A 497 16.62 23.66 -40.19
N ILE A 498 16.86 24.62 -39.29
CA ILE A 498 16.74 24.34 -37.87
C ILE A 498 15.31 24.00 -37.50
N LYS A 499 14.35 24.76 -38.04
CA LYS A 499 12.95 24.52 -37.71
C LYS A 499 12.45 23.18 -38.23
N ARG A 500 13.19 22.54 -39.13
CA ARG A 500 12.86 21.19 -39.56
C ARG A 500 13.59 20.15 -38.73
N VAL A 501 14.89 20.36 -38.50
CA VAL A 501 15.69 19.38 -37.75
C VAL A 501 15.16 19.26 -36.32
N THR A 502 14.92 20.39 -35.66
CA THR A 502 14.44 20.34 -34.28
C THR A 502 12.98 19.91 -34.19
N ASP A 503 12.18 20.15 -35.23
CA ASP A 503 10.83 19.61 -35.24
C ASP A 503 10.86 18.09 -35.40
N THR A 504 11.81 17.58 -36.16
CA THR A 504 12.04 16.13 -36.20
C THR A 504 12.54 15.61 -34.86
N LEU A 505 13.32 16.43 -34.14
CA LEU A 505 13.73 16.06 -32.78
C LEU A 505 12.53 16.00 -31.84
N ASN A 506 11.47 16.75 -32.14
CA ASN A 506 10.22 16.60 -31.43
C ASN A 506 9.48 15.39 -31.99
N ARG A 507 8.21 15.23 -31.64
CA ARG A 507 7.39 14.08 -32.02
C ARG A 507 7.99 12.78 -31.46
N GLN A 508 9.03 12.91 -30.65
CA GLN A 508 9.66 11.77 -30.00
C GLN A 508 9.76 11.94 -28.49
N GLY A 509 9.30 13.06 -27.95
CA GLY A 509 9.41 13.34 -26.54
C GLY A 509 10.64 14.12 -26.14
N LEU A 510 11.48 14.52 -27.08
CA LEU A 510 12.69 15.27 -26.79
C LEU A 510 12.37 16.76 -26.77
N ARG A 511 12.85 17.46 -25.74
CA ARG A 511 12.75 18.90 -25.66
C ARG A 511 14.06 19.54 -26.08
N VAL A 512 13.96 20.71 -26.72
CA VAL A 512 15.12 21.39 -27.29
C VAL A 512 15.29 22.72 -26.58
N VAL A 513 16.52 22.98 -26.12
CA VAL A 513 16.89 24.23 -25.47
C VAL A 513 18.14 24.77 -26.14
N ALA A 514 18.08 26.01 -26.61
CA ALA A 514 19.17 26.62 -27.36
C ALA A 514 20.07 27.42 -26.43
N VAL A 515 21.27 27.74 -26.94
CA VAL A 515 22.27 28.50 -26.20
C VAL A 515 22.86 29.55 -27.12
N ALA A 516 23.01 30.78 -26.62
CA ALA A 516 23.61 31.86 -27.38
C ALA A 516 24.51 32.69 -26.46
N THR A 517 25.52 33.30 -27.05
CA THR A 517 26.49 34.10 -26.32
C THR A 517 26.80 35.38 -27.10
N LYS A 518 27.56 36.26 -26.45
CA LYS A 518 27.94 37.54 -27.05
C LYS A 518 29.08 38.20 -26.29
N TYR A 519 30.08 38.68 -27.02
CA TYR A 519 31.19 39.43 -26.41
C TYR A 519 30.77 40.88 -26.26
N LEU A 520 31.01 41.44 -25.07
CA LEU A 520 30.62 42.79 -24.76
C LEU A 520 31.75 43.50 -24.03
N PRO A 521 32.00 44.78 -24.35
CA PRO A 521 33.17 45.47 -23.78
C PRO A 521 33.04 45.71 -22.28
N ALA A 522 34.05 46.35 -21.70
CA ALA A 522 34.06 46.61 -20.26
C ALA A 522 33.05 47.71 -19.94
N ARG A 523 32.02 47.36 -19.18
CA ARG A 523 30.97 48.29 -18.79
C ARG A 523 31.01 48.51 -17.29
N GLU A 524 30.24 49.50 -16.83
CA GLU A 524 30.15 49.83 -15.41
C GLU A 524 28.73 49.95 -14.89
N GLY A 525 27.73 50.03 -15.76
CA GLY A 525 26.35 50.16 -15.34
C GLY A 525 25.68 48.83 -15.09
N ASP A 526 24.35 48.85 -15.13
CA ASP A 526 23.54 47.66 -14.90
C ASP A 526 22.81 47.28 -16.18
N TYR A 527 22.82 46.00 -16.51
CA TYR A 527 22.18 45.52 -17.73
C TYR A 527 20.67 45.49 -17.56
N GLN A 528 19.98 45.19 -18.66
CA GLN A 528 18.53 45.15 -18.68
C GLN A 528 18.07 44.20 -19.78
N ARG A 529 16.76 44.14 -20.00
CA ARG A 529 16.20 43.21 -20.98
C ARG A 529 16.68 43.53 -22.39
N ALA A 530 16.74 44.81 -22.74
CA ALA A 530 17.05 45.21 -24.11
C ALA A 530 18.50 44.95 -24.50
N ASP A 531 19.36 44.60 -23.55
CA ASP A 531 20.76 44.34 -23.88
C ASP A 531 20.91 43.07 -24.71
N GLU A 532 19.97 42.14 -24.59
CA GLU A 532 20.02 40.87 -25.33
C GLU A 532 19.65 41.14 -26.78
N SER A 533 20.63 41.53 -27.57
CA SER A 533 20.41 41.80 -28.98
C SER A 533 21.66 41.43 -29.78
N ASP A 534 21.44 40.79 -30.93
CA ASP A 534 22.50 40.43 -31.86
C ASP A 534 23.55 39.53 -31.19
N LEU A 535 23.10 38.35 -30.77
CA LEU A 535 23.98 37.32 -30.24
C LEU A 535 24.34 36.32 -31.32
N ILE A 536 25.28 35.44 -31.00
CA ILE A 536 25.73 34.39 -31.92
C ILE A 536 25.21 33.06 -31.41
N LEU A 537 24.42 32.38 -32.24
CA LEU A 537 23.88 31.08 -31.87
C LEU A 537 24.98 30.03 -31.91
N GLU A 538 24.95 29.10 -30.96
CA GLU A 538 25.96 28.06 -30.84
C GLU A 538 25.38 26.67 -31.09
N GLY A 539 24.32 26.30 -30.39
CA GLY A 539 23.74 24.98 -30.57
C GLY A 539 22.56 24.81 -29.64
N TYR A 540 22.06 23.57 -29.58
CA TYR A 540 20.93 23.25 -28.72
C TYR A 540 21.26 22.00 -27.91
N ILE A 541 20.37 21.68 -26.99
CA ILE A 541 20.52 20.53 -26.09
C ILE A 541 19.18 19.79 -26.08
N ALA A 542 19.18 18.56 -26.59
CA ALA A 542 17.97 17.75 -26.64
C ALA A 542 18.03 16.67 -25.56
N PHE A 543 16.99 16.59 -24.74
CA PHE A 543 16.98 15.67 -23.61
C PHE A 543 15.60 15.04 -23.48
N LEU A 544 15.56 13.88 -22.82
CA LEU A 544 14.36 13.09 -22.66
C LEU A 544 14.11 12.78 -21.20
N ASP A 545 12.88 13.03 -20.74
CA ASP A 545 12.44 12.60 -19.42
C ASP A 545 11.34 11.57 -19.60
N PRO A 546 11.52 10.34 -19.12
CA PRO A 546 10.61 9.26 -19.47
C PRO A 546 9.33 9.31 -18.64
N PRO A 547 8.25 8.70 -19.12
CA PRO A 547 7.01 8.66 -18.34
C PRO A 547 7.18 7.84 -17.07
N LYS A 548 6.39 8.20 -16.06
CA LYS A 548 6.41 7.48 -14.79
C LYS A 548 5.70 6.15 -14.95
N GLU A 549 6.23 5.13 -14.26
CA GLU A 549 5.71 3.78 -14.41
C GLU A 549 4.26 3.68 -13.93
N THR A 550 3.96 4.29 -12.78
CA THR A 550 2.63 4.23 -12.20
C THR A 550 1.77 5.39 -12.69
N THR A 551 1.54 5.41 -14.01
CA THR A 551 0.72 6.44 -14.63
C THR A 551 -0.52 5.86 -15.31
N ALA A 552 -0.35 4.82 -16.14
CA ALA A 552 -1.51 4.24 -16.82
C ALA A 552 -2.53 3.63 -15.86
N PRO A 553 -2.14 2.80 -14.87
CA PRO A 553 -3.16 2.29 -13.94
C PRO A 553 -3.89 3.39 -13.19
N ALA A 554 -3.20 4.46 -12.82
CA ALA A 554 -3.86 5.57 -12.14
C ALA A 554 -4.92 6.21 -13.04
N LEU A 555 -4.61 6.40 -14.32
CA LEU A 555 -5.57 6.97 -15.24
C LEU A 555 -6.75 6.03 -15.46
N LYS A 556 -6.50 4.73 -15.54
CA LYS A 556 -7.60 3.77 -15.67
C LYS A 556 -8.52 3.82 -14.46
N ALA A 557 -7.94 3.86 -13.26
CA ALA A 557 -8.75 3.93 -12.04
C ALA A 557 -9.55 5.23 -11.99
N LEU A 558 -8.92 6.35 -12.38
CA LEU A 558 -9.63 7.63 -12.36
C LEU A 558 -10.78 7.64 -13.36
N LYS A 559 -10.57 7.06 -14.54
CA LYS A 559 -11.66 6.95 -15.50
C LYS A 559 -12.78 6.05 -14.98
N ALA A 560 -12.40 4.96 -14.30
CA ALA A 560 -13.41 4.08 -13.72
C ALA A 560 -14.25 4.78 -12.66
N SER A 561 -13.60 5.59 -11.81
CA SER A 561 -14.31 6.28 -10.75
C SER A 561 -15.16 7.44 -11.24
N GLY A 562 -15.04 7.83 -12.51
CA GLY A 562 -15.84 8.89 -13.07
C GLY A 562 -15.13 10.22 -13.25
N ILE A 563 -13.93 10.37 -12.69
CA ILE A 563 -13.18 11.61 -12.82
C ILE A 563 -12.59 11.69 -14.22
N THR A 564 -12.75 12.84 -14.86
CA THR A 564 -12.21 13.10 -16.19
C THR A 564 -10.97 13.98 -16.06
N VAL A 565 -9.89 13.58 -16.71
CA VAL A 565 -8.60 14.25 -16.59
C VAL A 565 -8.38 15.12 -17.82
N LYS A 566 -8.03 16.38 -17.59
CA LYS A 566 -7.71 17.33 -18.65
C LYS A 566 -6.33 17.90 -18.40
N ILE A 567 -5.56 18.06 -19.47
CA ILE A 567 -4.17 18.52 -19.39
C ILE A 567 -4.13 19.98 -19.80
N LEU A 568 -3.60 20.83 -18.91
CA LEU A 568 -3.38 22.24 -19.18
C LEU A 568 -1.88 22.49 -19.04
N THR A 569 -1.14 22.31 -20.13
CA THR A 569 0.31 22.46 -20.11
C THR A 569 0.71 23.80 -20.71
N GLY A 570 2.00 24.12 -20.55
CA GLY A 570 2.55 25.35 -21.09
C GLY A 570 3.78 25.10 -21.93
N ASP A 571 3.91 23.87 -22.42
CA ASP A 571 5.04 23.45 -23.24
C ASP A 571 4.62 23.46 -24.70
N SER A 572 5.48 22.92 -25.57
CA SER A 572 5.19 22.87 -26.99
C SER A 572 4.01 21.94 -27.26
N GLU A 573 3.46 22.05 -28.47
CA GLU A 573 2.31 21.24 -28.85
C GLU A 573 2.70 19.94 -29.54
N LEU A 574 3.86 19.89 -30.20
CA LEU A 574 4.32 18.63 -30.78
C LEU A 574 4.71 17.65 -29.69
N VAL A 575 5.50 18.10 -28.72
CA VAL A 575 5.71 17.35 -27.49
C VAL A 575 4.47 17.59 -26.64
N ALA A 576 4.31 16.82 -25.57
CA ALA A 576 3.13 16.78 -24.70
C ALA A 576 1.93 16.17 -25.39
N ALA A 577 2.03 15.84 -26.67
CA ALA A 577 1.07 14.96 -27.34
C ALA A 577 1.59 13.55 -27.53
N LYS A 578 2.91 13.41 -27.74
CA LYS A 578 3.53 12.09 -27.71
C LYS A 578 3.52 11.52 -26.29
N VAL A 579 3.78 12.38 -25.29
CA VAL A 579 3.77 11.92 -23.91
C VAL A 579 2.37 11.44 -23.52
N CYS A 580 1.34 12.21 -23.89
CA CYS A 580 -0.03 11.78 -23.61
C CYS A 580 -0.41 10.52 -24.36
N HIS A 581 0.31 10.18 -25.43
CA HIS A 581 0.04 8.97 -26.19
C HIS A 581 0.81 7.76 -25.65
N GLU A 582 1.95 7.99 -25.01
CA GLU A 582 2.72 6.88 -24.45
C GLU A 582 2.04 6.29 -23.22
N VAL A 583 1.26 7.10 -22.49
CA VAL A 583 0.59 6.62 -21.28
C VAL A 583 -0.84 6.16 -21.54
N GLY A 584 -1.29 6.16 -22.80
CA GLY A 584 -2.59 5.65 -23.15
C GLY A 584 -3.71 6.68 -23.17
N LEU A 585 -3.46 7.89 -22.68
CA LEU A 585 -4.50 8.92 -22.70
C LEU A 585 -4.83 9.32 -24.12
N ASP A 586 -6.12 9.54 -24.38
CA ASP A 586 -6.60 9.86 -25.73
C ASP A 586 -6.43 11.36 -25.94
N ALA A 587 -5.32 11.75 -26.55
CA ALA A 587 -5.05 13.17 -26.80
C ALA A 587 -6.07 13.75 -27.77
N GLY A 588 -6.38 13.03 -28.84
CA GLY A 588 -7.34 13.53 -29.82
C GLY A 588 -6.80 14.76 -30.52
N GLU A 589 -7.55 15.85 -30.45
CA GLU A 589 -7.20 17.10 -31.11
C GLU A 589 -6.79 18.13 -30.05
N VAL A 590 -5.73 18.86 -30.34
CA VAL A 590 -5.13 19.78 -29.39
C VAL A 590 -5.63 21.20 -29.66
N VAL A 591 -5.47 22.06 -28.67
CA VAL A 591 -5.84 23.47 -28.78
C VAL A 591 -4.69 24.31 -28.26
N ILE A 592 -4.19 25.22 -29.09
CA ILE A 592 -3.10 26.10 -28.70
C ILE A 592 -3.67 27.30 -27.94
N GLY A 593 -2.80 28.02 -27.24
CA GLY A 593 -3.24 29.14 -26.43
C GLY A 593 -3.51 30.43 -27.17
N SER A 594 -3.09 30.52 -28.43
CA SER A 594 -3.36 31.72 -29.21
C SER A 594 -4.81 31.77 -29.69
N ASP A 595 -5.41 30.62 -30.01
CA ASP A 595 -6.79 30.61 -30.47
C ASP A 595 -7.74 31.05 -29.36
N ILE A 596 -7.46 30.66 -28.12
CA ILE A 596 -8.33 31.00 -27.00
C ILE A 596 -8.38 32.51 -26.78
N GLU A 597 -7.31 33.22 -27.16
CA GLU A 597 -7.21 34.64 -26.85
C GLU A 597 -8.27 35.47 -27.55
N THR A 598 -8.91 34.95 -28.59
CA THR A 598 -9.92 35.67 -29.35
C THR A 598 -11.23 34.90 -29.42
N LEU A 599 -11.67 34.35 -28.29
CA LEU A 599 -12.91 33.59 -28.22
C LEU A 599 -13.80 34.15 -27.12
N SER A 600 -15.10 34.22 -27.40
CA SER A 600 -16.06 34.69 -26.41
C SER A 600 -16.30 33.61 -25.36
N ASP A 601 -16.94 34.02 -24.26
CA ASP A 601 -17.16 33.09 -23.15
C ASP A 601 -18.07 31.93 -23.55
N ASP A 602 -19.14 32.22 -24.31
CA ASP A 602 -20.06 31.16 -24.69
C ASP A 602 -19.38 30.13 -25.59
N GLU A 603 -18.56 30.59 -26.54
CA GLU A 603 -17.84 29.66 -27.41
C GLU A 603 -16.84 28.83 -26.62
N LEU A 604 -16.10 29.47 -25.70
CA LEU A 604 -15.07 28.76 -24.96
C LEU A 604 -15.67 27.75 -23.98
N ALA A 605 -16.83 28.07 -23.39
CA ALA A 605 -17.43 27.18 -22.41
C ALA A 605 -17.85 25.86 -23.04
N ASN A 606 -18.22 25.88 -24.33
CA ASN A 606 -18.55 24.65 -25.03
C ASN A 606 -17.37 24.02 -25.75
N LEU A 607 -16.36 24.82 -26.11
CA LEU A 607 -15.15 24.25 -26.69
C LEU A 607 -14.35 23.46 -25.67
N ALA A 608 -14.25 23.97 -24.44
CA ALA A 608 -13.39 23.38 -23.41
C ALA A 608 -13.92 22.08 -22.86
N GLN A 609 -14.96 21.45 -23.41
CA GLN A 609 -15.48 20.20 -22.89
C GLN A 609 -15.15 19.00 -23.77
N ARG A 610 -14.48 19.20 -24.90
CA ARG A 610 -14.12 18.09 -25.79
C ARG A 610 -12.71 18.27 -26.33
N THR A 611 -11.79 18.73 -25.49
CA THR A 611 -10.43 19.03 -25.91
C THR A 611 -9.39 18.10 -25.29
N THR A 612 -9.37 18.00 -23.95
CA THR A 612 -8.54 17.07 -23.20
C THR A 612 -7.07 17.48 -23.22
N LEU A 613 -6.72 18.50 -24.01
CA LEU A 613 -5.32 18.91 -24.08
C LEU A 613 -5.25 20.35 -24.60
N PHE A 614 -4.64 21.23 -23.81
CA PHE A 614 -4.34 22.59 -24.23
C PHE A 614 -2.83 22.81 -24.14
N ALA A 615 -2.24 23.34 -25.20
CA ALA A 615 -0.81 23.56 -25.26
C ALA A 615 -0.50 25.04 -25.40
N ARG A 616 0.67 25.44 -24.89
CA ARG A 616 1.16 26.81 -24.98
C ARG A 616 0.19 27.79 -24.33
N LEU A 617 0.01 27.64 -23.02
CA LEU A 617 -0.90 28.46 -22.24
C LEU A 617 -0.11 29.34 -21.28
N THR A 618 -0.40 30.64 -21.27
CA THR A 618 0.04 31.52 -20.22
C THR A 618 -0.85 31.32 -18.99
N PRO A 619 -0.39 31.75 -17.81
CA PRO A 619 -1.20 31.54 -16.60
C PRO A 619 -2.58 32.16 -16.67
N MET A 620 -2.74 33.27 -17.40
CA MET A 620 -4.06 33.87 -17.54
C MET A 620 -5.02 32.92 -18.25
N HIS A 621 -4.55 32.22 -19.28
CA HIS A 621 -5.38 31.23 -19.95
C HIS A 621 -5.78 30.11 -19.00
N LYS A 622 -4.83 29.65 -18.17
CA LYS A 622 -5.14 28.64 -17.17
C LYS A 622 -6.24 29.11 -16.24
N GLU A 623 -6.11 30.33 -15.71
CA GLU A 623 -7.08 30.84 -14.75
C GLU A 623 -8.44 31.05 -15.40
N ARG A 624 -8.48 31.41 -16.68
CA ARG A 624 -9.75 31.59 -17.35
C ARG A 624 -10.42 30.26 -17.66
N ILE A 625 -9.66 29.28 -18.14
CA ILE A 625 -10.25 27.99 -18.49
C ILE A 625 -10.72 27.25 -17.24
N VAL A 626 -9.97 27.34 -16.14
CA VAL A 626 -10.40 26.70 -14.91
C VAL A 626 -11.73 27.29 -14.44
N THR A 627 -11.87 28.61 -14.53
CA THR A 627 -13.14 29.24 -14.16
C THR A 627 -14.27 28.82 -15.08
N LEU A 628 -14.02 28.75 -16.38
CA LEU A 628 -15.10 28.46 -17.32
C LEU A 628 -15.50 26.99 -17.31
N LEU A 629 -14.61 26.09 -16.88
CA LEU A 629 -14.96 24.67 -16.87
C LEU A 629 -16.04 24.33 -15.85
N LYS A 630 -16.36 25.22 -14.92
CA LYS A 630 -17.39 25.00 -13.93
C LYS A 630 -18.76 25.48 -14.38
N ARG A 631 -19.01 25.52 -15.68
CA ARG A 631 -20.19 26.18 -16.22
C ARG A 631 -21.50 25.52 -15.77
N GLU A 632 -21.77 24.30 -16.24
CA GLU A 632 -23.10 23.72 -16.02
C GLU A 632 -23.38 23.44 -14.54
N GLY A 633 -22.73 22.42 -13.99
CA GLY A 633 -22.84 22.14 -12.57
C GLY A 633 -21.59 21.49 -12.01
N HIS A 634 -20.55 21.39 -12.84
CA HIS A 634 -19.43 20.53 -12.54
C HIS A 634 -18.59 21.07 -11.40
N VAL A 635 -17.70 20.22 -10.89
CA VAL A 635 -16.73 20.58 -9.88
C VAL A 635 -15.35 20.33 -10.47
N VAL A 636 -14.49 21.35 -10.42
CA VAL A 636 -13.21 21.33 -11.12
C VAL A 636 -12.09 21.45 -10.10
N GLY A 637 -11.10 20.57 -10.20
CA GLY A 637 -9.93 20.59 -9.34
C GLY A 637 -8.68 20.87 -10.14
N PHE A 638 -7.78 21.67 -9.56
CA PHE A 638 -6.54 22.05 -10.21
C PHE A 638 -5.37 21.58 -9.36
N MET A 639 -4.44 20.86 -9.98
CA MET A 639 -3.24 20.37 -9.32
C MET A 639 -2.03 21.03 -9.93
N GLY A 640 -1.26 21.74 -9.12
CA GLY A 640 -0.07 22.42 -9.60
C GLY A 640 0.77 22.99 -8.48
N ASP A 641 2.07 23.17 -8.74
CA ASP A 641 2.97 23.63 -7.68
C ASP A 641 3.97 24.66 -8.17
N GLY A 642 3.65 25.42 -9.22
CA GLY A 642 4.57 26.39 -9.76
C GLY A 642 4.64 27.65 -8.90
N ILE A 643 5.38 28.63 -9.42
CA ILE A 643 5.49 29.91 -8.74
C ILE A 643 4.41 30.89 -9.18
N ASN A 644 3.73 30.63 -10.30
CA ASN A 644 2.77 31.56 -10.86
C ASN A 644 1.34 31.05 -10.85
N ASP A 645 1.11 29.84 -10.32
CA ASP A 645 -0.25 29.29 -10.25
C ASP A 645 -0.92 29.61 -8.92
N ALA A 646 -0.90 30.88 -8.55
CA ALA A 646 -1.58 31.34 -7.34
C ALA A 646 -3.08 31.54 -7.57
N PRO A 647 -3.51 32.24 -8.64
CA PRO A 647 -4.96 32.44 -8.80
C PRO A 647 -5.70 31.19 -9.24
N ALA A 648 -5.04 30.28 -9.96
CA ALA A 648 -5.72 29.09 -10.47
C ALA A 648 -6.20 28.19 -9.33
N LEU A 649 -5.37 28.04 -8.29
CA LEU A 649 -5.75 27.18 -7.17
C LEU A 649 -6.97 27.73 -6.45
N ARG A 650 -7.04 29.05 -6.27
CA ARG A 650 -8.20 29.63 -5.60
C ARG A 650 -9.43 29.62 -6.50
N ALA A 651 -9.24 29.75 -7.82
CA ALA A 651 -10.38 29.82 -8.73
C ALA A 651 -11.14 28.50 -8.77
N ALA A 652 -10.42 27.38 -8.76
CA ALA A 652 -11.07 26.08 -8.81
C ALA A 652 -11.79 25.78 -7.49
N ASP A 653 -12.57 24.71 -7.49
CA ASP A 653 -13.32 24.31 -6.31
C ASP A 653 -12.49 23.48 -5.34
N ILE A 654 -11.23 23.17 -5.69
CA ILE A 654 -10.31 22.53 -4.76
C ILE A 654 -8.90 22.91 -5.19
N GLY A 655 -7.96 22.82 -4.26
CA GLY A 655 -6.63 23.33 -4.48
C GLY A 655 -5.51 22.32 -4.28
N ILE A 656 -5.69 21.11 -4.79
CA ILE A 656 -4.71 20.04 -4.58
C ILE A 656 -3.32 20.53 -4.95
N SER A 657 -2.36 20.32 -4.05
CA SER A 657 -0.98 20.74 -4.26
C SER A 657 -0.06 19.62 -3.80
N VAL A 658 1.24 19.92 -3.73
CA VAL A 658 2.25 18.94 -3.35
C VAL A 658 3.15 19.56 -2.28
N ASP A 659 3.40 18.79 -1.21
CA ASP A 659 4.34 19.23 -0.20
C ASP A 659 5.76 19.22 -0.76
N GLY A 660 6.53 20.24 -0.41
CA GLY A 660 7.84 20.44 -0.97
C GLY A 660 7.89 21.31 -2.21
N ALA A 661 7.03 22.32 -2.29
CA ALA A 661 6.90 23.18 -3.46
C ALA A 661 7.09 24.65 -3.04
N VAL A 662 6.80 25.55 -3.97
CA VAL A 662 6.89 26.97 -3.68
C VAL A 662 5.87 27.33 -2.60
N ASP A 663 6.26 28.24 -1.71
CA ASP A 663 5.45 28.54 -0.54
C ASP A 663 4.10 29.12 -0.93
N ILE A 664 4.06 29.99 -1.94
CA ILE A 664 2.80 30.59 -2.35
C ILE A 664 1.85 29.54 -2.92
N ALA A 665 2.40 28.47 -3.50
CA ALA A 665 1.56 27.39 -4.02
C ALA A 665 0.98 26.51 -2.92
N ARG A 666 1.56 26.53 -1.72
CA ARG A 666 1.01 25.81 -0.57
C ARG A 666 0.14 26.69 0.32
N GLU A 667 0.32 28.00 0.27
CA GLU A 667 -0.51 28.89 1.08
C GLU A 667 -1.92 29.04 0.53
N ALA A 668 -2.11 28.78 -0.77
CA ALA A 668 -3.42 28.91 -1.41
C ALA A 668 -4.09 27.56 -1.66
N ALA A 669 -3.52 26.48 -1.12
CA ALA A 669 -4.04 25.14 -1.37
C ALA A 669 -5.04 24.72 -0.30
N ASP A 670 -5.73 23.63 -0.58
CA ASP A 670 -6.65 23.01 0.38
C ASP A 670 -6.23 21.62 0.82
N ILE A 671 -5.65 20.82 -0.07
CA ILE A 671 -5.17 19.49 0.25
C ILE A 671 -3.72 19.39 -0.18
N ILE A 672 -2.83 19.11 0.76
CA ILE A 672 -1.40 19.06 0.51
C ILE A 672 -0.98 17.60 0.47
N LEU A 673 -0.75 17.07 -0.72
CA LEU A 673 -0.21 15.72 -0.84
C LEU A 673 1.23 15.70 -0.35
N LEU A 674 1.61 14.59 0.29
CA LEU A 674 2.97 14.43 0.78
C LEU A 674 3.89 13.73 -0.23
N GLU A 675 3.37 13.38 -1.40
CA GLU A 675 4.18 12.74 -2.44
C GLU A 675 3.49 12.96 -3.77
N LYS A 676 4.14 13.70 -4.67
CA LYS A 676 3.56 13.99 -5.97
C LYS A 676 3.36 12.73 -6.79
N SER A 677 2.11 12.36 -7.04
CA SER A 677 1.76 11.19 -7.83
C SER A 677 0.28 11.28 -8.18
N LEU A 678 -0.25 10.24 -8.82
CA LEU A 678 -1.67 10.15 -9.12
C LEU A 678 -2.34 8.95 -8.49
N MET A 679 -1.59 7.94 -8.06
CA MET A 679 -2.19 6.80 -7.37
C MET A 679 -2.58 7.16 -5.94
N VAL A 680 -1.77 7.99 -5.28
CA VAL A 680 -2.10 8.45 -3.94
C VAL A 680 -3.39 9.26 -3.96
N LEU A 681 -3.53 10.15 -4.96
CA LEU A 681 -4.75 10.92 -5.10
C LEU A 681 -5.95 10.02 -5.32
N GLU A 682 -5.80 8.99 -6.15
CA GLU A 682 -6.90 8.08 -6.43
C GLU A 682 -7.32 7.32 -5.17
N GLU A 683 -6.34 6.83 -4.40
CA GLU A 683 -6.67 6.12 -3.17
C GLU A 683 -7.22 7.05 -2.10
N GLY A 684 -6.91 8.34 -2.17
CA GLY A 684 -7.49 9.28 -1.22
C GLY A 684 -8.89 9.72 -1.57
N VAL A 685 -9.22 9.74 -2.87
CA VAL A 685 -10.57 10.13 -3.29
C VAL A 685 -11.60 9.13 -2.76
N ILE A 686 -11.24 7.84 -2.76
CA ILE A 686 -12.16 6.81 -2.28
C ILE A 686 -12.47 7.03 -0.81
N GLU A 687 -11.44 7.29 0.00
CA GLU A 687 -11.68 7.54 1.42
C GLU A 687 -12.42 8.86 1.64
N GLY A 688 -12.18 9.86 0.78
CA GLY A 688 -12.93 11.10 0.90
C GLY A 688 -14.42 10.90 0.67
N ARG A 689 -14.78 10.12 -0.36
CA ARG A 689 -16.18 9.79 -0.58
C ARG A 689 -16.74 8.94 0.56
N ARG A 690 -15.96 7.96 1.04
CA ARG A 690 -16.43 7.03 2.05
C ARG A 690 -16.69 7.72 3.39
N THR A 691 -15.84 8.66 3.79
CA THR A 691 -16.06 9.37 5.04
C THR A 691 -17.32 10.22 4.97
N PHE A 692 -17.52 10.93 3.87
CA PHE A 692 -18.73 11.74 3.72
C PHE A 692 -19.97 10.88 3.57
N ALA A 693 -19.85 9.64 3.11
CA ALA A 693 -21.00 8.75 3.02
C ALA A 693 -21.54 8.35 4.40
N ASN A 694 -20.70 8.41 5.44
CA ASN A 694 -21.16 8.08 6.78
C ASN A 694 -21.99 9.19 7.41
N MET A 695 -21.69 10.44 7.09
CA MET A 695 -22.39 11.57 7.71
C MET A 695 -23.88 11.56 7.35
N LEU A 696 -24.19 11.32 6.07
CA LEU A 696 -25.58 11.31 5.64
C LEU A 696 -26.37 10.21 6.34
N LYS A 697 -25.78 9.02 6.45
CA LYS A 697 -26.41 7.93 7.18
C LYS A 697 -26.61 8.29 8.65
N TYR A 698 -25.60 8.91 9.27
CA TYR A 698 -25.67 9.21 10.69
C TYR A 698 -26.73 10.27 10.98
N ILE A 699 -26.96 11.18 10.02
CA ILE A 699 -28.03 12.15 10.17
C ILE A 699 -29.40 11.49 9.96
N LYS A 700 -29.52 10.68 8.90
CA LYS A 700 -30.83 10.15 8.52
C LYS A 700 -31.36 9.17 9.55
N MET A 701 -30.51 8.22 9.97
CA MET A 701 -30.95 7.20 10.93
C MET A 701 -31.27 7.78 12.30
N THR A 702 -30.78 8.99 12.61
CA THR A 702 -31.12 9.67 13.83
C THR A 702 -32.40 10.50 13.70
N ALA A 703 -32.59 11.17 12.57
CA ALA A 703 -33.78 12.00 12.41
C ALA A 703 -35.04 11.15 12.24
N SER A 704 -34.95 10.06 11.47
CA SER A 704 -36.16 9.32 11.11
C SER A 704 -36.83 8.70 12.33
N SER A 705 -36.05 8.03 13.19
CA SER A 705 -36.63 7.36 14.34
C SER A 705 -37.23 8.36 15.33
N ASN A 706 -36.56 9.51 15.52
CA ASN A 706 -37.11 10.52 16.42
C ASN A 706 -38.43 11.08 15.89
N PHE A 707 -38.51 11.33 14.57
CA PHE A 707 -39.77 11.78 14.01
C PHE A 707 -40.85 10.72 14.19
N GLY A 708 -40.50 9.45 14.00
CA GLY A 708 -41.47 8.39 14.23
C GLY A 708 -41.98 8.36 15.66
N ASN A 709 -41.09 8.53 16.63
CA ASN A 709 -41.50 8.56 18.03
C ASN A 709 -42.43 9.74 18.30
N VAL A 710 -42.10 10.91 17.76
CA VAL A 710 -42.95 12.08 17.98
C VAL A 710 -44.33 11.86 17.39
N PHE A 711 -44.38 11.28 16.17
CA PHE A 711 -45.67 11.01 15.55
C PHE A 711 -46.48 10.00 16.36
N SER A 712 -45.81 8.97 16.88
CA SER A 712 -46.50 7.99 17.71
C SER A 712 -47.08 8.64 18.95
N VAL A 713 -46.31 9.52 19.60
CA VAL A 713 -46.81 10.20 20.79
C VAL A 713 -48.01 11.06 20.45
N LEU A 714 -47.94 11.78 19.31
CA LEU A 714 -49.06 12.62 18.90
C LEU A 714 -50.31 11.79 18.64
N VAL A 715 -50.17 10.66 17.95
CA VAL A 715 -51.34 9.86 17.56
C VAL A 715 -51.95 9.18 18.78
N ALA A 716 -51.13 8.57 19.63
CA ALA A 716 -51.65 7.67 20.65
C ALA A 716 -52.11 8.36 21.92
N SER A 717 -51.45 9.45 22.32
CA SER A 717 -51.70 10.04 23.64
C SER A 717 -53.08 10.66 23.77
N ALA A 718 -53.82 10.84 22.68
CA ALA A 718 -55.13 11.48 22.76
C ALA A 718 -56.11 10.65 23.58
N PHE A 719 -56.25 9.37 23.25
CA PHE A 719 -57.20 8.52 23.96
C PHE A 719 -56.67 8.07 25.31
N LEU A 720 -55.37 7.92 25.45
CA LEU A 720 -54.81 7.38 26.68
C LEU A 720 -55.03 8.37 27.83
N PRO A 721 -55.45 7.89 29.02
CA PRO A 721 -55.71 8.80 30.13
C PRO A 721 -54.48 9.16 30.97
N PHE A 722 -53.28 8.81 30.52
CA PHE A 722 -52.07 9.14 31.26
C PHE A 722 -50.90 9.13 30.29
N LEU A 723 -49.78 9.69 30.73
CA LEU A 723 -48.61 9.81 29.88
C LEU A 723 -48.04 8.43 29.58
N PRO A 724 -47.89 8.05 28.30
CA PRO A 724 -47.36 6.71 28.00
C PRO A 724 -45.98 6.45 28.56
N MET A 725 -45.11 7.45 28.58
CA MET A 725 -43.77 7.32 29.16
C MET A 725 -43.42 8.61 29.88
N LEU A 726 -42.92 8.48 31.11
CA LEU A 726 -42.50 9.66 31.85
C LEU A 726 -41.28 10.29 31.19
N PRO A 727 -41.15 11.62 31.27
CA PRO A 727 -40.09 12.30 30.50
C PRO A 727 -38.68 11.84 30.85
N LEU A 728 -38.41 11.47 32.10
CA LEU A 728 -37.08 11.01 32.48
C LEU A 728 -36.69 9.76 31.68
N HIS A 729 -37.65 8.86 31.46
CA HIS A 729 -37.38 7.67 30.65
C HIS A 729 -37.03 8.05 29.23
N LEU A 730 -37.74 9.04 28.66
CA LEU A 730 -37.40 9.49 27.32
C LEU A 730 -36.00 10.10 27.26
N LEU A 731 -35.65 10.87 28.29
CA LEU A 731 -34.31 11.47 28.32
C LEU A 731 -33.23 10.39 28.39
N ILE A 732 -33.42 9.38 29.23
CA ILE A 732 -32.41 8.34 29.34
C ILE A 732 -32.37 7.49 28.07
N GLN A 733 -33.52 7.32 27.40
CA GLN A 733 -33.54 6.60 26.14
C GLN A 733 -32.73 7.35 25.08
N ASN A 734 -32.92 8.67 25.00
CA ASN A 734 -32.15 9.46 24.06
C ASN A 734 -30.66 9.41 24.39
N LEU A 735 -30.32 9.47 25.68
CA LEU A 735 -28.91 9.40 26.08
C LEU A 735 -28.29 8.07 25.68
N LEU A 736 -29.01 6.97 25.91
CA LEU A 736 -28.49 5.65 25.55
C LEU A 736 -28.35 5.52 24.03
N TYR A 737 -29.31 6.05 23.28
CA TYR A 737 -29.20 6.01 21.82
C TYR A 737 -27.99 6.81 21.34
N ASP A 738 -27.76 7.99 21.92
CA ASP A 738 -26.61 8.78 21.55
C ASP A 738 -25.31 8.06 21.88
N VAL A 739 -25.28 7.37 23.01
CA VAL A 739 -24.08 6.59 23.37
C VAL A 739 -23.87 5.46 22.37
N SER A 740 -24.96 4.81 21.93
CA SER A 740 -24.83 3.73 20.97
C SER A 740 -24.39 4.22 19.60
N GLN A 741 -24.76 5.45 19.23
CA GLN A 741 -24.44 5.97 17.91
C GLN A 741 -22.99 6.40 17.73
N VAL A 742 -22.18 6.39 18.81
CA VAL A 742 -20.83 6.90 18.73
C VAL A 742 -19.98 6.09 17.75
N ALA A 743 -20.31 4.83 17.54
CA ALA A 743 -19.49 3.94 16.72
C ALA A 743 -19.79 4.05 15.23
N ILE A 744 -20.76 4.88 14.82
CA ILE A 744 -21.07 5.01 13.40
C ILE A 744 -19.89 5.53 12.58
N PRO A 745 -19.14 6.58 13.00
CA PRO A 745 -18.03 7.05 12.17
C PRO A 745 -16.95 6.01 11.89
N PHE A 746 -17.09 4.81 12.46
CA PHE A 746 -16.18 3.70 12.20
C PHE A 746 -16.91 2.55 11.51
N ASP A 747 -17.75 2.88 10.53
CA ASP A 747 -18.61 1.91 9.87
C ASP A 747 -17.97 1.43 8.57
N ASN A 748 -18.68 0.54 7.87
CA ASN A 748 -18.27 0.04 6.58
C ASN A 748 -19.27 0.50 5.52
N VAL A 749 -18.77 1.00 4.40
CA VAL A 749 -19.59 1.53 3.32
C VAL A 749 -19.48 0.59 2.13
N ASP A 750 -20.64 0.25 1.55
CA ASP A 750 -20.68 -0.66 0.42
C ASP A 750 -20.01 -0.04 -0.81
N ASP A 751 -19.45 -0.90 -1.66
CA ASP A 751 -18.78 -0.42 -2.86
C ASP A 751 -19.78 -0.23 -4.00
N GLU A 752 -20.88 0.46 -3.73
CA GLU A 752 -21.83 0.85 -4.76
C GLU A 752 -22.27 2.31 -4.66
N GLN A 753 -22.20 2.91 -3.48
CA GLN A 753 -22.56 4.32 -3.30
C GLN A 753 -21.40 5.27 -3.58
N ILE A 754 -20.22 4.74 -3.88
CA ILE A 754 -19.02 5.56 -4.02
C ILE A 754 -18.43 5.54 -5.42
N GLN A 755 -18.83 4.60 -6.29
CA GLN A 755 -18.28 4.59 -7.64
C GLN A 755 -19.03 5.55 -8.54
N LYS A 756 -19.20 6.79 -8.09
CA LYS A 756 -19.83 7.85 -8.86
C LYS A 756 -19.63 9.17 -8.11
N PRO A 757 -19.25 10.25 -8.80
CA PRO A 757 -19.21 11.56 -8.14
C PRO A 757 -20.55 11.88 -7.52
N GLN A 758 -20.60 11.93 -6.18
CA GLN A 758 -21.87 12.03 -5.46
C GLN A 758 -22.23 13.50 -5.23
N ARG A 759 -23.53 13.79 -5.28
CA ARG A 759 -24.06 15.12 -5.05
C ARG A 759 -25.02 15.07 -3.88
N TRP A 760 -24.91 16.07 -2.99
CA TRP A 760 -25.64 16.10 -1.73
C TRP A 760 -26.88 16.97 -1.89
N ASN A 761 -28.04 16.38 -1.61
CA ASN A 761 -29.31 17.11 -1.66
C ASN A 761 -29.89 17.22 -0.27
N PRO A 762 -29.86 18.39 0.36
CA PRO A 762 -30.39 18.51 1.73
C PRO A 762 -31.88 18.22 1.85
N ALA A 763 -32.63 18.33 0.76
CA ALA A 763 -34.08 18.12 0.84
C ALA A 763 -34.45 16.64 0.87
N ASP A 764 -33.48 15.74 0.65
CA ASP A 764 -33.78 14.32 0.69
C ASP A 764 -34.15 13.87 2.10
N LEU A 765 -33.67 14.59 3.12
CA LEU A 765 -34.00 14.24 4.50
C LEU A 765 -35.49 14.37 4.77
N GLY A 766 -36.11 15.44 4.27
CA GLY A 766 -37.54 15.65 4.49
C GLY A 766 -38.45 14.63 3.84
N ARG A 767 -37.90 13.81 2.95
CA ARG A 767 -38.64 12.71 2.34
C ARG A 767 -38.30 11.38 2.98
N PHE A 768 -37.00 11.13 3.22
CA PHE A 768 -36.60 9.90 3.89
C PHE A 768 -37.11 9.82 5.31
N MET A 769 -37.35 10.95 5.96
CA MET A 769 -37.87 10.92 7.33
C MET A 769 -39.38 10.79 7.37
N ILE A 770 -40.08 10.99 6.26
CA ILE A 770 -41.52 10.82 6.22
C ILE A 770 -41.83 9.40 5.76
N PHE A 771 -41.02 8.87 4.84
CA PHE A 771 -41.29 7.52 4.36
C PHE A 771 -40.97 6.45 5.39
N PHE A 772 -39.99 6.69 6.27
CA PHE A 772 -39.54 5.69 7.22
C PHE A 772 -39.93 6.01 8.66
N GLY A 773 -40.88 6.92 8.86
CA GLY A 773 -41.29 7.29 10.20
C GLY A 773 -42.47 6.50 10.73
N PRO A 774 -43.61 6.52 10.02
CA PRO A 774 -44.79 5.78 10.51
C PRO A 774 -44.59 4.28 10.62
N ILE A 775 -43.56 3.73 9.96
CA ILE A 775 -43.31 2.30 10.08
C ILE A 775 -43.06 1.91 11.53
N SER A 776 -42.41 2.79 12.29
CA SER A 776 -42.29 2.57 13.73
C SER A 776 -43.58 2.88 14.46
N SER A 777 -44.38 3.82 13.95
CA SER A 777 -45.61 4.22 14.63
C SER A 777 -46.62 3.07 14.67
N ILE A 778 -46.71 2.32 13.58
CA ILE A 778 -47.66 1.20 13.54
C ILE A 778 -47.34 0.20 14.65
N PHE A 779 -46.08 -0.21 14.75
CA PHE A 779 -45.70 -1.19 15.77
C PHE A 779 -45.76 -0.59 17.17
N ASP A 780 -45.53 0.71 17.31
CA ASP A 780 -45.63 1.34 18.63
C ASP A 780 -47.08 1.32 19.11
N ILE A 781 -48.02 1.66 18.23
CA ILE A 781 -49.43 1.61 18.62
C ILE A 781 -49.87 0.17 18.86
N LEU A 782 -49.32 -0.79 18.09
CA LEU A 782 -49.63 -2.19 18.33
C LEU A 782 -49.14 -2.62 19.72
N THR A 783 -47.93 -2.20 20.10
CA THR A 783 -47.42 -2.50 21.44
C THR A 783 -48.27 -1.86 22.51
N PHE A 784 -48.73 -0.63 22.28
CA PHE A 784 -49.63 0.03 23.22
C PHE A 784 -50.89 -0.80 23.44
N CYS A 785 -51.52 -1.23 22.34
CA CYS A 785 -52.74 -2.04 22.47
C CYS A 785 -52.46 -3.36 23.18
N LEU A 786 -51.35 -4.01 22.83
CA LEU A 786 -51.02 -5.31 23.43
C LEU A 786 -50.80 -5.18 24.92
N MET A 787 -50.07 -4.15 25.35
CA MET A 787 -49.84 -3.97 26.78
C MET A 787 -51.12 -3.54 27.49
N TRP A 788 -51.98 -2.79 26.82
CA TRP A 788 -53.25 -2.40 27.43
C TRP A 788 -54.13 -3.61 27.72
N TRP A 789 -54.36 -4.45 26.71
CA TRP A 789 -55.39 -5.47 26.86
C TRP A 789 -54.85 -6.80 27.40
N VAL A 790 -53.72 -7.27 26.89
CA VAL A 790 -53.21 -8.57 27.32
C VAL A 790 -52.79 -8.53 28.78
N PHE A 791 -52.11 -7.47 29.20
CA PHE A 791 -51.48 -7.41 30.52
C PHE A 791 -52.31 -6.64 31.54
N HIS A 792 -53.60 -6.43 31.29
CA HIS A 792 -54.53 -5.88 32.28
C HIS A 792 -54.05 -4.50 32.77
N ALA A 793 -54.09 -3.55 31.85
CA ALA A 793 -53.52 -2.22 32.04
C ALA A 793 -54.60 -1.17 31.88
N ASN A 794 -54.17 0.09 31.76
CA ASN A 794 -55.04 1.27 31.73
C ASN A 794 -55.77 1.43 33.06
N THR A 795 -55.00 1.51 34.14
CA THR A 795 -55.51 1.82 35.47
C THR A 795 -54.74 3.03 35.99
N PRO A 796 -55.41 4.16 36.27
CA PRO A 796 -54.67 5.34 36.75
C PRO A 796 -53.91 5.09 38.04
N GLU A 797 -54.34 4.13 38.86
CA GLU A 797 -53.63 3.85 40.10
C GLU A 797 -52.26 3.22 39.83
N THR A 798 -52.22 2.23 38.94
CA THR A 798 -50.98 1.54 38.60
C THR A 798 -50.66 1.73 37.13
N GLN A 799 -49.54 2.42 36.86
CA GLN A 799 -49.17 2.74 35.48
C GLN A 799 -47.70 2.51 35.17
N THR A 800 -46.84 2.23 36.15
CA THR A 800 -45.41 2.10 35.89
C THR A 800 -45.11 0.93 34.97
N LEU A 801 -45.93 -0.12 35.00
CA LEU A 801 -45.70 -1.26 34.13
C LEU A 801 -45.82 -0.88 32.66
N PHE A 802 -46.83 -0.07 32.32
CA PHE A 802 -47.03 0.37 30.95
C PHE A 802 -45.83 1.17 30.46
N GLN A 803 -45.37 2.12 31.29
CA GLN A 803 -44.24 2.95 30.90
C GLN A 803 -42.97 2.12 30.75
N SER A 804 -42.75 1.17 31.67
CA SER A 804 -41.57 0.32 31.57
C SER A 804 -41.59 -0.51 30.29
N GLY A 805 -42.75 -1.10 29.97
CA GLY A 805 -42.85 -1.89 28.76
C GLY A 805 -42.59 -1.07 27.51
N TRP A 806 -43.22 0.12 27.43
CA TRP A 806 -42.99 0.94 26.25
C TRP A 806 -41.54 1.41 26.18
N PHE A 807 -40.94 1.74 27.32
CA PHE A 807 -39.54 2.15 27.32
C PHE A 807 -38.65 1.06 26.75
N VAL A 808 -38.84 -0.18 27.22
CA VAL A 808 -38.01 -1.28 26.77
C VAL A 808 -38.21 -1.52 25.27
N VAL A 809 -39.47 -1.60 24.83
CA VAL A 809 -39.71 -1.91 23.42
C VAL A 809 -39.21 -0.78 22.53
N GLY A 810 -39.35 0.47 22.99
CA GLY A 810 -38.87 1.59 22.20
C GLY A 810 -37.36 1.61 22.07
N LEU A 811 -36.65 1.34 23.16
CA LEU A 811 -35.19 1.29 23.07
C LEU A 811 -34.73 0.17 22.16
N LEU A 812 -35.33 -1.02 22.29
CA LEU A 812 -35.02 -2.13 21.39
C LEU A 812 -35.24 -1.75 19.93
N SER A 813 -36.43 -1.20 19.61
CA SER A 813 -36.74 -0.87 18.23
C SER A 813 -35.81 0.22 17.69
N GLN A 814 -35.51 1.23 18.52
CA GLN A 814 -34.65 2.32 18.07
C GLN A 814 -33.25 1.81 17.77
N THR A 815 -32.69 0.98 18.65
CA THR A 815 -31.31 0.55 18.46
C THR A 815 -31.16 -0.52 17.39
N LEU A 816 -32.18 -1.36 17.18
CA LEU A 816 -32.02 -2.48 16.27
C LEU A 816 -32.46 -2.20 14.84
N ILE A 817 -32.94 -1.00 14.53
CA ILE A 817 -33.25 -0.67 13.14
C ILE A 817 -32.05 -0.13 12.39
N VAL A 818 -30.96 0.17 13.09
CA VAL A 818 -29.77 0.72 12.45
C VAL A 818 -29.20 -0.26 11.45
N HIS A 819 -29.12 -1.54 11.82
CA HIS A 819 -28.46 -2.54 11.00
C HIS A 819 -29.23 -2.91 9.74
N MET A 820 -30.46 -2.41 9.56
CA MET A 820 -31.29 -2.80 8.43
C MET A 820 -31.43 -1.70 7.37
N ILE A 821 -31.37 -0.44 7.76
CA ILE A 821 -31.55 0.66 6.81
C ILE A 821 -30.23 1.36 6.55
N ARG A 822 -29.12 0.65 6.74
CA ARG A 822 -27.80 1.17 6.41
C ARG A 822 -27.32 0.71 5.05
N THR A 823 -28.09 -0.10 4.34
CA THR A 823 -27.65 -0.66 3.07
C THR A 823 -28.86 -0.94 2.19
N ARG A 824 -28.60 -1.04 0.89
CA ARG A 824 -29.64 -1.38 -0.08
C ARG A 824 -29.79 -2.87 -0.28
N ARG A 825 -28.83 -3.68 0.17
CA ARG A 825 -28.86 -5.12 -0.01
C ARG A 825 -29.47 -5.79 1.21
N VAL A 826 -29.49 -7.11 1.19
CA VAL A 826 -29.99 -7.88 2.34
C VAL A 826 -28.91 -7.92 3.41
N PRO A 827 -29.24 -7.52 4.64
CA PRO A 827 -28.20 -7.38 5.68
C PRO A 827 -27.77 -8.73 6.24
N PHE A 828 -26.57 -8.71 6.85
CA PHE A 828 -25.95 -9.81 7.58
C PHE A 828 -25.55 -10.98 6.69
N ILE A 829 -25.85 -10.94 5.39
CA ILE A 829 -25.39 -11.98 4.47
C ILE A 829 -24.68 -11.41 3.26
N GLN A 830 -24.89 -10.15 2.89
CA GLN A 830 -24.18 -9.52 1.78
C GLN A 830 -23.34 -8.34 2.24
N SER A 831 -23.89 -7.44 3.05
CA SER A 831 -23.19 -6.26 3.54
C SER A 831 -23.39 -6.17 5.05
N CYS A 832 -22.39 -6.62 5.81
CA CYS A 832 -22.44 -6.56 7.27
C CYS A 832 -22.05 -5.16 7.73
N ALA A 833 -21.84 -5.01 9.04
CA ALA A 833 -21.39 -3.75 9.62
C ALA A 833 -20.08 -3.99 10.36
N SER A 834 -19.44 -2.88 10.74
CA SER A 834 -18.16 -2.96 11.44
C SER A 834 -18.36 -3.49 12.85
N TRP A 835 -17.33 -4.18 13.35
CA TRP A 835 -17.41 -4.78 14.68
C TRP A 835 -17.65 -3.78 15.81
N PRO A 836 -16.98 -2.62 15.86
CA PRO A 836 -17.28 -1.68 16.97
C PRO A 836 -18.73 -1.26 17.04
N LEU A 837 -19.41 -1.08 15.91
CA LEU A 837 -20.83 -0.75 15.94
C LEU A 837 -21.65 -1.88 16.56
N MET A 838 -21.37 -3.13 16.18
CA MET A 838 -22.08 -4.26 16.77
C MET A 838 -21.81 -4.35 18.28
N ILE A 839 -20.56 -4.15 18.68
CA ILE A 839 -20.21 -4.24 20.10
C ILE A 839 -20.94 -3.17 20.90
N MET A 840 -20.95 -1.93 20.39
CA MET A 840 -21.65 -0.86 21.08
C MET A 840 -23.15 -1.13 21.13
N THR A 841 -23.73 -1.64 20.04
CA THR A 841 -25.14 -1.96 20.04
C THR A 841 -25.47 -3.03 21.08
N VAL A 842 -24.65 -4.07 21.16
CA VAL A 842 -24.90 -5.14 22.12
C VAL A 842 -24.76 -4.62 23.54
N ILE A 843 -23.74 -3.81 23.82
CA ILE A 843 -23.54 -3.29 25.17
C ILE A 843 -24.72 -2.41 25.57
N VAL A 844 -25.14 -1.52 24.67
CA VAL A 844 -26.27 -0.64 24.99
C VAL A 844 -27.55 -1.46 25.17
N MET A 845 -27.73 -2.50 24.35
CA MET A 845 -28.92 -3.34 24.47
C MET A 845 -28.96 -4.03 25.82
N ILE A 846 -27.83 -4.58 26.26
CA ILE A 846 -27.76 -5.26 27.56
C ILE A 846 -28.02 -4.26 28.68
N VAL A 847 -27.42 -3.08 28.61
CA VAL A 847 -27.62 -2.07 29.64
C VAL A 847 -29.08 -1.67 29.72
N GLY A 848 -29.73 -1.49 28.57
CA GLY A 848 -31.13 -1.12 28.57
C GLY A 848 -32.04 -2.21 29.11
N ILE A 849 -31.79 -3.46 28.71
CA ILE A 849 -32.66 -4.55 29.14
C ILE A 849 -32.47 -4.84 30.64
N ALA A 850 -31.26 -4.62 31.16
CA ALA A 850 -30.99 -4.92 32.56
C ALA A 850 -31.33 -3.77 33.50
N LEU A 851 -31.64 -2.58 32.97
CA LEU A 851 -31.93 -1.44 33.83
C LEU A 851 -33.18 -1.62 34.69
N PRO A 852 -34.33 -2.06 34.17
CA PRO A 852 -35.50 -2.22 35.04
C PRO A 852 -35.29 -3.22 36.18
N PHE A 853 -34.51 -4.27 35.95
CA PHE A 853 -34.21 -5.24 37.01
C PHE A 853 -32.93 -4.87 37.74
N SER A 854 -32.93 -3.67 38.31
CA SER A 854 -31.79 -3.12 39.01
C SER A 854 -32.27 -2.42 40.27
N PRO A 855 -31.41 -2.30 41.29
CA PRO A 855 -31.81 -1.58 42.50
C PRO A 855 -32.15 -0.12 42.25
N LEU A 856 -31.59 0.48 41.21
CA LEU A 856 -31.83 1.88 40.90
C LEU A 856 -33.15 2.12 40.18
N ALA A 857 -33.88 1.05 39.83
CA ALA A 857 -35.13 1.22 39.09
C ALA A 857 -36.15 2.03 39.87
N SER A 858 -36.27 1.77 41.17
CA SER A 858 -37.23 2.50 41.99
C SER A 858 -36.87 3.98 42.10
N TYR A 859 -35.57 4.30 42.10
CA TYR A 859 -35.15 5.70 42.16
C TYR A 859 -35.58 6.47 40.92
N LEU A 860 -35.49 5.84 39.75
CA LEU A 860 -35.86 6.46 38.49
C LEU A 860 -37.35 6.33 38.18
N GLN A 861 -38.17 6.05 39.19
CA GLN A 861 -39.62 5.89 39.02
C GLN A 861 -39.93 4.79 38.00
N LEU A 862 -39.31 3.63 38.19
CA LEU A 862 -39.50 2.48 37.33
C LEU A 862 -39.59 1.23 38.20
N GLN A 863 -40.22 0.20 37.65
CA GLN A 863 -40.39 -1.04 38.42
C GLN A 863 -40.03 -2.27 37.59
N ALA A 864 -40.34 -3.46 38.10
CA ALA A 864 -39.90 -4.71 37.52
C ALA A 864 -40.75 -5.06 36.29
N LEU A 865 -40.63 -6.30 35.82
CA LEU A 865 -41.33 -6.72 34.62
C LEU A 865 -41.58 -8.24 34.68
N PRO A 866 -42.79 -8.69 34.39
CA PRO A 866 -43.07 -10.13 34.41
C PRO A 866 -42.32 -10.87 33.31
N LEU A 867 -42.09 -12.15 33.55
CA LEU A 867 -41.33 -12.99 32.63
C LEU A 867 -42.15 -13.42 31.41
N SER A 868 -43.46 -13.16 31.39
CA SER A 868 -44.28 -13.53 30.25
C SER A 868 -44.26 -12.50 29.14
N TYR A 869 -43.70 -11.32 29.38
CA TYR A 869 -43.67 -10.27 28.37
C TYR A 869 -42.63 -10.52 27.28
N PHE A 870 -41.59 -11.29 27.59
CA PHE A 870 -40.47 -11.44 26.67
C PHE A 870 -40.84 -12.00 25.31
N PRO A 871 -41.61 -13.10 25.18
CA PRO A 871 -41.91 -13.61 23.84
C PRO A 871 -42.65 -12.62 22.96
N TRP A 872 -43.60 -11.86 23.52
CA TRP A 872 -44.32 -10.87 22.73
C TRP A 872 -43.39 -9.74 22.27
N LEU A 873 -42.49 -9.32 23.16
CA LEU A 873 -41.50 -8.31 22.79
C LEU A 873 -40.64 -8.80 21.63
N VAL A 874 -40.17 -10.05 21.71
CA VAL A 874 -39.33 -10.61 20.66
C VAL A 874 -40.11 -10.70 19.35
N ALA A 875 -41.37 -11.13 19.42
CA ALA A 875 -42.17 -11.24 18.21
C ALA A 875 -42.37 -9.87 17.55
N ILE A 876 -42.71 -8.86 18.35
CA ILE A 876 -42.92 -7.52 17.79
C ILE A 876 -41.63 -6.99 17.18
N LEU A 877 -40.50 -7.17 17.88
CA LEU A 877 -39.22 -6.70 17.38
C LEU A 877 -38.86 -7.36 16.06
N ALA A 878 -39.02 -8.69 15.99
CA ALA A 878 -38.69 -9.41 14.77
C ALA A 878 -39.60 -8.99 13.62
N GLY A 879 -40.89 -8.82 13.88
CA GLY A 879 -41.79 -8.37 12.84
C GLY A 879 -41.44 -6.99 12.32
N TYR A 880 -41.12 -6.07 13.22
CA TYR A 880 -40.75 -4.72 12.79
C TYR A 880 -39.45 -4.73 12.01
N MET A 881 -38.47 -5.54 12.44
CA MET A 881 -37.21 -5.62 11.71
C MET A 881 -37.40 -6.25 10.34
N THR A 882 -38.32 -7.21 10.21
CA THR A 882 -38.53 -7.88 8.93
C THR A 882 -39.32 -7.01 7.96
N LEU A 883 -40.29 -6.23 8.46
CA LEU A 883 -41.17 -5.47 7.56
C LEU A 883 -40.39 -4.44 6.74
N THR A 884 -39.45 -3.75 7.37
CA THR A 884 -38.72 -2.70 6.65
C THR A 884 -37.88 -3.28 5.52
N GLN A 885 -37.42 -4.53 5.66
CA GLN A 885 -36.65 -5.14 4.58
C GLN A 885 -37.48 -5.26 3.31
N LEU A 886 -38.75 -5.64 3.44
CA LEU A 886 -39.63 -5.69 2.28
C LEU A 886 -40.06 -4.30 1.83
N VAL A 887 -40.21 -3.36 2.77
CA VAL A 887 -40.66 -2.03 2.42
C VAL A 887 -39.59 -1.26 1.65
N LYS A 888 -38.31 -1.57 1.91
CA LYS A 888 -37.21 -0.75 1.37
C LYS A 888 -37.23 -0.66 -0.14
N GLY A 889 -37.83 -1.64 -0.83
CA GLY A 889 -37.80 -1.65 -2.28
C GLY A 889 -38.47 -0.43 -2.89
N PHE A 890 -39.62 -0.02 -2.34
CA PHE A 890 -40.41 1.03 -2.96
C PHE A 890 -39.79 2.42 -2.79
N TYR A 891 -38.98 2.64 -1.76
CA TYR A 891 -38.44 3.96 -1.52
C TYR A 891 -37.46 4.37 -2.62
N SER A 892 -36.54 3.48 -2.99
CA SER A 892 -35.54 3.81 -4.01
C SER A 892 -36.16 4.00 -5.39
N ARG A 893 -37.33 3.42 -5.64
CA ARG A 893 -37.98 3.56 -6.94
C ARG A 893 -38.50 4.97 -7.19
N ARG A 894 -38.56 5.81 -6.17
CA ARG A 894 -39.15 7.14 -6.30
C ARG A 894 -38.11 8.18 -6.69
N TYR A 895 -37.09 8.37 -5.83
CA TYR A 895 -36.08 9.39 -6.10
C TYR A 895 -34.65 8.94 -5.84
N GLY A 896 -34.42 7.82 -5.17
CA GLY A 896 -33.07 7.34 -4.97
C GLY A 896 -32.55 7.44 -3.55
N TRP A 897 -31.99 6.35 -3.04
CA TRP A 897 -31.42 6.35 -1.70
C TRP A 897 -30.24 7.31 -1.61
N GLN A 898 -29.37 7.30 -2.61
CA GLN A 898 -28.18 8.14 -2.60
C GLN A 898 -27.74 8.48 -4.02
N MET B 1 22.56 -41.17 24.12
CA MET B 1 21.55 -42.22 24.09
C MET B 1 21.33 -42.74 22.67
N PHE B 2 21.52 -41.85 21.69
CA PHE B 2 21.32 -42.15 20.28
C PHE B 2 19.97 -42.83 20.05
N LYS B 3 20.01 -44.06 19.52
CA LYS B 3 18.80 -44.84 19.23
C LYS B 3 17.83 -44.05 18.37
N GLU B 4 18.34 -43.51 17.26
CA GLU B 4 17.51 -42.71 16.37
C GLU B 4 16.39 -43.55 15.76
N ILE B 5 16.70 -44.78 15.35
CA ILE B 5 15.68 -45.65 14.77
C ILE B 5 14.66 -46.04 15.83
N PHE B 6 15.12 -46.31 17.06
CA PHE B 6 14.21 -46.70 18.12
C PHE B 6 13.21 -45.59 18.48
N THR B 7 13.57 -44.34 18.21
CA THR B 7 12.71 -43.20 18.53
C THR B 7 11.65 -43.06 17.44
N ARG B 8 10.58 -43.84 17.59
CA ARG B 8 9.40 -43.72 16.74
C ARG B 8 8.29 -42.92 17.40
N LEU B 9 8.62 -42.10 18.38
CA LEU B 9 7.66 -41.24 19.06
C LEU B 9 7.57 -39.86 18.43
N ILE B 10 7.94 -39.73 17.16
CA ILE B 10 8.01 -38.44 16.48
C ILE B 10 7.15 -38.54 15.22
N ARG B 11 5.95 -37.98 15.27
CA ARG B 11 5.14 -37.89 14.08
C ARG B 11 5.72 -36.86 13.12
N HIS B 12 5.56 -37.10 11.84
CA HIS B 12 6.17 -36.28 10.80
C HIS B 12 5.10 -35.54 10.01
N LEU B 13 5.38 -34.28 9.71
CA LEU B 13 4.53 -33.54 8.79
C LEU B 13 4.64 -34.14 7.39
N PRO B 14 3.58 -34.04 6.59
CA PRO B 14 3.64 -34.61 5.24
C PRO B 14 4.72 -33.95 4.40
N SER B 15 5.32 -34.74 3.50
CA SER B 15 6.42 -34.29 2.68
C SER B 15 6.01 -33.24 1.67
N ARG B 16 4.71 -33.01 1.46
CA ARG B 16 4.23 -32.03 0.51
C ARG B 16 4.18 -30.61 1.09
N LEU B 17 4.46 -30.44 2.38
CA LEU B 17 4.38 -29.14 3.00
C LEU B 17 5.72 -28.56 3.42
N VAL B 18 6.75 -29.40 3.56
CA VAL B 18 8.04 -28.95 4.05
C VAL B 18 9.18 -29.24 3.10
N HIS B 19 8.96 -30.00 2.03
CA HIS B 19 10.02 -30.39 1.12
C HIS B 19 9.71 -29.92 -0.29
N ARG B 20 10.74 -29.49 -1.00
CA ARG B 20 10.60 -29.10 -2.41
C ARG B 20 10.14 -30.29 -3.22
N ASP B 21 9.30 -30.05 -4.22
CA ASP B 21 8.82 -31.13 -5.07
C ASP B 21 10.00 -31.78 -5.78
N PRO B 22 10.16 -33.10 -5.67
CA PRO B 22 11.34 -33.75 -6.27
C PRO B 22 11.30 -33.81 -7.79
N LEU B 23 10.24 -33.30 -8.43
CA LEU B 23 10.08 -33.39 -9.87
C LEU B 23 9.99 -31.99 -10.46
N PRO B 24 11.13 -31.40 -10.84
CA PRO B 24 11.08 -30.12 -11.57
C PRO B 24 10.88 -30.34 -13.06
N GLY B 25 10.64 -31.60 -13.44
CA GLY B 25 10.48 -31.95 -14.84
C GLY B 25 11.62 -32.81 -15.35
N ALA B 26 12.83 -32.61 -14.83
CA ALA B 26 13.98 -33.38 -15.28
C ALA B 26 14.82 -33.87 -14.10
N GLN B 27 14.72 -33.18 -12.97
CA GLN B 27 15.54 -33.46 -11.78
C GLN B 27 17.01 -33.64 -12.16
N GLN B 28 17.58 -34.78 -11.79
CA GLN B 28 18.97 -35.11 -12.13
C GLN B 28 18.98 -36.25 -13.12
N THR B 29 19.68 -36.04 -14.25
CA THR B 29 19.78 -37.04 -15.31
C THR B 29 20.81 -38.09 -14.88
N VAL B 30 20.43 -38.87 -13.85
CA VAL B 30 21.32 -39.91 -13.35
C VAL B 30 21.32 -41.11 -14.32
N ASN B 31 22.47 -41.77 -14.40
CA ASN B 31 22.64 -42.92 -15.28
C ASN B 31 21.99 -44.18 -14.74
N THR B 32 20.66 -44.19 -14.62
CA THR B 32 19.96 -45.38 -14.15
C THR B 32 19.66 -46.30 -15.33
N VAL B 33 19.76 -47.61 -15.09
CA VAL B 33 19.48 -48.62 -16.11
C VAL B 33 18.05 -48.44 -16.60
N VAL B 34 17.91 -48.17 -17.90
CA VAL B 34 16.57 -47.93 -18.46
C VAL B 34 15.80 -49.26 -18.48
N PRO B 35 14.58 -49.29 -17.95
CA PRO B 35 13.78 -50.52 -18.03
C PRO B 35 13.54 -50.91 -19.47
N PRO B 36 13.89 -52.15 -19.85
CA PRO B 36 13.69 -52.57 -21.25
C PRO B 36 12.23 -52.52 -21.68
N SER B 37 11.31 -52.83 -20.77
CA SER B 37 9.89 -52.81 -21.12
C SER B 37 9.44 -51.40 -21.50
N LEU B 38 9.88 -50.40 -20.75
CA LEU B 38 9.49 -49.02 -21.03
C LEU B 38 10.05 -48.55 -22.36
N SER B 39 11.33 -48.87 -22.63
CA SER B 39 11.93 -48.49 -23.91
C SER B 39 11.22 -49.18 -25.07
N ALA B 40 10.89 -50.47 -24.91
CA ALA B 40 10.18 -51.18 -25.96
C ALA B 40 8.80 -50.57 -26.19
N HIS B 41 8.08 -50.22 -25.12
CA HIS B 41 6.78 -49.60 -25.27
C HIS B 41 6.88 -48.25 -25.97
N CYS B 42 7.88 -47.44 -25.59
CA CYS B 42 8.06 -46.14 -26.23
C CYS B 42 8.38 -46.27 -27.71
N LEU B 43 9.24 -47.21 -28.05
CA LEU B 43 9.57 -47.43 -29.46
C LEU B 43 8.36 -47.97 -30.23
N LYS B 44 7.54 -48.78 -29.57
CA LYS B 44 6.36 -49.34 -30.23
C LYS B 44 5.31 -48.27 -30.47
N MET B 45 5.19 -47.31 -29.55
CA MET B 45 4.15 -46.28 -29.70
C MET B 45 4.36 -45.45 -30.95
N ALA B 46 5.58 -44.98 -31.20
CA ALA B 46 5.84 -44.07 -32.30
C ALA B 46 6.15 -44.80 -33.61
N VAL B 47 5.37 -45.83 -33.93
CA VAL B 47 5.43 -46.44 -35.26
C VAL B 47 4.06 -46.67 -35.87
N MET B 48 2.98 -46.60 -35.11
CA MET B 48 1.66 -46.89 -35.65
C MET B 48 1.20 -45.77 -36.56
N PRO B 49 0.32 -46.07 -37.53
CA PRO B 49 -0.24 -45.03 -38.40
C PRO B 49 -1.23 -44.18 -37.63
N GLU B 50 -1.80 -43.19 -38.35
CA GLU B 50 -2.74 -42.28 -37.73
C GLU B 50 -3.99 -42.99 -37.25
N GLU B 51 -4.42 -44.03 -37.96
CA GLU B 51 -5.68 -44.67 -37.65
C GLU B 51 -5.59 -45.60 -36.44
N GLU B 52 -4.38 -46.05 -36.07
CA GLU B 52 -4.27 -47.00 -34.97
C GLU B 52 -4.42 -46.31 -33.62
N LEU B 53 -3.94 -45.07 -33.51
CA LEU B 53 -4.13 -44.31 -32.28
C LEU B 53 -5.57 -43.86 -32.10
N TRP B 54 -6.40 -44.02 -33.13
CA TRP B 54 -7.83 -43.75 -32.99
C TRP B 54 -8.49 -44.81 -32.13
N LYS B 55 -8.06 -46.07 -32.28
CA LYS B 55 -8.69 -47.20 -31.61
C LYS B 55 -7.92 -47.67 -30.38
N THR B 56 -6.61 -47.39 -30.31
CA THR B 56 -5.84 -47.74 -29.11
C THR B 56 -6.44 -47.09 -27.87
N PHE B 57 -6.96 -45.88 -28.04
CA PHE B 57 -7.69 -45.16 -26.98
C PHE B 57 -9.07 -44.80 -27.52
N ASP B 58 -9.80 -44.01 -26.74
CA ASP B 58 -11.13 -43.56 -27.12
C ASP B 58 -11.16 -42.09 -27.49
N THR B 59 -10.06 -41.58 -28.04
CA THR B 59 -9.98 -40.18 -28.41
C THR B 59 -10.80 -39.90 -29.66
N HIS B 60 -11.42 -38.72 -29.70
CA HIS B 60 -12.18 -38.26 -30.85
C HIS B 60 -11.85 -36.78 -31.04
N PRO B 61 -11.55 -36.35 -32.27
CA PRO B 61 -11.16 -34.96 -32.48
C PRO B 61 -12.33 -34.00 -32.44
N GLU B 62 -13.22 -34.18 -31.47
CA GLU B 62 -14.32 -33.25 -31.23
C GLU B 62 -14.51 -33.01 -29.73
N GLY B 63 -13.64 -33.55 -28.89
CA GLY B 63 -13.76 -33.42 -27.45
C GLY B 63 -14.16 -34.74 -26.80
N LEU B 64 -14.02 -34.75 -25.47
CA LEU B 64 -14.43 -35.88 -24.65
C LEU B 64 -15.53 -35.43 -23.70
N ASN B 65 -16.62 -36.17 -23.65
CA ASN B 65 -17.73 -35.81 -22.79
C ASN B 65 -17.36 -35.99 -21.33
N GLN B 66 -18.17 -35.39 -20.45
CA GLN B 66 -17.89 -35.42 -19.02
C GLN B 66 -18.08 -36.80 -18.39
N ALA B 67 -18.39 -37.82 -19.18
CA ALA B 67 -18.55 -39.18 -18.68
C ALA B 67 -17.38 -40.08 -19.06
N GLU B 68 -16.94 -40.03 -20.32
CA GLU B 68 -15.81 -40.84 -20.73
C GLU B 68 -14.53 -40.44 -20.01
N VAL B 69 -14.34 -39.13 -19.79
CA VAL B 69 -13.14 -38.66 -19.12
C VAL B 69 -13.07 -39.20 -17.69
N GLU B 70 -14.20 -39.19 -16.97
CA GLU B 70 -14.22 -39.68 -15.60
C GLU B 70 -13.91 -41.17 -15.55
N SER B 71 -14.52 -41.95 -16.45
CA SER B 71 -14.28 -43.38 -16.46
C SER B 71 -12.84 -43.70 -16.79
N ALA B 72 -12.27 -43.01 -17.79
CA ALA B 72 -10.88 -43.26 -18.15
C ALA B 72 -9.94 -42.85 -17.02
N ARG B 73 -10.22 -41.73 -16.36
CA ARG B 73 -9.38 -41.30 -15.24
C ARG B 73 -9.44 -42.31 -14.10
N GLU B 74 -10.62 -42.82 -13.78
CA GLU B 74 -10.74 -43.81 -12.72
C GLU B 74 -10.09 -45.12 -13.12
N GLN B 75 -10.06 -45.44 -14.42
CA GLN B 75 -9.48 -46.69 -14.88
C GLN B 75 -7.96 -46.63 -14.95
N HIS B 76 -7.39 -45.46 -15.21
CA HIS B 76 -5.93 -45.32 -15.32
C HIS B 76 -5.29 -44.57 -14.17
N GLY B 77 -5.96 -43.56 -13.61
CA GLY B 77 -5.41 -42.80 -12.50
C GLY B 77 -5.46 -41.30 -12.77
N GLU B 78 -4.55 -40.58 -12.13
CA GLU B 78 -4.52 -39.13 -12.18
C GLU B 78 -3.11 -38.66 -12.52
N ASN B 79 -3.03 -37.54 -13.24
CA ASN B 79 -1.75 -36.96 -13.64
C ASN B 79 -1.14 -36.24 -12.45
N LYS B 80 -0.61 -37.04 -11.52
CA LYS B 80 0.01 -36.53 -10.31
C LYS B 80 1.01 -37.56 -9.80
N LEU B 81 2.10 -37.07 -9.20
CA LEU B 81 3.04 -37.95 -8.54
C LEU B 81 2.39 -38.54 -7.28
N PRO B 82 2.75 -39.77 -6.91
CA PRO B 82 2.11 -40.38 -5.74
C PRO B 82 2.36 -39.64 -4.43
N ALA B 83 3.45 -38.88 -4.34
CA ALA B 83 3.76 -38.17 -3.11
C ALA B 83 2.92 -36.91 -2.91
N GLN B 84 2.23 -36.43 -3.94
CA GLN B 84 1.46 -35.19 -3.87
C GLN B 84 -0.04 -35.45 -3.75
N GLN B 85 -0.44 -36.52 -3.07
CA GLN B 85 -1.84 -36.86 -2.92
C GLN B 85 -2.25 -36.74 -1.46
N PRO B 86 -3.36 -36.06 -1.17
CA PRO B 86 -3.80 -35.92 0.22
C PRO B 86 -4.29 -37.24 0.80
N SER B 87 -4.27 -37.32 2.13
CA SER B 87 -4.72 -38.48 2.88
C SER B 87 -6.16 -38.30 3.34
N PRO B 88 -6.90 -39.39 3.54
CA PRO B 88 -8.28 -39.27 4.04
C PRO B 88 -8.31 -38.70 5.45
N TRP B 89 -9.40 -37.97 5.74
CA TRP B 89 -9.49 -37.26 7.01
C TRP B 89 -9.68 -38.20 8.19
N TRP B 90 -10.36 -39.34 7.98
CA TRP B 90 -10.53 -40.29 9.08
C TRP B 90 -9.19 -40.91 9.47
N VAL B 91 -8.32 -41.18 8.49
CA VAL B 91 -6.98 -41.65 8.79
C VAL B 91 -6.20 -40.58 9.55
N HIS B 92 -6.40 -39.32 9.17
CA HIS B 92 -5.76 -38.22 9.89
C HIS B 92 -6.21 -38.18 11.35
N LEU B 93 -7.50 -38.38 11.59
CA LEU B 93 -8.01 -38.41 12.96
C LEU B 93 -7.44 -39.61 13.72
N TRP B 94 -7.34 -40.76 13.06
CA TRP B 94 -6.83 -41.95 13.72
C TRP B 94 -5.35 -41.80 14.09
N VAL B 95 -4.54 -41.23 13.20
CA VAL B 95 -3.12 -41.13 13.47
C VAL B 95 -2.84 -40.15 14.60
N CYS B 96 -3.72 -39.17 14.80
CA CYS B 96 -3.59 -38.24 15.92
C CYS B 96 -4.09 -38.82 17.23
N TYR B 97 -4.71 -40.00 17.20
CA TYR B 97 -5.26 -40.62 18.38
C TYR B 97 -4.42 -41.78 18.93
N ARG B 98 -3.58 -42.40 18.11
CA ARG B 98 -2.75 -43.52 18.54
C ARG B 98 -1.39 -43.07 19.06
N ASN B 99 -1.28 -41.83 19.51
CA ASN B 99 -0.03 -41.35 20.06
C ASN B 99 0.35 -42.17 21.28
N PRO B 100 1.59 -42.68 21.37
CA PRO B 100 1.93 -43.57 22.47
C PRO B 100 1.72 -42.96 23.84
N PHE B 101 2.01 -41.67 24.00
CA PHE B 101 1.80 -41.02 25.30
C PHE B 101 0.32 -41.04 25.66
N ASN B 102 -0.54 -40.71 24.70
CA ASN B 102 -1.98 -40.69 24.96
C ASN B 102 -2.50 -42.08 25.28
N ILE B 103 -2.05 -43.09 24.54
CA ILE B 103 -2.54 -44.45 24.77
C ILE B 103 -2.08 -44.98 26.12
N LEU B 104 -0.81 -44.76 26.47
CA LEU B 104 -0.33 -45.16 27.78
C LEU B 104 -1.06 -44.43 28.90
N LEU B 105 -1.32 -43.13 28.72
CA LEU B 105 -2.06 -42.40 29.74
C LEU B 105 -3.47 -42.96 29.92
N THR B 106 -4.15 -43.25 28.81
CA THR B 106 -5.51 -43.81 28.91
C THR B 106 -5.50 -45.18 29.57
N ILE B 107 -4.54 -46.03 29.19
CA ILE B 107 -4.47 -47.38 29.76
C ILE B 107 -4.19 -47.30 31.26
N LEU B 108 -3.25 -46.44 31.66
CA LEU B 108 -2.91 -46.35 33.07
C LEU B 108 -4.03 -45.71 33.88
N GLY B 109 -4.78 -44.78 33.28
CA GLY B 109 -5.96 -44.25 33.95
C GLY B 109 -7.03 -45.31 34.13
N ALA B 110 -7.22 -46.17 33.12
CA ALA B 110 -8.16 -47.27 33.25
C ALA B 110 -7.72 -48.25 34.34
N ILE B 111 -6.43 -48.52 34.42
CA ILE B 111 -5.93 -49.45 35.43
C ILE B 111 -6.12 -48.88 36.84
N SER B 112 -5.72 -47.62 37.03
CA SER B 112 -5.74 -47.05 38.37
C SER B 112 -7.16 -46.76 38.84
N TYR B 113 -7.87 -45.88 38.14
CA TYR B 113 -9.17 -45.38 38.59
C TYR B 113 -10.30 -46.15 37.92
N ALA B 114 -10.44 -47.42 38.30
CA ALA B 114 -11.58 -48.18 37.79
C ALA B 114 -12.30 -48.99 38.86
N THR B 115 -11.61 -49.36 39.93
CA THR B 115 -12.21 -50.21 40.95
C THR B 115 -12.83 -49.42 42.09
N GLU B 116 -12.67 -48.11 42.11
CA GLU B 116 -13.24 -47.29 43.18
C GLU B 116 -13.97 -46.07 42.61
N ASP B 117 -13.60 -45.65 41.40
CA ASP B 117 -14.21 -44.49 40.78
C ASP B 117 -14.08 -44.62 39.26
N LEU B 118 -15.15 -45.05 38.61
CA LEU B 118 -15.16 -45.12 37.15
C LEU B 118 -15.26 -43.72 36.53
N PHE B 119 -15.86 -42.78 37.26
CA PHE B 119 -16.02 -41.42 36.76
C PHE B 119 -14.68 -40.78 36.47
N ALA B 120 -13.66 -41.08 37.28
CA ALA B 120 -12.33 -40.52 37.04
C ALA B 120 -11.74 -41.02 35.72
N ALA B 121 -11.88 -42.32 35.44
CA ALA B 121 -11.43 -42.84 34.15
C ALA B 121 -12.22 -42.22 33.01
N GLY B 122 -13.53 -42.03 33.20
CA GLY B 122 -14.33 -41.40 32.17
C GLY B 122 -13.88 -39.99 31.85
N VAL B 123 -13.62 -39.18 32.88
CA VAL B 123 -13.20 -37.81 32.62
C VAL B 123 -11.77 -37.77 32.08
N ILE B 124 -10.92 -38.72 32.46
CA ILE B 124 -9.58 -38.79 31.86
C ILE B 124 -9.69 -39.04 30.35
N ALA B 125 -10.54 -40.00 29.98
CA ALA B 125 -10.76 -40.28 28.56
C ALA B 125 -11.33 -39.06 27.85
N LEU B 126 -12.26 -38.36 28.50
CA LEU B 126 -12.84 -37.16 27.91
C LEU B 126 -11.77 -36.09 27.67
N MET B 127 -10.87 -35.91 28.65
CA MET B 127 -9.83 -34.89 28.51
C MET B 127 -8.86 -35.23 27.39
N VAL B 128 -8.41 -36.48 27.31
CA VAL B 128 -7.46 -36.83 26.25
C VAL B 128 -8.15 -36.73 24.89
N ALA B 129 -9.42 -37.12 24.81
CA ALA B 129 -10.17 -37.00 23.56
C ALA B 129 -10.29 -35.54 23.13
N ILE B 130 -10.60 -34.65 24.07
CA ILE B 130 -10.76 -33.24 23.70
C ILE B 130 -9.43 -32.64 23.28
N SER B 131 -8.32 -33.06 23.92
CA SER B 131 -7.01 -32.56 23.51
C SER B 131 -6.67 -32.99 22.10
N THR B 132 -6.80 -34.30 21.81
CA THR B 132 -6.49 -34.76 20.47
C THR B 132 -7.45 -34.18 19.43
N LEU B 133 -8.69 -33.91 19.82
CA LEU B 133 -9.64 -33.30 18.90
C LEU B 133 -9.24 -31.86 18.57
N LEU B 134 -8.80 -31.09 19.57
CA LEU B 134 -8.33 -29.74 19.30
C LEU B 134 -7.13 -29.76 18.37
N ASN B 135 -6.17 -30.64 18.65
CA ASN B 135 -4.97 -30.72 17.80
C ASN B 135 -5.36 -31.10 16.37
N PHE B 136 -6.25 -32.07 16.22
CA PHE B 136 -6.68 -32.51 14.89
C PHE B 136 -7.35 -31.38 14.14
N ILE B 137 -8.26 -30.65 14.79
CA ILE B 137 -8.97 -29.57 14.10
C ILE B 137 -7.99 -28.50 13.64
N GLN B 138 -7.08 -28.09 14.53
CA GLN B 138 -6.13 -27.04 14.16
C GLN B 138 -5.27 -27.49 12.98
N GLU B 139 -4.67 -28.68 13.07
CA GLU B 139 -3.78 -29.13 12.01
C GLU B 139 -4.52 -29.31 10.69
N ALA B 140 -5.72 -29.90 10.74
CA ALA B 140 -6.48 -30.16 9.51
C ALA B 140 -6.89 -28.86 8.84
N ARG B 141 -7.39 -27.89 9.62
CA ARG B 141 -7.78 -26.61 9.02
C ARG B 141 -6.58 -25.90 8.42
N SER B 142 -5.44 -25.90 9.12
CA SER B 142 -4.27 -25.21 8.59
C SER B 142 -3.75 -25.88 7.32
N THR B 143 -3.70 -27.22 7.29
CA THR B 143 -3.19 -27.90 6.10
C THR B 143 -4.18 -27.86 4.95
N LYS B 144 -5.48 -27.66 5.22
CA LYS B 144 -6.42 -27.45 4.13
C LYS B 144 -6.26 -26.04 3.56
N ALA B 145 -6.09 -25.04 4.43
CA ALA B 145 -5.88 -23.68 3.96
C ALA B 145 -4.59 -23.55 3.16
N ALA B 146 -3.52 -24.22 3.60
CA ALA B 146 -2.22 -24.07 2.96
C ALA B 146 -2.18 -24.60 1.54
N ASP B 147 -3.05 -25.56 1.19
CA ASP B 147 -3.05 -26.14 -0.14
C ASP B 147 -3.90 -25.37 -1.13
N ALA B 148 -4.59 -24.31 -0.70
CA ALA B 148 -5.30 -23.46 -1.63
C ALA B 148 -4.34 -22.54 -2.39
N LEU B 149 -3.20 -22.21 -1.77
CA LEU B 149 -2.21 -21.37 -2.43
C LEU B 149 -1.30 -22.15 -3.37
N LYS B 150 -1.31 -23.48 -3.28
CA LYS B 150 -0.44 -24.29 -4.15
C LYS B 150 -1.07 -24.51 -5.51
N ALA B 151 -2.40 -24.54 -5.60
CA ALA B 151 -3.09 -24.72 -6.86
C ALA B 151 -3.53 -23.41 -7.50
N MET B 152 -3.24 -22.27 -6.85
CA MET B 152 -3.57 -20.98 -7.43
C MET B 152 -2.55 -20.51 -8.45
N VAL B 153 -1.39 -21.15 -8.51
CA VAL B 153 -0.33 -20.77 -9.44
C VAL B 153 0.09 -21.99 -10.24
N SER B 154 -0.80 -22.98 -10.35
CA SER B 154 -0.50 -24.19 -11.07
C SER B 154 -0.52 -23.95 -12.57
N ASN B 155 0.34 -24.68 -13.29
CA ASN B 155 0.42 -24.55 -14.73
C ASN B 155 -0.85 -25.08 -15.39
N THR B 156 -1.23 -24.45 -16.50
CA THR B 156 -2.44 -24.80 -17.22
C THR B 156 -2.08 -25.50 -18.53
N ALA B 157 -3.13 -25.96 -19.22
CA ALA B 157 -3.00 -26.62 -20.51
C ALA B 157 -4.30 -26.47 -21.28
N THR B 158 -4.18 -26.29 -22.59
CA THR B 158 -5.33 -26.04 -23.46
C THR B 158 -5.81 -27.37 -24.04
N VAL B 159 -6.92 -27.87 -23.52
CA VAL B 159 -7.56 -29.07 -24.03
C VAL B 159 -8.80 -28.65 -24.81
N LEU B 160 -9.24 -29.54 -25.71
CA LEU B 160 -10.39 -29.21 -26.55
C LEU B 160 -11.70 -29.48 -25.80
N ARG B 161 -11.95 -30.74 -25.45
CA ARG B 161 -13.11 -31.15 -24.65
C ARG B 161 -14.43 -30.62 -25.20
N VAL B 162 -15.48 -30.65 -24.36
CA VAL B 162 -16.78 -30.09 -24.69
C VAL B 162 -17.22 -29.21 -23.52
N ILE B 163 -17.70 -28.02 -23.83
CA ILE B 163 -18.07 -27.06 -22.79
C ILE B 163 -19.56 -27.12 -22.46
N ASN B 164 -20.42 -27.25 -23.46
CA ASN B 164 -21.86 -27.23 -23.24
C ASN B 164 -22.46 -28.63 -23.09
N ASP B 165 -21.66 -29.67 -23.22
CA ASP B 165 -22.07 -31.08 -23.17
C ASP B 165 -23.00 -31.47 -24.30
N LYS B 166 -23.35 -30.56 -25.21
CA LYS B 166 -24.07 -30.88 -26.42
C LYS B 166 -23.18 -30.83 -27.66
N GLY B 167 -21.94 -30.40 -27.50
CA GLY B 167 -20.97 -30.32 -28.58
C GLY B 167 -20.65 -28.89 -28.95
N GLU B 168 -19.57 -28.35 -28.39
CA GLU B 168 -19.14 -27.01 -28.74
C GLU B 168 -17.62 -26.85 -28.73
N ASN B 169 -16.85 -27.93 -28.60
CA ASN B 169 -15.41 -27.87 -28.44
C ASN B 169 -15.05 -26.97 -27.26
N GLY B 170 -14.48 -25.79 -27.53
CA GLY B 170 -14.26 -24.81 -26.49
C GLY B 170 -12.83 -24.36 -26.31
N TRP B 171 -11.88 -25.29 -26.40
CA TRP B 171 -10.46 -25.00 -26.16
C TRP B 171 -10.26 -24.35 -24.79
N LEU B 172 -10.79 -25.00 -23.75
CA LEU B 172 -10.71 -24.46 -22.41
C LEU B 172 -9.42 -24.90 -21.72
N GLU B 173 -9.00 -24.09 -20.74
CA GLU B 173 -7.78 -24.32 -20.00
C GLU B 173 -8.06 -25.06 -18.70
N ILE B 174 -7.26 -26.09 -18.41
CA ILE B 174 -7.39 -26.84 -17.16
C ILE B 174 -6.00 -27.05 -16.58
N PRO B 175 -5.94 -27.26 -15.26
CA PRO B 175 -4.65 -27.61 -14.64
C PRO B 175 -4.11 -28.92 -15.20
N ILE B 176 -2.81 -29.12 -15.06
CA ILE B 176 -2.12 -30.24 -15.69
C ILE B 176 -2.32 -31.51 -14.89
N ASP B 177 -3.11 -31.44 -13.83
CA ASP B 177 -3.43 -32.64 -13.06
C ASP B 177 -4.81 -33.20 -13.39
N GLN B 178 -5.61 -32.47 -14.16
CA GLN B 178 -6.90 -32.97 -14.62
C GLN B 178 -6.82 -33.48 -16.06
N LEU B 179 -5.64 -33.98 -16.43
CA LEU B 179 -5.41 -34.50 -17.78
C LEU B 179 -5.64 -36.00 -17.79
N VAL B 180 -6.48 -36.45 -18.71
CA VAL B 180 -6.82 -37.86 -18.87
C VAL B 180 -6.03 -38.40 -20.06
N PRO B 181 -5.52 -39.63 -20.00
CA PRO B 181 -4.86 -40.20 -21.18
C PRO B 181 -5.84 -40.39 -22.32
N GLY B 182 -5.33 -40.24 -23.54
CA GLY B 182 -6.20 -40.25 -24.70
C GLY B 182 -6.89 -38.93 -24.97
N ASP B 183 -6.23 -37.82 -24.68
CA ASP B 183 -6.80 -36.49 -24.88
C ASP B 183 -5.89 -35.69 -25.80
N ILE B 184 -6.47 -34.72 -26.49
CA ILE B 184 -5.77 -33.91 -27.48
C ILE B 184 -5.53 -32.53 -26.89
N ILE B 185 -4.29 -32.04 -27.01
CA ILE B 185 -3.92 -30.71 -26.54
C ILE B 185 -3.16 -30.00 -27.65
N LYS B 186 -3.12 -28.67 -27.56
CA LYS B 186 -2.44 -27.83 -28.51
C LYS B 186 -1.26 -27.13 -27.83
N LEU B 187 -0.12 -27.12 -28.50
CA LEU B 187 1.11 -26.57 -27.94
C LEU B 187 1.47 -25.27 -28.65
N ALA B 188 1.86 -24.27 -27.87
CA ALA B 188 2.31 -22.99 -28.39
C ALA B 188 3.74 -22.74 -27.91
N ALA B 189 4.33 -21.64 -28.37
CA ALA B 189 5.70 -21.32 -27.98
C ALA B 189 5.76 -20.87 -26.53
N GLY B 190 6.70 -21.46 -25.79
CA GLY B 190 6.87 -21.13 -24.39
C GLY B 190 5.87 -21.86 -23.51
N ASP B 191 5.77 -23.18 -23.67
CA ASP B 191 4.79 -23.99 -22.97
C ASP B 191 5.41 -25.33 -22.65
N MET B 192 5.68 -25.57 -21.36
CA MET B 192 6.23 -26.85 -20.94
C MET B 192 5.29 -27.98 -21.30
N ILE B 193 5.85 -29.08 -21.81
CA ILE B 193 5.07 -30.24 -22.23
C ILE B 193 4.51 -30.93 -21.00
N PRO B 194 3.18 -31.06 -20.88
CA PRO B 194 2.62 -31.65 -19.65
C PRO B 194 3.00 -33.11 -19.44
N ALA B 195 2.73 -33.96 -20.43
CA ALA B 195 3.03 -35.39 -20.32
C ALA B 195 3.44 -35.91 -21.70
N ASP B 196 3.69 -37.21 -21.77
CA ASP B 196 4.10 -37.82 -23.02
C ASP B 196 3.01 -37.63 -24.08
N LEU B 197 3.43 -37.20 -25.27
CA LEU B 197 2.52 -36.76 -26.31
C LEU B 197 2.72 -37.56 -27.59
N ARG B 198 1.95 -37.19 -28.61
CA ARG B 198 2.05 -37.82 -29.93
C ARG B 198 1.60 -36.77 -30.93
N ILE B 199 2.55 -36.23 -31.70
CA ILE B 199 2.27 -35.08 -32.56
C ILE B 199 1.47 -35.54 -33.78
N LEU B 200 0.34 -34.89 -34.01
CA LEU B 200 -0.51 -35.16 -35.17
C LEU B 200 -0.17 -34.25 -36.35
N GLN B 201 -0.13 -32.94 -36.14
CA GLN B 201 0.24 -31.99 -37.17
C GLN B 201 1.27 -31.02 -36.60
N ALA B 202 2.15 -30.53 -37.47
CA ALA B 202 3.25 -29.68 -37.04
C ALA B 202 3.36 -28.46 -37.96
N ARG B 203 3.91 -27.39 -37.40
CA ARG B 203 4.11 -26.12 -38.11
C ARG B 203 5.53 -25.62 -37.83
N ASP B 204 6.50 -26.51 -38.06
CA ASP B 204 7.91 -26.26 -37.76
C ASP B 204 8.13 -26.06 -36.26
N LEU B 205 7.79 -27.09 -35.50
CA LEU B 205 7.94 -27.05 -34.05
C LEU B 205 9.38 -27.36 -33.66
N PHE B 206 9.81 -26.78 -32.55
CA PHE B 206 11.13 -27.02 -31.98
C PHE B 206 11.00 -27.17 -30.47
N VAL B 207 11.68 -28.17 -29.91
CA VAL B 207 11.67 -28.40 -28.47
C VAL B 207 13.11 -28.47 -27.98
N ALA B 208 13.34 -27.87 -26.82
CA ALA B 208 14.67 -27.84 -26.20
C ALA B 208 14.82 -29.06 -25.31
N GLN B 209 15.27 -30.16 -25.90
CA GLN B 209 15.52 -31.39 -25.16
C GLN B 209 16.89 -31.38 -24.49
N ALA B 210 17.20 -30.29 -23.78
CA ALA B 210 18.46 -30.17 -23.06
C ALA B 210 18.35 -30.60 -21.61
N SER B 211 17.18 -31.07 -21.18
CA SER B 211 16.98 -31.53 -19.82
C SER B 211 17.02 -33.05 -19.69
N LEU B 212 17.15 -33.76 -20.81
CA LEU B 212 17.28 -35.22 -20.79
C LEU B 212 18.47 -35.74 -21.58
N THR B 213 19.07 -34.95 -22.45
CA THR B 213 20.19 -35.38 -23.28
C THR B 213 21.43 -34.51 -23.15
N GLY B 214 21.28 -33.23 -22.83
CA GLY B 214 22.43 -32.35 -22.74
C GLY B 214 22.92 -31.81 -24.06
N GLU B 215 22.10 -31.88 -25.12
CA GLU B 215 22.52 -31.38 -26.42
C GLU B 215 22.65 -29.87 -26.44
N SER B 216 21.83 -29.16 -25.65
CA SER B 216 21.79 -27.71 -25.51
C SER B 216 21.33 -27.00 -26.78
N LEU B 217 20.86 -27.73 -27.79
CA LEU B 217 20.34 -27.11 -29.00
C LEU B 217 18.93 -27.61 -29.27
N PRO B 218 18.06 -26.74 -29.81
CA PRO B 218 16.70 -27.19 -30.13
C PRO B 218 16.71 -28.30 -31.17
N VAL B 219 15.77 -29.23 -31.02
CA VAL B 219 15.64 -30.36 -31.93
C VAL B 219 14.28 -30.27 -32.62
N GLU B 220 14.29 -30.38 -33.94
CA GLU B 220 13.06 -30.24 -34.72
C GLU B 220 12.12 -31.40 -34.45
N LYS B 221 10.83 -31.10 -34.37
CA LYS B 221 9.80 -32.10 -34.15
C LYS B 221 8.87 -32.13 -35.36
N ALA B 222 8.48 -33.34 -35.76
CA ALA B 222 7.67 -33.54 -36.94
C ALA B 222 6.34 -34.21 -36.58
N ALA B 223 5.52 -34.46 -37.61
CA ALA B 223 4.27 -35.16 -37.46
C ALA B 223 4.30 -36.55 -38.09
N THR B 224 4.91 -36.67 -39.27
CA THR B 224 5.23 -37.95 -39.88
C THR B 224 6.74 -38.04 -39.98
N THR B 225 7.31 -39.14 -39.47
CA THR B 225 8.75 -39.25 -39.34
C THR B 225 9.46 -39.08 -40.68
N ARG B 226 10.52 -38.27 -40.69
CA ARG B 226 11.36 -38.10 -41.85
C ARG B 226 12.72 -38.78 -41.72
N GLN B 227 13.16 -39.09 -40.50
CA GLN B 227 14.39 -39.82 -40.28
C GLN B 227 14.18 -41.30 -40.60
N PRO B 228 15.22 -41.99 -41.07
CA PRO B 228 15.02 -43.39 -41.50
C PRO B 228 14.83 -44.36 -40.34
N GLU B 229 15.59 -44.19 -39.25
CA GLU B 229 15.53 -45.12 -38.14
C GLU B 229 15.65 -44.36 -36.83
N HIS B 230 14.84 -44.74 -35.84
CA HIS B 230 14.86 -44.08 -34.54
C HIS B 230 15.99 -44.61 -33.66
N SER B 231 15.94 -45.91 -33.36
CA SER B 231 16.99 -46.61 -32.60
C SER B 231 17.16 -46.08 -31.19
N ASN B 232 16.35 -45.09 -30.79
CA ASN B 232 16.41 -44.51 -29.45
C ASN B 232 15.02 -44.04 -29.07
N PRO B 233 14.64 -44.18 -27.80
CA PRO B 233 13.33 -43.68 -27.36
C PRO B 233 13.27 -42.16 -27.22
N LEU B 234 14.41 -41.48 -27.15
CA LEU B 234 14.46 -40.05 -26.94
C LEU B 234 14.76 -39.28 -28.23
N GLU B 235 14.75 -39.95 -29.38
CA GLU B 235 15.01 -39.29 -30.66
C GLU B 235 14.03 -39.76 -31.72
N CYS B 236 12.82 -40.18 -31.31
CA CYS B 236 11.85 -40.71 -32.25
C CYS B 236 11.29 -39.64 -33.20
N ASP B 237 11.50 -38.37 -32.90
CA ASP B 237 11.02 -37.25 -33.71
C ASP B 237 9.50 -37.26 -33.88
N THR B 238 8.79 -37.98 -33.01
CA THR B 238 7.33 -38.02 -33.08
C THR B 238 6.68 -37.90 -31.71
N LEU B 239 7.43 -38.10 -30.63
CA LEU B 239 6.88 -38.07 -29.28
C LEU B 239 7.46 -36.88 -28.51
N CYS B 240 6.84 -36.61 -27.35
CA CYS B 240 7.27 -35.54 -26.48
C CYS B 240 7.35 -36.07 -25.05
N PHE B 241 8.13 -35.39 -24.23
CA PHE B 241 8.32 -35.79 -22.84
C PHE B 241 8.23 -34.56 -21.94
N MET B 242 7.72 -34.77 -20.73
CA MET B 242 7.57 -33.65 -19.80
C MET B 242 8.92 -33.16 -19.31
N GLY B 243 8.97 -31.88 -18.97
CA GLY B 243 10.21 -31.24 -18.58
C GLY B 243 10.88 -30.43 -19.67
N THR B 244 10.44 -30.58 -20.91
CA THR B 244 11.01 -29.86 -22.05
C THR B 244 10.02 -28.83 -22.55
N THR B 245 10.54 -27.67 -22.97
CA THR B 245 9.71 -26.57 -23.42
C THR B 245 9.66 -26.52 -24.94
N VAL B 246 8.73 -25.71 -25.45
CA VAL B 246 8.56 -25.48 -26.88
C VAL B 246 9.22 -24.16 -27.22
N VAL B 247 10.26 -24.20 -28.06
CA VAL B 247 11.02 -23.00 -28.35
C VAL B 247 10.38 -22.21 -29.48
N SER B 248 9.94 -22.90 -30.54
CA SER B 248 9.40 -22.21 -31.71
C SER B 248 8.33 -23.08 -32.36
N GLY B 249 7.44 -22.41 -33.08
CA GLY B 249 6.42 -23.09 -33.85
C GLY B 249 5.22 -23.50 -33.00
N THR B 250 4.18 -23.95 -33.70
CA THR B 250 2.96 -24.45 -33.07
C THR B 250 2.72 -25.88 -33.51
N ALA B 251 1.91 -26.60 -32.73
CA ALA B 251 1.63 -28.00 -33.03
C ALA B 251 0.39 -28.44 -32.27
N GLN B 252 -0.05 -29.66 -32.57
CA GLN B 252 -1.21 -30.27 -31.93
C GLN B 252 -0.95 -31.75 -31.75
N ALA B 253 -0.98 -32.21 -30.50
CA ALA B 253 -0.61 -33.58 -30.19
C ALA B 253 -1.69 -34.21 -29.31
N MET B 254 -1.48 -35.47 -28.96
CA MET B 254 -2.41 -36.25 -28.16
C MET B 254 -1.64 -36.98 -27.07
N VAL B 255 -2.09 -36.86 -25.82
CA VAL B 255 -1.42 -37.53 -24.71
C VAL B 255 -1.62 -39.04 -24.82
N ILE B 256 -0.62 -39.79 -24.35
CA ILE B 256 -0.67 -41.24 -24.33
C ILE B 256 -0.49 -41.81 -22.93
N ALA B 257 0.44 -41.27 -22.16
CA ALA B 257 0.71 -41.73 -20.80
C ALA B 257 0.66 -40.55 -19.84
N THR B 258 0.05 -40.76 -18.69
CA THR B 258 -0.03 -39.75 -17.64
C THR B 258 0.37 -40.34 -16.31
N GLY B 259 0.70 -39.47 -15.36
CA GLY B 259 1.02 -39.92 -14.02
C GLY B 259 2.41 -40.53 -13.94
N ALA B 260 2.52 -41.58 -13.13
CA ALA B 260 3.79 -42.26 -12.90
C ALA B 260 4.13 -43.29 -13.97
N ASN B 261 3.25 -43.48 -14.96
CA ASN B 261 3.49 -44.41 -16.04
C ASN B 261 4.26 -43.79 -17.20
N THR B 262 4.71 -42.54 -17.06
CA THR B 262 5.38 -41.83 -18.12
C THR B 262 6.89 -42.01 -18.02
N TRP B 263 7.61 -41.35 -18.93
CA TRP B 263 9.04 -41.20 -18.77
C TRP B 263 9.31 -40.29 -17.58
N PHE B 264 10.58 -40.20 -17.17
CA PHE B 264 11.04 -39.40 -16.04
C PHE B 264 10.54 -39.97 -14.71
N GLY B 265 9.70 -40.99 -14.73
CA GLY B 265 9.24 -41.63 -13.51
C GLY B 265 10.11 -42.82 -13.17
N GLN B 266 9.62 -44.02 -13.46
CA GLN B 266 10.45 -45.21 -13.29
C GLN B 266 11.67 -45.20 -14.19
N LEU B 267 11.67 -44.40 -15.27
CA LEU B 267 12.85 -44.27 -16.11
C LEU B 267 13.96 -43.52 -15.37
N ALA B 268 13.66 -42.29 -14.94
CA ALA B 268 14.62 -41.49 -14.20
C ALA B 268 14.71 -41.87 -12.73
N GLY B 269 13.81 -42.73 -12.25
CA GLY B 269 13.83 -43.13 -10.85
C GLY B 269 13.56 -42.02 -9.88
N ARG B 270 12.61 -41.12 -10.20
CA ARG B 270 12.29 -40.04 -9.29
C ARG B 270 11.57 -40.55 -8.05
N VAL B 271 10.57 -41.40 -8.23
CA VAL B 271 9.81 -41.92 -7.09
C VAL B 271 10.67 -42.88 -6.27
N SER B 272 11.37 -43.79 -6.93
CA SER B 272 12.18 -44.79 -6.23
C SER B 272 13.48 -44.14 -5.75
N GLU B 273 13.78 -44.35 -4.46
CA GLU B 273 15.02 -43.86 -3.85
C GLU B 273 15.14 -42.34 -3.92
N GLN B 274 16.28 -41.81 -3.50
CA GLN B 274 16.56 -40.38 -3.50
C GLN B 274 15.53 -39.61 -2.69
N GLU B 275 15.15 -40.14 -1.52
CA GLU B 275 14.18 -39.49 -0.65
C GLU B 275 14.76 -39.01 0.67
N SER B 276 15.87 -39.60 1.13
CA SER B 276 16.48 -39.21 2.40
C SER B 276 17.28 -37.92 2.20
N GLU B 277 16.56 -36.80 2.27
CA GLU B 277 17.17 -35.48 2.12
C GLU B 277 16.45 -34.49 3.02
N PRO B 278 17.00 -34.22 4.21
CA PRO B 278 16.42 -33.19 5.08
C PRO B 278 16.96 -31.81 4.72
N ASN B 279 16.05 -30.89 4.43
CA ASN B 279 16.42 -29.54 3.96
C ASN B 279 16.41 -28.58 5.15
N ALA B 280 17.40 -28.72 6.02
CA ALA B 280 17.63 -27.81 7.13
C ALA B 280 16.44 -27.76 8.09
N PHE B 281 15.28 -27.34 7.59
CA PHE B 281 14.07 -27.30 8.41
C PHE B 281 13.79 -28.65 9.05
N GLN B 282 13.84 -29.71 8.26
CA GLN B 282 13.60 -31.06 8.77
C GLN B 282 14.70 -31.53 9.71
N GLN B 283 15.81 -30.80 9.81
CA GLN B 283 16.85 -31.12 10.79
C GLN B 283 16.59 -30.39 12.11
N GLY B 284 16.23 -29.10 12.04
CA GLY B 284 15.91 -28.38 13.26
C GLY B 284 14.67 -28.93 13.95
N ILE B 285 13.63 -29.25 13.17
CA ILE B 285 12.42 -29.81 13.75
C ILE B 285 12.69 -31.15 14.41
N SER B 286 13.71 -31.88 13.94
CA SER B 286 14.08 -33.15 14.57
C SER B 286 14.92 -32.93 15.83
N ARG B 287 15.86 -31.99 15.78
CA ARG B 287 16.71 -31.75 16.95
C ARG B 287 15.91 -31.19 18.12
N VAL B 288 14.95 -30.30 17.84
CA VAL B 288 14.13 -29.75 18.92
C VAL B 288 13.34 -30.87 19.61
N SER B 289 12.74 -31.75 18.82
CA SER B 289 11.99 -32.87 19.38
C SER B 289 12.90 -33.81 20.15
N MET B 290 14.11 -34.04 19.66
CA MET B 290 15.07 -34.87 20.38
C MET B 290 15.39 -34.27 21.75
N LEU B 291 15.62 -32.96 21.79
CA LEU B 291 15.92 -32.31 23.07
C LEU B 291 14.74 -32.44 24.04
N LEU B 292 13.53 -32.20 23.54
CA LEU B 292 12.36 -32.30 24.41
C LEU B 292 12.18 -33.72 24.95
N ILE B 293 12.32 -34.73 24.09
CA ILE B 293 12.12 -36.10 24.55
C ILE B 293 13.24 -36.53 25.49
N ARG B 294 14.47 -36.06 25.27
CA ARG B 294 15.55 -36.37 26.19
C ARG B 294 15.25 -35.82 27.57
N PHE B 295 14.79 -34.56 27.64
CA PHE B 295 14.45 -34.00 28.95
C PHE B 295 13.29 -34.74 29.59
N MET B 296 12.30 -35.16 28.79
CA MET B 296 11.16 -35.86 29.37
C MET B 296 11.57 -37.19 29.99
N LEU B 297 12.38 -37.98 29.28
CA LEU B 297 12.86 -39.23 29.86
C LEU B 297 13.87 -39.01 30.98
N VAL B 298 14.54 -37.86 31.02
CA VAL B 298 15.39 -37.56 32.16
C VAL B 298 14.54 -37.28 33.39
N MET B 299 13.44 -36.55 33.23
CA MET B 299 12.70 -36.08 34.40
C MET B 299 11.68 -37.09 34.93
N ALA B 300 11.02 -37.85 34.04
CA ALA B 300 9.87 -38.65 34.49
C ALA B 300 10.23 -39.73 35.52
N PRO B 301 11.22 -40.61 35.27
CA PRO B 301 11.39 -41.77 36.17
C PRO B 301 11.80 -41.40 37.58
N VAL B 302 12.53 -40.29 37.77
CA VAL B 302 12.92 -39.88 39.12
C VAL B 302 11.67 -39.52 39.93
N VAL B 303 10.77 -38.76 39.33
CA VAL B 303 9.52 -38.41 40.00
C VAL B 303 8.69 -39.66 40.26
N LEU B 304 8.65 -40.56 39.28
CA LEU B 304 7.92 -41.82 39.47
C LEU B 304 8.46 -42.58 40.68
N LEU B 305 9.78 -42.71 40.77
CA LEU B 305 10.40 -43.43 41.88
C LEU B 305 10.12 -42.74 43.21
N ILE B 306 10.21 -41.42 43.23
CA ILE B 306 9.98 -40.68 44.47
C ILE B 306 8.56 -40.91 44.97
N ASN B 307 7.57 -40.74 44.09
CA ASN B 307 6.18 -40.90 44.51
C ASN B 307 5.79 -42.36 44.73
N GLY B 308 6.56 -43.30 44.19
CA GLY B 308 6.27 -44.70 44.45
C GLY B 308 6.95 -45.23 45.70
N TYR B 309 7.99 -44.52 46.15
CA TYR B 309 8.69 -44.91 47.37
C TYR B 309 8.13 -44.21 48.60
N THR B 310 7.75 -42.94 48.47
CA THR B 310 7.13 -42.25 49.60
C THR B 310 5.77 -42.85 49.94
N LYS B 311 4.91 -43.00 48.94
CA LYS B 311 3.62 -43.63 49.11
C LYS B 311 3.72 -45.11 48.73
N GLY B 312 2.57 -45.78 48.61
CA GLY B 312 2.56 -47.18 48.25
C GLY B 312 1.75 -47.48 47.00
N ASP B 313 1.10 -46.46 46.45
CA ASP B 313 0.28 -46.60 45.24
C ASP B 313 1.16 -46.36 44.03
N TRP B 314 1.81 -47.43 43.56
CA TRP B 314 2.74 -47.31 42.44
C TRP B 314 2.03 -46.89 41.15
N TRP B 315 0.82 -47.41 40.92
CA TRP B 315 0.07 -47.02 39.73
C TRP B 315 -0.22 -45.52 39.74
N GLU B 316 -0.62 -45.00 40.90
CA GLU B 316 -0.88 -43.57 41.02
C GLU B 316 0.38 -42.76 40.80
N ALA B 317 1.51 -43.25 41.33
CA ALA B 317 2.78 -42.56 41.13
C ALA B 317 3.15 -42.48 39.65
N ALA B 318 3.00 -43.58 38.93
CA ALA B 318 3.31 -43.57 37.50
C ALA B 318 2.35 -42.66 36.74
N LEU B 319 1.06 -42.70 37.08
CA LEU B 319 0.11 -41.84 36.40
C LEU B 319 0.40 -40.38 36.66
N PHE B 320 0.78 -40.03 37.88
CA PHE B 320 1.18 -38.67 38.21
C PHE B 320 2.43 -38.27 37.43
N ALA B 321 3.39 -39.20 37.29
CA ALA B 321 4.60 -38.91 36.54
C ALA B 321 4.27 -38.55 35.09
N LEU B 322 3.47 -39.39 34.43
CA LEU B 322 3.08 -39.08 33.04
C LEU B 322 2.24 -37.81 32.97
N SER B 323 1.37 -37.57 33.96
CA SER B 323 0.55 -36.37 33.94
C SER B 323 1.41 -35.12 34.03
N VAL B 324 2.45 -35.14 34.87
CA VAL B 324 3.34 -33.98 34.97
C VAL B 324 4.18 -33.85 33.70
N ALA B 325 4.62 -34.97 33.13
CA ALA B 325 5.54 -34.92 32.00
C ALA B 325 4.85 -34.74 30.65
N VAL B 326 3.52 -34.82 30.60
CA VAL B 326 2.82 -34.71 29.32
C VAL B 326 2.95 -33.32 28.70
N GLY B 327 3.34 -32.32 29.49
CA GLY B 327 3.48 -30.98 28.95
C GLY B 327 4.59 -30.88 27.91
N LEU B 328 5.67 -31.62 28.11
CA LEU B 328 6.81 -31.59 27.20
C LEU B 328 6.69 -32.67 26.12
N THR B 329 5.55 -32.72 25.45
CA THR B 329 5.42 -33.76 24.44
C THR B 329 5.93 -33.28 23.09
N PRO B 330 6.56 -34.16 22.31
CA PRO B 330 6.95 -33.79 20.95
C PRO B 330 5.79 -33.82 19.97
N GLU B 331 4.60 -34.25 20.40
CA GLU B 331 3.46 -34.33 19.50
C GLU B 331 2.85 -32.97 19.21
N MET B 332 3.16 -31.96 20.01
CA MET B 332 2.60 -30.64 19.82
C MET B 332 3.33 -29.82 18.76
N LEU B 333 4.48 -30.30 18.29
CA LEU B 333 5.25 -29.55 17.29
C LEU B 333 4.51 -29.38 15.96
N PRO B 334 3.90 -30.42 15.37
CA PRO B 334 3.22 -30.20 14.09
C PRO B 334 2.16 -29.12 14.13
N MET B 335 1.37 -29.05 15.21
CA MET B 335 0.40 -27.96 15.34
C MET B 335 1.10 -26.61 15.38
N ILE B 336 2.16 -26.51 16.19
CA ILE B 336 2.88 -25.25 16.33
C ILE B 336 3.41 -24.78 14.99
N VAL B 337 3.93 -25.70 14.18
CA VAL B 337 4.52 -25.35 12.90
C VAL B 337 3.44 -24.97 11.90
N THR B 338 2.45 -25.85 11.72
CA THR B 338 1.48 -25.66 10.64
C THR B 338 0.57 -24.47 10.92
N SER B 339 -0.01 -24.40 12.13
CA SER B 339 -0.97 -23.35 12.41
C SER B 339 -0.34 -21.97 12.43
N THR B 340 0.98 -21.88 12.53
CA THR B 340 1.66 -20.59 12.48
C THR B 340 2.20 -20.26 11.10
N LEU B 341 2.62 -21.26 10.32
CA LEU B 341 3.10 -20.99 8.98
C LEU B 341 1.94 -20.72 8.02
N ALA B 342 0.80 -21.37 8.23
CA ALA B 342 -0.33 -21.20 7.32
C ALA B 342 -0.86 -19.76 7.36
N ARG B 343 -0.92 -19.17 8.55
CA ARG B 343 -1.40 -17.80 8.67
C ARG B 343 -0.46 -16.83 7.97
N GLY B 344 0.84 -17.03 8.14
CA GLY B 344 1.81 -16.21 7.42
C GLY B 344 1.70 -16.36 5.92
N ALA B 345 1.47 -17.60 5.46
CA ALA B 345 1.28 -17.84 4.04
C ALA B 345 0.05 -17.12 3.50
N VAL B 346 -1.04 -17.15 4.26
CA VAL B 346 -2.26 -16.44 3.83
C VAL B 346 -2.01 -14.94 3.80
N LYS B 347 -1.35 -14.40 4.81
CA LYS B 347 -1.08 -12.96 4.83
C LYS B 347 -0.19 -12.55 3.67
N LEU B 348 0.81 -13.38 3.33
CA LEU B 348 1.61 -13.12 2.14
C LEU B 348 0.76 -13.19 0.88
N SER B 349 -0.15 -14.15 0.80
CA SER B 349 -1.10 -14.22 -0.31
C SER B 349 -1.91 -12.95 -0.45
N LYS B 350 -2.20 -12.27 0.67
CA LYS B 350 -2.89 -10.99 0.61
C LYS B 350 -2.02 -9.87 0.05
N GLN B 351 -0.72 -10.09 -0.13
CA GLN B 351 0.19 -9.08 -0.66
C GLN B 351 0.84 -9.50 -1.98
N LYS B 352 0.27 -10.49 -2.67
CA LYS B 352 0.75 -10.93 -3.98
C LYS B 352 2.16 -11.53 -3.89
N VAL B 353 2.41 -12.28 -2.82
CA VAL B 353 3.71 -12.90 -2.57
C VAL B 353 3.48 -14.41 -2.43
N ILE B 354 2.54 -14.94 -3.23
CA ILE B 354 2.06 -16.32 -3.12
C ILE B 354 3.19 -17.30 -2.88
N VAL B 355 3.06 -18.12 -1.83
CA VAL B 355 4.08 -19.08 -1.41
C VAL B 355 3.59 -20.48 -1.75
N LYS B 356 4.45 -21.27 -2.37
CA LYS B 356 4.03 -22.60 -2.83
C LYS B 356 4.01 -23.62 -1.70
N HIS B 357 5.17 -23.87 -1.08
CA HIS B 357 5.23 -24.77 0.07
C HIS B 357 5.69 -24.00 1.30
N LEU B 358 5.25 -24.46 2.47
CA LEU B 358 5.36 -23.67 3.69
C LEU B 358 6.79 -23.55 4.19
N ASP B 359 7.73 -24.32 3.64
CA ASP B 359 9.11 -24.24 4.12
C ASP B 359 9.82 -23.00 3.58
N ALA B 360 9.32 -22.41 2.50
CA ALA B 360 10.00 -21.29 1.88
C ALA B 360 10.07 -20.06 2.80
N ILE B 361 9.18 -19.99 3.79
CA ILE B 361 9.18 -18.85 4.70
C ILE B 361 10.45 -18.85 5.55
N GLN B 362 10.98 -20.03 5.86
CA GLN B 362 12.16 -20.11 6.70
C GLN B 362 13.40 -19.58 5.99
N ASN B 363 13.51 -19.79 4.68
CA ASN B 363 14.63 -19.28 3.91
C ASN B 363 14.35 -17.92 3.29
N PHE B 364 13.11 -17.43 3.34
CA PHE B 364 12.78 -16.12 2.80
C PHE B 364 13.09 -14.99 3.77
N GLY B 365 13.26 -15.29 5.05
CA GLY B 365 13.59 -14.26 6.02
C GLY B 365 14.99 -14.44 6.59
N ALA B 366 15.80 -15.28 5.95
CA ALA B 366 17.13 -15.59 6.43
C ALA B 366 18.19 -15.50 5.33
N MET B 367 17.91 -14.73 4.28
CA MET B 367 18.84 -14.60 3.17
C MET B 367 19.54 -13.25 3.22
N ASP B 368 20.82 -13.24 2.86
CA ASP B 368 21.63 -12.03 2.89
C ASP B 368 22.21 -11.68 1.53
N ILE B 369 21.90 -12.44 0.48
CA ILE B 369 22.36 -12.15 -0.87
C ILE B 369 21.20 -12.37 -1.83
N LEU B 370 20.96 -11.42 -2.72
CA LEU B 370 19.92 -11.52 -3.74
C LEU B 370 20.56 -11.35 -5.11
N CYS B 371 20.40 -12.34 -5.97
CA CYS B 371 20.92 -12.31 -7.32
C CYS B 371 19.77 -12.14 -8.29
N THR B 372 19.81 -11.08 -9.10
CA THR B 372 18.72 -10.74 -10.00
C THR B 372 19.28 -10.43 -11.38
N ASP B 373 18.39 -10.00 -12.27
CA ASP B 373 18.71 -9.68 -13.65
C ASP B 373 18.25 -8.26 -13.97
N LYS B 374 18.91 -7.64 -14.95
CA LYS B 374 18.68 -6.23 -15.27
C LYS B 374 17.27 -5.95 -15.77
N THR B 375 16.90 -6.51 -16.90
CA THR B 375 15.64 -6.14 -17.56
C THR B 375 14.44 -6.61 -16.76
N GLY B 376 13.46 -5.73 -16.58
CA GLY B 376 12.26 -6.01 -15.85
C GLY B 376 12.34 -5.73 -14.36
N THR B 377 13.52 -5.93 -13.76
CA THR B 377 13.72 -5.66 -12.35
C THR B 377 14.17 -4.22 -12.11
N LEU B 378 14.85 -3.62 -13.07
CA LEU B 378 15.33 -2.25 -12.98
C LEU B 378 14.76 -1.33 -14.05
N THR B 379 14.54 -1.84 -15.25
CA THR B 379 13.99 -1.05 -16.34
C THR B 379 12.52 -1.38 -16.54
N GLN B 380 11.81 -0.53 -17.30
CA GLN B 380 10.37 -0.67 -17.42
C GLN B 380 9.98 -1.72 -18.46
N ASP B 381 10.93 -2.18 -19.26
CA ASP B 381 10.79 -3.19 -20.31
C ASP B 381 9.97 -2.71 -21.50
N LYS B 382 9.67 -1.41 -21.58
CA LYS B 382 9.04 -0.83 -22.76
C LYS B 382 9.90 0.34 -23.23
N ILE B 383 10.20 0.38 -24.51
CA ILE B 383 11.12 1.38 -25.04
C ILE B 383 10.34 2.61 -25.50
N VAL B 384 10.82 3.79 -25.11
CA VAL B 384 10.16 5.05 -25.42
C VAL B 384 10.83 5.78 -26.57
N LEU B 385 11.94 5.27 -27.09
CA LEU B 385 12.67 5.94 -28.15
C LEU B 385 13.40 4.88 -28.97
N GLU B 386 13.40 5.06 -30.29
CA GLU B 386 14.13 4.16 -31.17
C GLU B 386 14.43 4.90 -32.48
N ASN B 387 15.57 4.57 -33.06
CA ASN B 387 16.06 5.23 -34.28
C ASN B 387 16.53 4.17 -35.27
N HIS B 388 15.69 3.88 -36.26
CA HIS B 388 16.03 2.90 -37.30
C HIS B 388 16.91 3.59 -38.35
N THR B 389 18.16 3.84 -37.97
CA THR B 389 19.08 4.59 -38.80
C THR B 389 19.77 3.67 -39.81
N ASP B 390 20.70 4.23 -40.55
CA ASP B 390 21.45 3.54 -41.59
C ASP B 390 22.91 3.37 -41.16
N ILE B 391 23.73 2.85 -42.07
CA ILE B 391 25.14 2.63 -41.76
C ILE B 391 25.87 3.95 -41.56
N SER B 392 25.50 4.99 -42.31
CA SER B 392 26.15 6.29 -42.22
C SER B 392 25.47 7.24 -41.24
N GLY B 393 24.34 6.82 -40.66
CA GLY B 393 23.65 7.66 -39.69
C GLY B 393 22.49 8.47 -40.26
N LYS B 394 21.65 7.84 -41.08
CA LYS B 394 20.49 8.50 -41.65
C LYS B 394 19.28 7.58 -41.52
N THR B 395 18.10 8.19 -41.46
CA THR B 395 16.85 7.42 -41.37
C THR B 395 16.65 6.69 -42.69
N SER B 396 16.90 5.38 -42.69
CA SER B 396 16.94 4.61 -43.93
C SER B 396 15.53 4.33 -44.46
N GLU B 397 14.58 4.05 -43.57
CA GLU B 397 13.22 3.64 -43.94
C GLU B 397 13.22 2.32 -44.70
N ARG B 398 14.39 1.69 -44.83
CA ARG B 398 14.54 0.35 -45.38
C ARG B 398 14.93 -0.68 -44.35
N VAL B 399 15.75 -0.29 -43.37
CA VAL B 399 16.09 -1.17 -42.26
C VAL B 399 14.85 -1.50 -41.44
N LEU B 400 13.87 -0.60 -41.39
CA LEU B 400 12.67 -0.85 -40.60
C LEU B 400 11.82 -1.95 -41.23
N HIS B 401 11.60 -1.91 -42.54
CA HIS B 401 10.81 -2.94 -43.20
C HIS B 401 11.52 -4.29 -43.17
N SER B 402 12.85 -4.29 -43.34
CA SER B 402 13.62 -5.52 -43.19
C SER B 402 13.59 -6.03 -41.76
N ALA B 403 13.22 -5.19 -40.80
CA ALA B 403 12.96 -5.64 -39.44
C ALA B 403 11.50 -6.03 -39.22
N TRP B 404 10.57 -5.34 -39.88
CA TRP B 404 9.17 -5.72 -39.76
C TRP B 404 8.92 -7.12 -40.32
N LEU B 405 9.58 -7.45 -41.43
CA LEU B 405 9.43 -8.79 -42.00
C LEU B 405 9.90 -9.87 -41.02
N ASN B 406 11.02 -9.63 -40.35
CA ASN B 406 11.52 -10.58 -39.37
C ASN B 406 10.61 -10.65 -38.15
N SER B 407 10.08 -9.53 -37.70
CA SER B 407 9.23 -9.49 -36.51
C SER B 407 7.80 -9.89 -36.78
N HIS B 408 7.41 -10.08 -38.04
CA HIS B 408 6.06 -10.52 -38.37
C HIS B 408 5.99 -11.97 -38.82
N TYR B 409 7.13 -12.61 -39.08
CA TYR B 409 7.17 -14.00 -39.51
C TYR B 409 8.03 -14.84 -38.56
N GLN B 410 7.83 -14.64 -37.26
CA GLN B 410 8.51 -15.41 -36.24
C GLN B 410 7.48 -16.04 -35.31
N THR B 411 7.86 -17.13 -34.67
CA THR B 411 6.99 -17.86 -33.77
C THR B 411 7.59 -18.04 -32.38
N GLY B 412 8.74 -17.44 -32.10
CA GLY B 412 9.35 -17.52 -30.80
C GLY B 412 8.75 -16.54 -29.83
N LEU B 413 9.40 -16.42 -28.66
CA LEU B 413 8.94 -15.48 -27.64
C LEU B 413 9.11 -14.05 -28.12
N LYS B 414 8.11 -13.21 -27.84
CA LYS B 414 8.18 -11.81 -28.23
C LYS B 414 9.04 -11.03 -27.25
N ASN B 415 9.77 -10.06 -27.78
CA ASN B 415 10.68 -9.22 -27.01
C ASN B 415 10.15 -7.79 -26.97
N LEU B 416 10.85 -6.96 -26.19
CA LEU B 416 10.55 -5.53 -26.16
C LEU B 416 10.82 -4.85 -27.50
N LEU B 417 11.72 -5.38 -28.32
CA LEU B 417 11.99 -4.84 -29.64
C LEU B 417 10.88 -5.14 -30.64
N ASP B 418 10.37 -6.37 -30.63
CA ASP B 418 9.39 -6.79 -31.64
C ASP B 418 8.09 -6.00 -31.50
N THR B 419 7.65 -5.75 -30.28
CA THR B 419 6.40 -5.01 -30.07
C THR B 419 6.50 -3.61 -30.63
N ALA B 420 7.64 -2.94 -30.43
CA ALA B 420 7.81 -1.59 -30.96
C ALA B 420 7.86 -1.60 -32.49
N VAL B 421 8.60 -2.55 -33.07
CA VAL B 421 8.71 -2.61 -34.52
C VAL B 421 7.36 -2.89 -35.16
N LEU B 422 6.57 -3.76 -34.55
CA LEU B 422 5.21 -3.99 -35.04
C LEU B 422 4.35 -2.74 -34.88
N GLU B 423 4.62 -1.92 -33.86
CA GLU B 423 3.90 -0.67 -33.64
C GLU B 423 4.61 0.54 -34.24
N GLY B 424 5.82 0.37 -34.75
CA GLY B 424 6.59 1.47 -35.29
C GLY B 424 6.42 1.75 -36.77
N THR B 425 5.49 1.07 -37.43
CA THR B 425 5.24 1.28 -38.85
C THR B 425 3.78 1.67 -39.08
N ASP B 426 3.56 2.48 -40.11
CA ASP B 426 2.21 2.90 -40.45
C ASP B 426 1.42 1.72 -41.01
N GLU B 427 0.09 1.84 -40.91
CA GLU B 427 -0.78 0.72 -41.26
C GLU B 427 -0.70 0.37 -42.73
N GLU B 428 -0.62 1.39 -43.60
CA GLU B 428 -0.63 1.14 -45.04
C GLU B 428 0.57 0.30 -45.46
N SER B 429 1.77 0.67 -44.99
CA SER B 429 2.96 -0.09 -45.35
C SER B 429 2.91 -1.50 -44.80
N ALA B 430 2.39 -1.66 -43.57
CA ALA B 430 2.26 -2.99 -42.99
C ALA B 430 1.33 -3.87 -43.83
N ARG B 431 0.20 -3.30 -44.25
CA ARG B 431 -0.73 -4.07 -45.08
C ARG B 431 -0.11 -4.42 -46.43
N SER B 432 0.61 -3.48 -47.05
CA SER B 432 1.24 -3.75 -48.32
C SER B 432 2.28 -4.86 -48.20
N LEU B 433 3.12 -4.80 -47.16
CA LEU B 433 4.13 -5.83 -46.97
C LEU B 433 3.49 -7.18 -46.69
N ALA B 434 2.42 -7.21 -45.89
CA ALA B 434 1.74 -8.46 -45.59
C ALA B 434 1.10 -9.05 -46.85
N SER B 435 0.62 -8.19 -47.74
CA SER B 435 -0.04 -8.67 -48.95
C SER B 435 0.96 -9.01 -50.06
N ARG B 436 2.20 -8.56 -49.95
CA ARG B 436 3.18 -8.79 -51.01
C ARG B 436 4.04 -10.03 -50.79
N TRP B 437 4.39 -10.36 -49.54
CA TRP B 437 5.29 -11.46 -49.25
C TRP B 437 4.55 -12.65 -48.67
N GLN B 438 5.24 -13.80 -48.66
CA GLN B 438 4.74 -15.03 -48.07
C GLN B 438 5.88 -15.72 -47.33
N LYS B 439 5.50 -16.49 -46.30
CA LYS B 439 6.47 -17.17 -45.46
C LYS B 439 6.88 -18.51 -46.08
N ILE B 440 8.14 -18.89 -45.87
CA ILE B 440 8.64 -20.15 -46.40
C ILE B 440 9.22 -21.01 -45.28
N ASP B 441 10.23 -20.51 -44.59
CA ASP B 441 10.91 -21.27 -43.55
C ASP B 441 11.31 -20.33 -42.43
N GLU B 442 11.92 -20.90 -41.38
CA GLU B 442 12.33 -20.12 -40.23
C GLU B 442 13.41 -20.88 -39.47
N ILE B 443 14.56 -20.24 -39.27
CA ILE B 443 15.62 -20.79 -38.44
C ILE B 443 15.46 -20.20 -37.04
N PRO B 444 15.28 -21.02 -36.02
CA PRO B 444 14.98 -20.49 -34.68
C PRO B 444 16.23 -19.96 -33.98
N PHE B 445 16.00 -19.30 -32.85
CA PHE B 445 17.08 -18.73 -32.06
C PHE B 445 17.70 -19.78 -31.16
N ASP B 446 19.01 -19.66 -30.93
CA ASP B 446 19.72 -20.54 -30.02
C ASP B 446 21.01 -19.85 -29.58
N PHE B 447 21.41 -20.11 -28.34
CA PHE B 447 22.61 -19.49 -27.81
C PHE B 447 23.86 -20.01 -28.52
N GLU B 448 24.98 -19.36 -28.24
CA GLU B 448 26.28 -19.54 -28.89
C GLU B 448 26.27 -19.08 -30.34
N ARG B 449 25.13 -18.64 -30.87
CA ARG B 449 25.04 -17.97 -32.16
C ARG B 449 24.41 -16.59 -32.06
N ARG B 450 23.35 -16.45 -31.26
CA ARG B 450 22.73 -15.16 -30.95
C ARG B 450 22.26 -14.44 -32.21
N ARG B 451 21.32 -15.07 -32.92
CA ARG B 451 20.65 -14.44 -34.05
C ARG B 451 19.41 -15.24 -34.40
N MET B 452 18.52 -14.59 -35.15
CA MET B 452 17.33 -15.24 -35.68
C MET B 452 17.20 -14.94 -37.16
N SER B 453 16.81 -15.93 -37.95
CA SER B 453 16.65 -15.78 -39.38
C SER B 453 15.30 -16.32 -39.81
N VAL B 454 14.73 -15.71 -40.83
CA VAL B 454 13.48 -16.16 -41.44
C VAL B 454 13.61 -16.04 -42.96
N VAL B 455 13.09 -17.02 -43.68
CA VAL B 455 13.16 -17.05 -45.14
C VAL B 455 11.81 -16.66 -45.69
N VAL B 456 11.78 -15.59 -46.49
CA VAL B 456 10.55 -15.02 -47.00
C VAL B 456 10.68 -14.86 -48.51
N ALA B 457 9.62 -15.24 -49.24
CA ALA B 457 9.57 -15.14 -50.67
C ALA B 457 8.36 -14.32 -51.12
N GLU B 458 8.50 -13.65 -52.25
CA GLU B 458 7.42 -12.84 -52.84
C GLU B 458 6.88 -13.46 -54.11
N ASN B 459 7.73 -13.73 -55.09
CA ASN B 459 7.37 -14.47 -56.29
C ASN B 459 8.27 -15.69 -56.38
N THR B 460 7.78 -16.72 -57.06
CA THR B 460 8.50 -17.99 -57.09
C THR B 460 9.71 -17.89 -58.01
N GLU B 461 10.67 -17.02 -57.65
CA GLU B 461 11.94 -16.91 -58.34
C GLU B 461 13.12 -16.96 -57.39
N HIS B 462 13.01 -16.31 -56.23
CA HIS B 462 14.10 -16.26 -55.26
C HIS B 462 13.49 -16.18 -53.86
N HIS B 463 14.35 -15.97 -52.86
CA HIS B 463 13.92 -15.81 -51.48
C HIS B 463 14.81 -14.78 -50.80
N GLN B 464 14.56 -14.57 -49.50
CA GLN B 464 15.31 -13.61 -48.71
C GLN B 464 15.66 -14.23 -47.36
N LEU B 465 16.69 -13.68 -46.73
CA LEU B 465 17.27 -14.23 -45.50
C LEU B 465 17.51 -13.12 -44.49
N VAL B 466 16.48 -12.30 -44.25
CA VAL B 466 16.61 -11.20 -43.29
C VAL B 466 16.97 -11.74 -41.92
N CYS B 467 17.99 -11.15 -41.30
CA CYS B 467 18.54 -11.67 -40.05
C CYS B 467 18.66 -10.54 -39.04
N LYS B 468 18.47 -10.89 -37.77
CA LYS B 468 18.58 -9.97 -36.64
C LYS B 468 19.57 -10.52 -35.64
N GLY B 469 19.95 -9.68 -34.67
CA GLY B 469 20.81 -10.14 -33.60
C GLY B 469 21.74 -9.08 -33.04
N ALA B 470 22.72 -9.50 -32.25
CA ALA B 470 23.68 -8.56 -31.68
C ALA B 470 24.63 -8.07 -32.75
N LEU B 471 25.24 -6.92 -32.47
CA LEU B 471 26.10 -6.28 -33.47
C LEU B 471 27.32 -7.13 -33.79
N GLN B 472 27.98 -7.67 -32.77
CA GLN B 472 29.19 -8.45 -33.01
C GLN B 472 28.87 -9.80 -33.65
N GLU B 473 27.69 -10.34 -33.38
CA GLU B 473 27.30 -11.65 -33.90
C GLU B 473 26.73 -11.58 -35.31
N ILE B 474 26.59 -10.38 -35.88
CA ILE B 474 26.23 -10.21 -37.27
C ILE B 474 27.37 -9.61 -38.08
N LEU B 475 28.10 -8.66 -37.48
CA LEU B 475 29.28 -8.10 -38.13
C LEU B 475 30.38 -9.13 -38.35
N ASN B 476 30.31 -10.26 -37.64
CA ASN B 476 31.28 -11.34 -37.79
C ASN B 476 31.00 -12.22 -38.99
N VAL B 477 29.89 -12.00 -39.70
CA VAL B 477 29.47 -12.89 -40.79
C VAL B 477 29.35 -12.12 -42.09
N CYS B 478 28.78 -10.93 -42.04
CA CYS B 478 28.47 -10.18 -43.24
C CYS B 478 29.73 -9.85 -44.04
N SER B 479 29.54 -9.63 -45.33
CA SER B 479 30.66 -9.35 -46.24
C SER B 479 30.51 -8.05 -47.03
N GLN B 480 29.31 -7.48 -47.13
CA GLN B 480 29.09 -6.25 -47.86
C GLN B 480 28.21 -5.31 -47.03
N VAL B 481 28.23 -4.04 -47.42
CA VAL B 481 27.44 -3.01 -46.76
C VAL B 481 26.70 -2.21 -47.83
N ARG B 482 25.38 -2.11 -47.70
CA ARG B 482 24.56 -1.32 -48.62
C ARG B 482 24.71 0.14 -48.24
N HIS B 483 25.72 0.79 -48.82
CA HIS B 483 26.06 2.16 -48.50
C HIS B 483 25.80 3.07 -49.70
N ASN B 484 25.16 4.21 -49.45
CA ASN B 484 24.88 5.22 -50.47
C ASN B 484 23.99 4.67 -51.58
N GLY B 485 23.19 3.65 -51.27
CA GLY B 485 22.29 3.09 -52.26
C GLY B 485 22.90 2.08 -53.19
N GLU B 486 24.16 1.70 -52.95
CA GLU B 486 24.82 0.72 -53.80
C GLU B 486 25.60 -0.26 -52.91
N ILE B 487 25.57 -1.52 -53.29
CA ILE B 487 26.22 -2.58 -52.52
C ILE B 487 27.73 -2.46 -52.70
N VAL B 488 28.43 -2.12 -51.62
CA VAL B 488 29.87 -1.91 -51.65
C VAL B 488 30.54 -2.95 -50.74
N PRO B 489 31.65 -3.56 -51.18
CA PRO B 489 32.34 -4.54 -50.32
C PRO B 489 32.80 -3.92 -49.00
N LEU B 490 32.73 -4.71 -47.95
CA LEU B 490 33.13 -4.29 -46.61
C LEU B 490 34.63 -4.43 -46.45
N ASP B 491 35.27 -3.42 -45.87
CA ASP B 491 36.71 -3.42 -45.62
C ASP B 491 36.99 -3.18 -44.14
N ASP B 492 38.28 -3.02 -43.82
CA ASP B 492 38.69 -3.02 -42.42
C ASP B 492 38.33 -1.72 -41.72
N ILE B 493 38.52 -0.57 -42.38
CA ILE B 493 38.26 0.71 -41.72
C ILE B 493 36.77 0.86 -41.44
N MET B 494 35.91 0.37 -42.33
CA MET B 494 34.48 0.37 -42.06
C MET B 494 34.11 -0.51 -40.88
N LEU B 495 35.00 -1.41 -40.46
CA LEU B 495 34.78 -2.17 -39.24
C LEU B 495 35.26 -1.45 -38.00
N ARG B 496 36.28 -0.59 -38.12
CA ARG B 496 36.74 0.21 -37.00
C ARG B 496 35.93 1.50 -36.84
N LYS B 497 35.07 1.82 -37.79
CA LYS B 497 34.14 2.94 -37.65
C LYS B 497 32.84 2.55 -36.93
N ILE B 498 32.27 1.39 -37.29
CA ILE B 498 31.03 0.95 -36.65
C ILE B 498 31.24 0.68 -35.17
N LYS B 499 32.34 0.01 -34.83
CA LYS B 499 32.58 -0.34 -33.43
C LYS B 499 33.03 0.85 -32.61
N ARG B 500 33.15 2.03 -33.22
CA ARG B 500 33.32 3.26 -32.45
C ARG B 500 32.01 4.05 -32.37
N VAL B 501 31.27 4.13 -33.48
CA VAL B 501 30.00 4.84 -33.47
C VAL B 501 29.02 4.16 -32.53
N THR B 502 28.91 2.83 -32.60
CA THR B 502 27.99 2.09 -31.75
C THR B 502 28.48 1.96 -30.32
N ASP B 503 29.79 2.09 -30.08
CA ASP B 503 30.27 2.18 -28.70
C ASP B 503 30.04 3.56 -28.12
N THR B 504 29.93 4.58 -28.96
CA THR B 504 29.46 5.88 -28.49
C THR B 504 27.95 5.87 -28.28
N LEU B 505 27.22 5.05 -29.04
CA LEU B 505 25.80 4.87 -28.78
C LEU B 505 25.58 4.17 -27.44
N ASN B 506 26.49 3.29 -27.03
CA ASN B 506 26.49 2.77 -25.67
C ASN B 506 27.03 3.84 -24.75
N ARG B 507 27.24 3.50 -23.47
CA ARG B 507 27.64 4.45 -22.43
C ARG B 507 26.53 5.46 -22.17
N GLN B 508 25.43 5.34 -22.92
CA GLN B 508 24.27 6.21 -22.77
C GLN B 508 23.02 5.45 -22.39
N GLY B 509 23.05 4.12 -22.35
CA GLY B 509 21.88 3.32 -22.08
C GLY B 509 21.17 2.79 -23.30
N LEU B 510 21.69 3.05 -24.50
CA LEU B 510 21.06 2.59 -25.72
C LEU B 510 21.59 1.23 -26.10
N ARG B 511 20.70 0.34 -26.52
CA ARG B 511 21.07 -0.97 -27.04
C ARG B 511 21.02 -0.95 -28.56
N VAL B 512 21.96 -1.67 -29.18
CA VAL B 512 22.12 -1.66 -30.63
C VAL B 512 21.81 -3.06 -31.15
N VAL B 513 20.93 -3.13 -32.15
CA VAL B 513 20.58 -4.38 -32.82
C VAL B 513 20.72 -4.18 -34.31
N ALA B 514 21.49 -5.04 -34.96
CA ALA B 514 21.77 -4.91 -36.38
C ALA B 514 20.79 -5.74 -37.21
N VAL B 515 20.80 -5.48 -38.51
CA VAL B 515 19.92 -6.17 -39.46
C VAL B 515 20.74 -6.49 -40.70
N ALA B 516 20.62 -7.73 -41.18
CA ALA B 516 21.32 -8.16 -42.39
C ALA B 516 20.41 -9.03 -43.23
N THR B 517 20.49 -8.86 -44.55
CA THR B 517 19.68 -9.61 -45.49
C THR B 517 20.58 -10.27 -46.52
N LYS B 518 19.98 -11.12 -47.36
CA LYS B 518 20.72 -11.82 -48.39
C LYS B 518 19.75 -12.31 -49.45
N TYR B 519 20.15 -12.20 -50.71
CA TYR B 519 19.32 -12.61 -51.84
C TYR B 519 19.71 -14.03 -52.23
N LEU B 520 18.74 -14.95 -52.17
CA LEU B 520 19.04 -16.36 -52.33
C LEU B 520 18.07 -16.99 -53.34
N PRO B 521 18.58 -17.80 -54.25
CA PRO B 521 17.74 -18.31 -55.35
C PRO B 521 16.72 -19.33 -54.85
N ALA B 522 15.86 -19.75 -55.78
CA ALA B 522 14.80 -20.70 -55.45
C ALA B 522 15.39 -22.03 -54.98
N ARG B 523 14.83 -22.56 -53.89
CA ARG B 523 15.25 -23.83 -53.31
C ARG B 523 14.02 -24.66 -53.00
N GLU B 524 14.26 -25.91 -52.58
CA GLU B 524 13.17 -26.81 -52.22
C GLU B 524 13.42 -27.58 -50.93
N GLY B 525 14.61 -27.51 -50.35
CA GLY B 525 14.95 -28.23 -49.14
C GLY B 525 14.70 -27.42 -47.89
N ASP B 526 15.41 -27.78 -46.82
CA ASP B 526 15.30 -27.12 -45.53
C ASP B 526 16.62 -26.46 -45.18
N TYR B 527 16.54 -25.25 -44.65
CA TYR B 527 17.73 -24.48 -44.32
C TYR B 527 18.32 -24.94 -42.99
N GLN B 528 19.59 -24.61 -42.78
CA GLN B 528 20.28 -24.97 -41.55
C GLN B 528 21.04 -23.77 -40.98
N ARG B 529 21.80 -23.99 -39.91
CA ARG B 529 22.53 -22.92 -39.26
C ARG B 529 23.65 -22.36 -40.13
N ALA B 530 24.17 -23.15 -41.08
CA ALA B 530 25.33 -22.75 -41.86
C ALA B 530 24.98 -21.99 -43.13
N ASP B 531 23.70 -21.83 -43.44
CA ASP B 531 23.31 -21.06 -44.62
C ASP B 531 23.51 -19.57 -44.44
N GLU B 532 23.71 -19.11 -43.20
CA GLU B 532 23.90 -17.69 -42.90
C GLU B 532 25.35 -17.33 -43.20
N SER B 533 25.65 -17.18 -44.49
CA SER B 533 26.99 -16.85 -44.93
C SER B 533 26.93 -15.76 -45.98
N ASP B 534 27.83 -14.78 -45.85
CA ASP B 534 28.01 -13.70 -46.83
C ASP B 534 26.70 -12.92 -47.02
N LEU B 535 26.26 -12.27 -45.95
CA LEU B 535 25.11 -11.39 -45.99
C LEU B 535 25.56 -9.95 -46.19
N ILE B 536 24.60 -9.09 -46.53
CA ILE B 536 24.86 -7.66 -46.74
C ILE B 536 24.28 -6.89 -45.57
N LEU B 537 25.13 -6.16 -44.85
CA LEU B 537 24.67 -5.38 -43.72
C LEU B 537 23.93 -4.15 -44.19
N GLU B 538 22.85 -3.81 -43.50
CA GLU B 538 22.00 -2.68 -43.87
C GLU B 538 22.05 -1.55 -42.85
N GLY B 539 21.91 -1.86 -41.57
CA GLY B 539 21.92 -0.83 -40.55
C GLY B 539 21.66 -1.43 -39.19
N TYR B 540 21.47 -0.56 -38.21
CA TYR B 540 21.17 -0.99 -36.86
C TYR B 540 20.00 -0.20 -36.32
N ILE B 541 19.52 -0.59 -35.14
CA ILE B 541 18.39 0.05 -34.47
C ILE B 541 18.79 0.28 -33.02
N ALA B 542 18.78 1.53 -32.59
CA ALA B 542 19.15 1.90 -31.24
C ALA B 542 17.92 2.37 -30.47
N PHE B 543 17.68 1.76 -29.32
CA PHE B 543 16.48 2.06 -28.54
C PHE B 543 16.86 2.19 -27.06
N LEU B 544 15.91 2.71 -26.27
CA LEU B 544 16.16 3.01 -24.87
C LEU B 544 14.94 2.63 -24.04
N ASP B 545 15.14 1.74 -23.06
CA ASP B 545 14.12 1.47 -22.06
C ASP B 545 14.52 2.12 -20.75
N PRO B 546 13.71 3.01 -20.19
CA PRO B 546 14.16 3.82 -19.07
C PRO B 546 14.08 3.07 -17.76
N PRO B 547 14.80 3.50 -16.74
CA PRO B 547 14.72 2.84 -15.43
C PRO B 547 13.34 3.01 -14.82
N LYS B 548 12.94 2.02 -14.02
CA LYS B 548 11.65 2.06 -13.34
C LYS B 548 11.72 3.05 -12.18
N GLU B 549 10.59 3.73 -11.93
CA GLU B 549 10.57 4.79 -10.93
C GLU B 549 10.80 4.23 -9.53
N THR B 550 10.11 3.15 -9.18
CA THR B 550 10.22 2.55 -7.85
C THR B 550 11.38 1.55 -7.80
N THR B 551 12.59 2.07 -8.03
CA THR B 551 13.79 1.25 -7.98
C THR B 551 14.75 1.70 -6.89
N ALA B 552 15.11 2.98 -6.85
CA ALA B 552 16.04 3.46 -5.83
C ALA B 552 15.52 3.27 -4.41
N PRO B 553 14.28 3.65 -4.05
CA PRO B 553 13.81 3.37 -2.69
C PRO B 553 13.83 1.90 -2.33
N ALA B 554 13.51 1.02 -3.29
CA ALA B 554 13.55 -0.41 -3.02
C ALA B 554 14.97 -0.86 -2.69
N LEU B 555 15.96 -0.38 -3.43
CA LEU B 555 17.34 -0.76 -3.15
C LEU B 555 17.80 -0.20 -1.81
N LYS B 556 17.38 1.03 -1.48
CA LYS B 556 17.73 1.59 -0.17
C LYS B 556 17.14 0.74 0.96
N ALA B 557 15.87 0.35 0.82
CA ALA B 557 15.24 -0.48 1.83
C ALA B 557 15.92 -1.84 1.95
N LEU B 558 16.29 -2.44 0.80
CA LEU B 558 16.95 -3.74 0.83
C LEU B 558 18.33 -3.64 1.45
N LYS B 559 19.03 -2.52 1.25
CA LYS B 559 20.32 -2.34 1.90
C LYS B 559 20.16 -2.07 3.38
N ALA B 560 19.06 -1.44 3.79
CA ALA B 560 18.81 -1.21 5.21
C ALA B 560 18.63 -2.52 5.97
N SER B 561 17.94 -3.49 5.35
CA SER B 561 17.66 -4.76 6.01
C SER B 561 18.83 -5.73 5.95
N GLY B 562 19.86 -5.45 5.17
CA GLY B 562 21.03 -6.30 5.08
C GLY B 562 21.07 -7.22 3.88
N ILE B 563 20.14 -7.08 2.94
CA ILE B 563 20.13 -7.95 1.78
C ILE B 563 20.96 -7.34 0.66
N THR B 564 22.22 -7.79 0.56
CA THR B 564 23.12 -7.35 -0.50
C THR B 564 22.59 -7.81 -1.85
N VAL B 565 22.58 -6.89 -2.82
CA VAL B 565 22.03 -7.15 -4.14
C VAL B 565 23.18 -7.27 -5.14
N LYS B 566 23.16 -8.34 -5.93
CA LYS B 566 24.16 -8.58 -6.97
C LYS B 566 23.46 -8.75 -8.31
N ILE B 567 24.10 -8.30 -9.37
CA ILE B 567 23.53 -8.31 -10.71
C ILE B 567 24.27 -9.36 -11.53
N LEU B 568 23.51 -10.29 -12.11
CA LEU B 568 24.04 -11.32 -13.00
C LEU B 568 23.32 -11.16 -14.33
N THR B 569 23.85 -10.29 -15.19
CA THR B 569 23.21 -10.01 -16.47
C THR B 569 23.90 -10.77 -17.60
N GLY B 570 23.25 -10.78 -18.76
CA GLY B 570 23.78 -11.42 -19.94
C GLY B 570 23.84 -10.48 -21.11
N ASP B 571 23.96 -9.19 -20.83
CA ASP B 571 23.98 -8.14 -21.83
C ASP B 571 25.39 -7.56 -21.94
N SER B 572 25.54 -6.50 -22.72
CA SER B 572 26.84 -5.88 -22.92
C SER B 572 27.37 -5.33 -21.60
N GLU B 573 28.70 -5.14 -21.55
CA GLU B 573 29.36 -4.63 -20.36
C GLU B 573 29.46 -3.12 -20.32
N LEU B 574 29.12 -2.43 -21.42
CA LEU B 574 29.10 -0.97 -21.40
C LEU B 574 27.73 -0.47 -20.95
N VAL B 575 26.66 -0.98 -21.54
CA VAL B 575 25.32 -0.83 -21.01
C VAL B 575 25.26 -1.77 -19.81
N ALA B 576 24.22 -1.65 -18.99
CA ALA B 576 24.04 -2.35 -17.71
C ALA B 576 25.03 -1.85 -16.67
N ALA B 577 25.93 -0.94 -17.02
CA ALA B 577 26.73 -0.19 -16.06
C ALA B 577 26.28 1.25 -15.92
N LYS B 578 25.74 1.84 -17.00
CA LYS B 578 25.07 3.12 -16.89
C LYS B 578 23.71 2.96 -16.21
N VAL B 579 23.02 1.84 -16.47
CA VAL B 579 21.73 1.59 -15.84
C VAL B 579 21.89 1.46 -14.33
N CYS B 580 22.92 0.73 -13.90
CA CYS B 580 23.19 0.63 -12.46
C CYS B 580 23.59 1.96 -11.85
N HIS B 581 24.20 2.85 -12.64
CA HIS B 581 24.56 4.17 -12.12
C HIS B 581 23.36 5.10 -12.03
N GLU B 582 22.38 4.93 -12.92
CA GLU B 582 21.22 5.81 -12.91
C GLU B 582 20.32 5.55 -11.71
N VAL B 583 20.21 4.30 -11.26
CA VAL B 583 19.38 3.96 -10.11
C VAL B 583 20.10 4.15 -8.78
N GLY B 584 21.38 4.54 -8.81
CA GLY B 584 22.13 4.81 -7.60
C GLY B 584 22.93 3.65 -7.07
N LEU B 585 22.70 2.44 -7.55
CA LEU B 585 23.46 1.28 -7.09
C LEU B 585 24.91 1.40 -7.52
N ASP B 586 25.82 1.12 -6.60
CA ASP B 586 27.25 1.19 -6.91
C ASP B 586 27.64 -0.02 -7.77
N ALA B 587 28.60 0.20 -8.66
CA ALA B 587 29.07 -0.85 -9.55
C ALA B 587 30.57 -1.12 -9.40
N GLY B 588 31.38 -0.08 -9.26
CA GLY B 588 32.81 -0.25 -9.11
C GLY B 588 33.46 -0.92 -10.31
N GLU B 589 33.92 -2.15 -10.13
CA GLU B 589 34.60 -2.90 -11.18
C GLU B 589 33.65 -3.94 -11.77
N VAL B 590 33.74 -4.12 -13.09
CA VAL B 590 32.85 -5.01 -13.82
C VAL B 590 33.62 -6.26 -14.21
N VAL B 591 32.99 -7.42 -14.03
CA VAL B 591 33.61 -8.71 -14.33
C VAL B 591 32.90 -9.29 -15.55
N ILE B 592 33.68 -9.63 -16.57
CA ILE B 592 33.16 -10.21 -17.80
C ILE B 592 33.12 -11.72 -17.65
N GLY B 593 32.16 -12.37 -18.30
CA GLY B 593 31.96 -13.79 -18.14
C GLY B 593 33.00 -14.66 -18.81
N SER B 594 33.87 -14.09 -19.65
CA SER B 594 34.94 -14.87 -20.26
C SER B 594 36.07 -15.14 -19.29
N ASP B 595 36.30 -14.24 -18.33
CA ASP B 595 37.36 -14.43 -17.35
C ASP B 595 37.03 -15.57 -16.39
N ILE B 596 35.75 -15.74 -16.08
CA ILE B 596 35.34 -16.76 -15.12
C ILE B 596 35.61 -18.16 -15.65
N GLU B 597 35.70 -18.31 -16.98
CA GLU B 597 35.83 -19.64 -17.57
C GLU B 597 37.21 -20.24 -17.34
N THR B 598 38.17 -19.46 -16.86
CA THR B 598 39.53 -19.94 -16.62
C THR B 598 39.96 -19.69 -15.19
N LEU B 599 39.04 -19.87 -14.24
CA LEU B 599 39.32 -19.66 -12.83
C LEU B 599 38.94 -20.89 -12.03
N SER B 600 39.72 -21.16 -10.98
CA SER B 600 39.43 -22.30 -10.10
C SER B 600 38.30 -21.95 -9.14
N ASP B 601 37.96 -22.92 -8.30
CA ASP B 601 36.82 -22.74 -7.39
C ASP B 601 37.14 -21.77 -6.28
N ASP B 602 38.34 -21.85 -5.70
CA ASP B 602 38.70 -20.95 -4.60
C ASP B 602 38.81 -19.50 -5.08
N GLU B 603 39.42 -19.28 -6.24
CA GLU B 603 39.54 -17.92 -6.76
C GLU B 603 38.18 -17.32 -7.07
N LEU B 604 37.28 -18.10 -7.65
CA LEU B 604 35.93 -17.61 -7.94
C LEU B 604 35.14 -17.38 -6.65
N ALA B 605 35.36 -18.22 -5.64
CA ALA B 605 34.67 -18.04 -4.37
C ALA B 605 35.12 -16.77 -3.67
N ASN B 606 36.42 -16.48 -3.70
CA ASN B 606 36.91 -15.26 -3.07
C ASN B 606 36.84 -14.04 -3.99
N LEU B 607 36.41 -14.23 -5.24
CA LEU B 607 36.25 -13.09 -6.14
C LEU B 607 34.80 -12.60 -6.16
N ALA B 608 33.85 -13.53 -6.12
CA ALA B 608 32.42 -13.20 -6.24
C ALA B 608 31.86 -12.54 -5.00
N GLN B 609 32.70 -12.12 -4.06
CA GLN B 609 32.24 -11.46 -2.84
C GLN B 609 32.37 -9.93 -2.91
N ARG B 610 33.00 -9.39 -3.95
CA ARG B 610 33.23 -7.95 -4.02
C ARG B 610 33.09 -7.40 -5.43
N THR B 611 32.21 -7.99 -6.25
CA THR B 611 32.04 -7.58 -7.64
C THR B 611 30.79 -6.74 -7.88
N THR B 612 29.63 -7.22 -7.46
CA THR B 612 28.33 -6.55 -7.56
C THR B 612 27.83 -6.50 -9.00
N LEU B 613 28.61 -6.94 -9.98
CA LEU B 613 28.16 -6.89 -11.37
C LEU B 613 28.88 -7.96 -12.17
N PHE B 614 28.13 -8.67 -13.02
CA PHE B 614 28.67 -9.68 -13.90
C PHE B 614 28.03 -9.52 -15.27
N ALA B 615 28.84 -9.18 -16.27
CA ALA B 615 28.33 -8.93 -17.62
C ALA B 615 28.74 -10.07 -18.55
N ARG B 616 27.90 -10.30 -19.57
CA ARG B 616 28.15 -11.30 -20.61
C ARG B 616 28.33 -12.69 -20.02
N LEU B 617 27.24 -13.20 -19.43
CA LEU B 617 27.23 -14.52 -18.80
C LEU B 617 26.33 -15.46 -19.58
N THR B 618 26.83 -16.65 -19.88
CA THR B 618 26.00 -17.75 -20.30
C THR B 618 25.33 -18.39 -19.10
N PRO B 619 24.23 -19.12 -19.29
CA PRO B 619 23.53 -19.71 -18.13
C PRO B 619 24.39 -20.63 -17.28
N MET B 620 25.38 -21.30 -17.88
CA MET B 620 26.29 -22.12 -17.08
C MET B 620 27.07 -21.27 -16.08
N HIS B 621 27.54 -20.10 -16.50
CA HIS B 621 28.20 -19.18 -15.58
C HIS B 621 27.25 -18.74 -14.49
N LYS B 622 25.99 -18.45 -14.85
CA LYS B 622 25.00 -18.06 -13.84
C LYS B 622 24.85 -19.14 -12.79
N GLU B 623 24.66 -20.40 -13.21
CA GLU B 623 24.49 -21.48 -12.26
C GLU B 623 25.74 -21.69 -11.40
N ARG B 624 26.92 -21.64 -12.01
CA ARG B 624 28.15 -21.84 -11.24
C ARG B 624 28.32 -20.74 -10.19
N ILE B 625 28.09 -19.48 -10.57
CA ILE B 625 28.26 -18.39 -9.63
C ILE B 625 27.22 -18.47 -8.51
N VAL B 626 25.98 -18.84 -8.85
CA VAL B 626 24.97 -19.01 -7.82
C VAL B 626 25.37 -20.12 -6.85
N THR B 627 25.92 -21.21 -7.38
CA THR B 627 26.36 -22.31 -6.51
C THR B 627 27.51 -21.89 -5.61
N LEU B 628 28.44 -21.08 -6.14
CA LEU B 628 29.65 -20.76 -5.38
C LEU B 628 29.51 -19.56 -4.47
N LEU B 629 28.31 -18.99 -4.33
CA LEU B 629 28.11 -17.88 -3.40
C LEU B 629 27.62 -18.34 -2.04
N LYS B 630 27.43 -19.65 -1.84
CA LYS B 630 27.03 -20.21 -0.55
C LYS B 630 28.22 -20.84 0.17
N ARG B 631 29.39 -20.24 0.05
CA ARG B 631 30.61 -20.84 0.59
C ARG B 631 30.66 -20.73 2.11
N GLU B 632 30.61 -19.50 2.62
CA GLU B 632 30.73 -19.25 4.06
C GLU B 632 29.57 -19.89 4.83
N GLY B 633 28.37 -19.82 4.27
CA GLY B 633 27.18 -20.23 5.00
C GLY B 633 26.01 -19.31 4.70
N HIS B 634 26.25 -18.33 3.84
CA HIS B 634 25.22 -17.38 3.45
C HIS B 634 24.05 -18.09 2.78
N VAL B 635 22.97 -17.35 2.59
CA VAL B 635 21.80 -17.84 1.88
C VAL B 635 21.60 -16.98 0.64
N VAL B 636 21.48 -17.61 -0.52
CA VAL B 636 21.51 -16.94 -1.81
C VAL B 636 20.17 -17.17 -2.50
N GLY B 637 19.56 -16.10 -2.97
CA GLY B 637 18.30 -16.17 -3.70
C GLY B 637 18.47 -15.69 -5.13
N PHE B 638 17.77 -16.35 -6.05
CA PHE B 638 17.84 -16.02 -7.46
C PHE B 638 16.46 -15.62 -7.96
N MET B 639 16.38 -14.46 -8.59
CA MET B 639 15.15 -13.97 -9.21
C MET B 639 15.34 -13.99 -10.72
N GLY B 640 14.47 -14.71 -11.42
CA GLY B 640 14.58 -14.83 -12.86
C GLY B 640 13.40 -15.54 -13.47
N ASP B 641 13.08 -15.21 -14.73
CA ASP B 641 11.88 -15.75 -15.36
C ASP B 641 12.09 -16.11 -16.82
N GLY B 642 13.32 -16.45 -17.22
CA GLY B 642 13.60 -16.75 -18.61
C GLY B 642 13.21 -18.17 -18.97
N ILE B 643 13.60 -18.56 -20.19
CA ILE B 643 13.36 -19.92 -20.67
C ILE B 643 14.52 -20.84 -20.40
N ASN B 644 15.65 -20.32 -19.89
CA ASN B 644 16.85 -21.11 -19.69
C ASN B 644 17.33 -21.13 -18.25
N ASP B 645 16.69 -20.40 -17.36
CA ASP B 645 17.08 -20.37 -15.95
C ASP B 645 16.35 -21.45 -15.14
N ALA B 646 16.41 -22.68 -15.62
CA ALA B 646 15.82 -23.82 -14.92
C ALA B 646 16.72 -24.33 -13.80
N PRO B 647 18.04 -24.58 -14.04
CA PRO B 647 18.86 -25.12 -12.96
C PRO B 647 19.26 -24.08 -11.93
N ALA B 648 19.26 -22.81 -12.33
CA ALA B 648 19.70 -21.75 -11.42
C ALA B 648 18.69 -21.53 -10.30
N LEU B 649 17.40 -21.57 -10.63
CA LEU B 649 16.37 -21.41 -9.60
C LEU B 649 16.36 -22.54 -8.59
N ARG B 650 16.83 -23.72 -8.98
CA ARG B 650 16.86 -24.87 -8.08
C ARG B 650 18.17 -24.95 -7.31
N ALA B 651 19.29 -24.53 -7.91
CA ALA B 651 20.56 -24.56 -7.22
C ALA B 651 20.59 -23.58 -6.05
N ALA B 652 19.98 -22.42 -6.21
CA ALA B 652 19.94 -21.43 -5.15
C ALA B 652 19.08 -21.92 -3.99
N ASP B 653 19.18 -21.23 -2.86
CA ASP B 653 18.46 -21.61 -1.66
C ASP B 653 17.02 -21.14 -1.66
N ILE B 654 16.62 -20.30 -2.62
CA ILE B 654 15.22 -19.90 -2.75
C ILE B 654 14.96 -19.53 -4.21
N GLY B 655 13.89 -20.08 -4.77
CA GLY B 655 13.52 -19.84 -6.15
C GLY B 655 12.49 -18.76 -6.38
N ILE B 656 12.86 -17.48 -6.19
CA ILE B 656 11.90 -16.41 -6.41
C ILE B 656 11.62 -16.26 -7.90
N SER B 657 10.34 -16.26 -8.27
CA SER B 657 9.95 -16.11 -9.67
C SER B 657 8.85 -15.07 -9.82
N VAL B 658 8.28 -14.96 -11.02
CA VAL B 658 7.24 -13.99 -11.31
C VAL B 658 6.09 -14.69 -12.04
N ASP B 659 4.86 -14.44 -11.60
CA ASP B 659 3.70 -14.98 -12.30
C ASP B 659 3.56 -14.34 -13.67
N GLY B 660 3.18 -15.14 -14.65
CA GLY B 660 3.12 -14.71 -16.03
C GLY B 660 4.36 -15.01 -16.85
N ALA B 661 5.28 -15.80 -16.31
CA ALA B 661 6.54 -16.12 -16.96
C ALA B 661 6.40 -17.43 -17.74
N VAL B 662 7.54 -17.96 -18.19
CA VAL B 662 7.54 -19.26 -18.86
C VAL B 662 7.19 -20.35 -17.85
N ASP B 663 6.53 -21.40 -18.35
CA ASP B 663 6.00 -22.44 -17.46
C ASP B 663 7.12 -23.15 -16.70
N ILE B 664 8.25 -23.42 -17.37
CA ILE B 664 9.34 -24.12 -16.70
C ILE B 664 9.92 -23.28 -15.58
N ALA B 665 9.96 -21.96 -15.76
CA ALA B 665 10.44 -21.07 -14.69
C ALA B 665 9.55 -21.13 -13.45
N ARG B 666 8.23 -21.25 -13.62
CA ARG B 666 7.32 -21.38 -12.50
C ARG B 666 7.33 -22.77 -11.88
N GLU B 667 7.55 -23.82 -12.67
CA GLU B 667 7.56 -25.18 -12.14
C GLU B 667 8.77 -25.48 -11.28
N ALA B 668 9.77 -24.59 -11.26
CA ALA B 668 10.97 -24.80 -10.46
C ALA B 668 11.21 -23.62 -9.54
N ALA B 669 10.18 -23.18 -8.84
CA ALA B 669 10.25 -22.00 -8.00
C ALA B 669 9.52 -22.26 -6.68
N ASP B 670 9.82 -21.44 -5.68
CA ASP B 670 9.20 -21.54 -4.37
C ASP B 670 8.22 -20.42 -4.08
N ILE B 671 8.53 -19.19 -4.49
CA ILE B 671 7.65 -18.04 -4.31
C ILE B 671 7.34 -17.47 -5.68
N ILE B 672 6.05 -17.32 -5.98
CA ILE B 672 5.60 -16.80 -7.26
C ILE B 672 5.00 -15.43 -6.99
N LEU B 673 5.78 -14.37 -7.23
CA LEU B 673 5.25 -13.03 -7.13
C LEU B 673 4.19 -12.79 -8.19
N LEU B 674 3.14 -12.04 -7.83
CA LEU B 674 2.09 -11.72 -8.77
C LEU B 674 2.33 -10.42 -9.50
N GLU B 675 3.45 -9.76 -9.26
CA GLU B 675 3.79 -8.51 -9.95
C GLU B 675 5.29 -8.30 -9.85
N LYS B 676 5.97 -8.28 -10.99
CA LYS B 676 7.41 -8.09 -11.00
C LYS B 676 7.77 -6.71 -10.46
N SER B 677 8.49 -6.67 -9.35
CA SER B 677 8.92 -5.42 -8.73
C SER B 677 9.90 -5.76 -7.62
N LEU B 678 10.58 -4.73 -7.13
CA LEU B 678 11.49 -4.86 -6.00
C LEU B 678 10.93 -4.26 -4.72
N MET B 679 9.67 -3.82 -4.72
CA MET B 679 9.01 -3.32 -3.52
C MET B 679 8.07 -4.34 -2.91
N VAL B 680 7.38 -5.13 -3.75
CA VAL B 680 6.57 -6.23 -3.23
C VAL B 680 7.44 -7.23 -2.50
N LEU B 681 8.60 -7.57 -3.09
CA LEU B 681 9.54 -8.46 -2.43
C LEU B 681 10.00 -7.90 -1.09
N GLU B 682 10.30 -6.61 -1.05
CA GLU B 682 10.76 -5.99 0.20
C GLU B 682 9.67 -6.02 1.27
N GLU B 683 8.43 -5.71 0.90
CA GLU B 683 7.36 -5.75 1.87
C GLU B 683 7.01 -7.17 2.29
N GLY B 684 7.31 -8.18 1.46
CA GLY B 684 7.07 -9.55 1.85
C GLY B 684 8.16 -10.13 2.72
N VAL B 685 9.39 -9.65 2.56
CA VAL B 685 10.50 -10.15 3.37
C VAL B 685 10.26 -9.85 4.84
N ILE B 686 9.72 -8.67 5.14
CA ILE B 686 9.46 -8.29 6.53
C ILE B 686 8.44 -9.23 7.15
N GLU B 687 7.36 -9.53 6.42
CA GLU B 687 6.35 -10.45 6.95
C GLU B 687 6.92 -11.85 7.11
N GLY B 688 7.78 -12.27 6.19
CA GLY B 688 8.42 -13.57 6.32
C GLY B 688 9.29 -13.66 7.56
N ARG B 689 10.05 -12.60 7.83
CA ARG B 689 10.85 -12.56 9.06
C ARG B 689 9.96 -12.52 10.30
N ARG B 690 8.81 -11.84 10.21
CA ARG B 690 7.96 -11.63 11.37
C ARG B 690 7.19 -12.88 11.75
N THR B 691 6.79 -13.71 10.79
CA THR B 691 6.08 -14.94 11.11
C THR B 691 6.98 -15.92 11.85
N PHE B 692 8.24 -16.03 11.44
CA PHE B 692 9.16 -16.94 12.10
C PHE B 692 9.43 -16.53 13.53
N ALA B 693 9.42 -15.22 13.82
CA ALA B 693 9.56 -14.76 15.19
C ALA B 693 8.41 -15.22 16.06
N ASN B 694 7.18 -15.16 15.51
CA ASN B 694 6.03 -15.67 16.25
C ASN B 694 6.14 -17.16 16.48
N MET B 695 6.62 -17.90 15.48
CA MET B 695 6.83 -19.34 15.67
C MET B 695 7.84 -19.62 16.78
N LEU B 696 8.96 -18.90 16.77
CA LEU B 696 9.98 -19.11 17.79
C LEU B 696 9.45 -18.77 19.18
N LYS B 697 8.69 -17.68 19.30
CA LYS B 697 8.08 -17.32 20.56
C LYS B 697 7.11 -18.39 21.05
N TYR B 698 6.28 -18.90 20.13
CA TYR B 698 5.29 -19.91 20.50
C TYR B 698 5.95 -21.21 20.92
N ILE B 699 7.10 -21.54 20.34
CA ILE B 699 7.85 -22.70 20.80
C ILE B 699 8.48 -22.43 22.16
N LYS B 700 9.08 -21.25 22.34
CA LYS B 700 9.88 -21.00 23.53
C LYS B 700 9.02 -20.86 24.78
N MET B 701 7.95 -20.07 24.72
CA MET B 701 7.17 -19.76 25.91
C MET B 701 6.24 -20.89 26.35
N THR B 702 6.37 -22.06 25.77
CA THR B 702 5.56 -23.20 26.17
C THR B 702 6.33 -24.26 26.95
N ALA B 703 7.52 -24.63 26.48
CA ALA B 703 8.30 -25.68 27.12
C ALA B 703 8.95 -25.25 28.42
N SER B 704 9.34 -23.98 28.54
CA SER B 704 10.04 -23.52 29.74
C SER B 704 9.14 -23.62 30.97
N SER B 705 7.89 -23.16 30.87
CA SER B 705 6.97 -23.24 32.00
C SER B 705 6.68 -24.69 32.39
N ASN B 706 6.53 -25.56 31.40
CA ASN B 706 6.28 -26.97 31.69
C ASN B 706 7.48 -27.60 32.40
N PHE B 707 8.69 -27.28 31.96
CA PHE B 707 9.87 -27.77 32.65
C PHE B 707 9.94 -27.23 34.08
N GLY B 708 9.55 -25.97 34.26
CA GLY B 708 9.51 -25.40 35.60
C GLY B 708 8.54 -26.15 36.49
N ASN B 709 7.36 -26.49 35.97
CA ASN B 709 6.41 -27.27 36.76
C ASN B 709 6.95 -28.65 37.09
N VAL B 710 7.62 -29.30 36.13
CA VAL B 710 8.18 -30.62 36.39
C VAL B 710 9.24 -30.55 37.48
N PHE B 711 10.12 -29.54 37.40
CA PHE B 711 11.17 -29.38 38.41
C PHE B 711 10.56 -29.08 39.78
N SER B 712 9.52 -28.25 39.82
CA SER B 712 8.86 -27.93 41.08
C SER B 712 8.27 -29.19 41.69
N VAL B 713 7.61 -30.02 40.89
CA VAL B 713 7.05 -31.26 41.40
C VAL B 713 8.15 -32.17 41.93
N LEU B 714 9.24 -32.30 41.17
CA LEU B 714 10.34 -33.17 41.60
C LEU B 714 10.93 -32.70 42.91
N VAL B 715 11.06 -31.39 43.10
CA VAL B 715 11.63 -30.87 44.34
C VAL B 715 10.67 -31.04 45.50
N ALA B 716 9.39 -30.73 45.29
CA ALA B 716 8.48 -30.57 46.43
C ALA B 716 7.66 -31.82 46.74
N SER B 717 7.74 -32.86 45.90
CA SER B 717 6.90 -34.03 46.17
C SER B 717 7.54 -35.03 47.12
N ALA B 718 8.79 -34.81 47.53
CA ALA B 718 9.45 -35.76 48.42
C ALA B 718 8.91 -35.66 49.83
N PHE B 719 8.98 -34.45 50.42
CA PHE B 719 8.56 -34.28 51.81
C PHE B 719 7.04 -34.25 51.96
N LEU B 720 6.32 -33.96 50.89
CA LEU B 720 4.87 -33.85 50.98
C LEU B 720 4.25 -35.24 51.11
N PRO B 721 3.31 -35.44 52.04
CA PRO B 721 2.72 -36.77 52.23
C PRO B 721 1.60 -37.13 51.27
N PHE B 722 1.33 -36.30 50.27
CA PHE B 722 0.29 -36.61 49.29
C PHE B 722 0.57 -35.81 48.02
N LEU B 723 -0.17 -36.15 46.97
CA LEU B 723 0.04 -35.53 45.67
C LEU B 723 -0.38 -34.06 45.73
N PRO B 724 0.51 -33.13 45.37
CA PRO B 724 0.14 -31.70 45.46
C PRO B 724 -1.06 -31.32 44.60
N MET B 725 -1.19 -31.93 43.41
CA MET B 725 -2.32 -31.65 42.54
C MET B 725 -2.75 -32.95 41.86
N LEU B 726 -4.05 -33.21 41.85
CA LEU B 726 -4.56 -34.42 41.22
C LEU B 726 -4.38 -34.32 39.70
N PRO B 727 -4.21 -35.47 39.04
CA PRO B 727 -3.89 -35.43 37.60
C PRO B 727 -4.93 -34.73 36.74
N LEU B 728 -6.21 -34.85 37.08
CA LEU B 728 -7.25 -34.18 36.32
C LEU B 728 -7.03 -32.68 36.29
N HIS B 729 -6.62 -32.11 37.43
CA HIS B 729 -6.37 -30.67 37.48
C HIS B 729 -5.22 -30.28 36.57
N LEU B 730 -4.16 -31.10 36.53
CA LEU B 730 -3.05 -30.81 35.64
C LEU B 730 -3.47 -30.90 34.18
N LEU B 731 -4.28 -31.90 33.83
CA LEU B 731 -4.75 -32.03 32.46
C LEU B 731 -5.60 -30.84 32.05
N ILE B 732 -6.52 -30.41 32.92
CA ILE B 732 -7.34 -29.25 32.57
C ILE B 732 -6.50 -27.98 32.54
N GLN B 733 -5.46 -27.90 33.36
CA GLN B 733 -4.54 -26.77 33.30
C GLN B 733 -3.86 -26.70 31.94
N ASN B 734 -3.34 -27.83 31.47
CA ASN B 734 -2.70 -27.87 30.16
C ASN B 734 -3.68 -27.51 29.06
N LEU B 735 -4.92 -28.03 29.15
CA LEU B 735 -5.91 -27.74 28.13
C LEU B 735 -6.24 -26.26 28.08
N LEU B 736 -6.46 -25.64 29.25
CA LEU B 736 -6.77 -24.21 29.27
C LEU B 736 -5.60 -23.38 28.80
N TYR B 737 -4.37 -23.78 29.16
CA TYR B 737 -3.19 -23.07 28.67
C TYR B 737 -3.08 -23.14 27.17
N ASP B 738 -3.34 -24.30 26.59
CA ASP B 738 -3.32 -24.42 25.13
C ASP B 738 -4.39 -23.55 24.49
N VAL B 739 -5.59 -23.52 25.07
CA VAL B 739 -6.66 -22.68 24.54
C VAL B 739 -6.25 -21.21 24.60
N SER B 740 -5.56 -20.80 25.66
CA SER B 740 -5.06 -19.44 25.74
C SER B 740 -3.98 -19.17 24.69
N GLN B 741 -3.12 -20.15 24.43
CA GLN B 741 -2.03 -19.98 23.49
C GLN B 741 -2.49 -20.00 22.03
N VAL B 742 -3.69 -20.49 21.75
CA VAL B 742 -4.20 -20.53 20.37
C VAL B 742 -4.02 -19.19 19.67
N ALA B 743 -4.10 -18.07 20.39
CA ALA B 743 -4.10 -16.76 19.77
C ALA B 743 -2.71 -16.17 19.60
N ILE B 744 -1.65 -16.92 19.88
CA ILE B 744 -0.29 -16.40 19.71
C ILE B 744 0.02 -16.03 18.27
N PRO B 745 -0.33 -16.84 17.24
CA PRO B 745 0.06 -16.45 15.88
C PRO B 745 -0.79 -15.32 15.32
N PHE B 746 -1.05 -14.32 16.16
CA PHE B 746 -1.64 -13.06 15.73
C PHE B 746 -1.01 -11.89 16.47
N ASP B 747 0.23 -12.03 16.91
CA ASP B 747 0.85 -11.11 17.85
C ASP B 747 1.66 -10.04 17.12
N ASN B 748 2.05 -9.01 17.86
CA ASN B 748 2.85 -7.91 17.33
C ASN B 748 4.32 -8.16 17.65
N VAL B 749 5.17 -8.11 16.63
CA VAL B 749 6.59 -8.33 16.79
C VAL B 749 7.31 -6.99 16.75
N ASP B 750 8.22 -6.79 17.70
CA ASP B 750 8.94 -5.53 17.80
C ASP B 750 9.82 -5.31 16.58
N ASP B 751 9.98 -4.05 16.19
CA ASP B 751 10.81 -3.72 15.04
C ASP B 751 12.27 -3.65 15.44
N GLU B 752 12.76 -4.69 16.12
CA GLU B 752 14.18 -4.81 16.45
C GLU B 752 14.75 -6.19 16.21
N GLN B 753 13.93 -7.24 16.21
CA GLN B 753 14.38 -8.60 15.93
C GLN B 753 14.33 -8.94 14.44
N ILE B 754 13.81 -8.03 13.61
CA ILE B 754 13.58 -8.31 12.20
C ILE B 754 14.36 -7.36 11.29
N GLN B 755 15.25 -6.55 11.86
CA GLN B 755 16.10 -5.66 11.06
C GLN B 755 17.46 -6.27 10.78
N LYS B 756 17.54 -7.59 10.67
CA LYS B 756 18.79 -8.30 10.45
C LYS B 756 18.44 -9.66 9.86
N PRO B 757 19.25 -10.18 8.94
CA PRO B 757 18.94 -11.50 8.36
C PRO B 757 19.11 -12.60 9.40
N GLN B 758 18.09 -12.76 10.23
CA GLN B 758 18.11 -13.69 11.34
C GLN B 758 18.35 -15.12 10.86
N ARG B 759 18.80 -15.97 11.78
CA ARG B 759 18.96 -17.39 11.49
C ARG B 759 18.72 -18.18 12.78
N TRP B 760 18.37 -19.44 12.60
CA TRP B 760 17.79 -20.26 13.66
C TRP B 760 18.84 -21.19 14.26
N ASN B 761 18.81 -21.31 15.59
CA ASN B 761 19.68 -22.22 16.33
C ASN B 761 18.83 -23.04 17.29
N PRO B 762 18.62 -24.32 17.01
CA PRO B 762 17.74 -25.12 17.87
C PRO B 762 18.28 -25.35 19.28
N ALA B 763 19.59 -25.15 19.50
CA ALA B 763 20.16 -25.41 20.81
C ALA B 763 19.82 -24.33 21.83
N ASP B 764 19.27 -23.20 21.37
CA ASP B 764 18.92 -22.13 22.31
C ASP B 764 17.73 -22.51 23.18
N LEU B 765 16.93 -23.49 22.75
CA LEU B 765 15.79 -23.93 23.56
C LEU B 765 16.25 -24.71 24.78
N GLY B 766 17.42 -25.35 24.71
CA GLY B 766 17.96 -26.03 25.85
C GLY B 766 18.66 -25.13 26.85
N ARG B 767 18.70 -23.84 26.58
CA ARG B 767 19.30 -22.84 27.46
C ARG B 767 18.26 -21.87 28.00
N PHE B 768 17.37 -21.38 27.13
CA PHE B 768 16.28 -20.52 27.59
C PHE B 768 15.36 -21.25 28.55
N MET B 769 15.24 -22.57 28.40
CA MET B 769 14.41 -23.37 29.28
C MET B 769 15.07 -23.68 30.61
N ILE B 770 16.38 -23.53 30.71
CA ILE B 770 17.09 -23.79 31.98
C ILE B 770 17.23 -22.48 32.73
N PHE B 771 17.41 -21.37 32.00
CA PHE B 771 17.54 -20.09 32.68
C PHE B 771 16.21 -19.57 33.21
N PHE B 772 15.12 -19.77 32.46
CA PHE B 772 13.82 -19.24 32.84
C PHE B 772 12.90 -20.27 33.49
N GLY B 773 13.35 -21.51 33.64
CA GLY B 773 12.54 -22.55 34.22
C GLY B 773 12.40 -22.43 35.73
N PRO B 774 13.51 -22.60 36.45
CA PRO B 774 13.45 -22.58 37.92
C PRO B 774 12.97 -21.28 38.51
N ILE B 775 12.88 -20.20 37.73
CA ILE B 775 12.36 -18.93 38.24
C ILE B 775 10.92 -19.04 38.69
N SER B 776 10.20 -20.08 38.25
CA SER B 776 8.85 -20.34 38.72
C SER B 776 8.79 -21.35 39.85
N SER B 777 9.89 -22.05 40.12
CA SER B 777 9.88 -23.06 41.18
C SER B 777 9.94 -22.43 42.56
N ILE B 778 10.67 -21.33 42.70
CA ILE B 778 10.79 -20.67 44.00
C ILE B 778 9.42 -20.19 44.47
N PHE B 779 8.67 -19.53 43.58
CA PHE B 779 7.35 -19.05 43.97
C PHE B 779 6.37 -20.20 44.16
N ASP B 780 6.57 -21.31 43.45
CA ASP B 780 5.70 -22.46 43.64
C ASP B 780 5.89 -23.08 45.02
N ILE B 781 7.15 -23.28 45.43
CA ILE B 781 7.38 -23.84 46.76
C ILE B 781 6.99 -22.83 47.84
N LEU B 782 7.14 -21.53 47.57
CA LEU B 782 6.68 -20.53 48.51
C LEU B 782 5.16 -20.60 48.69
N THR B 783 4.43 -20.79 47.58
CA THR B 783 2.98 -20.97 47.67
C THR B 783 2.63 -22.22 48.45
N PHE B 784 3.36 -23.31 48.22
CA PHE B 784 3.15 -24.52 48.99
C PHE B 784 3.30 -24.25 50.49
N CYS B 785 4.38 -23.59 50.88
CA CYS B 785 4.62 -23.31 52.29
C CYS B 785 3.54 -22.40 52.86
N LEU B 786 3.14 -21.37 52.10
CA LEU B 786 2.14 -20.43 52.58
C LEU B 786 0.80 -21.13 52.78
N MET B 787 0.40 -22.00 51.84
CA MET B 787 -0.85 -22.70 52.01
C MET B 787 -0.80 -23.74 53.13
N TRP B 788 0.36 -24.37 53.34
CA TRP B 788 0.46 -25.37 54.39
C TRP B 788 0.43 -24.74 55.79
N TRP B 789 1.20 -23.66 55.98
CA TRP B 789 1.30 -23.08 57.32
C TRP B 789 0.16 -22.11 57.62
N VAL B 790 -0.05 -21.09 56.76
CA VAL B 790 -1.03 -20.07 57.05
C VAL B 790 -2.45 -20.61 57.02
N PHE B 791 -2.73 -21.64 56.21
CA PHE B 791 -4.09 -22.10 56.01
C PHE B 791 -4.38 -23.44 56.66
N HIS B 792 -3.49 -23.94 57.54
CA HIS B 792 -3.76 -25.09 58.39
C HIS B 792 -4.13 -26.33 57.56
N ALA B 793 -3.15 -26.80 56.81
CA ALA B 793 -3.36 -27.85 55.82
C ALA B 793 -2.33 -28.97 56.02
N ASN B 794 -2.23 -29.84 55.01
CA ASN B 794 -1.44 -31.06 55.07
C ASN B 794 -1.97 -32.03 56.14
N THR B 795 -3.29 -32.11 56.21
CA THR B 795 -3.97 -33.17 56.93
C THR B 795 -4.33 -34.27 55.96
N PRO B 796 -3.91 -35.52 56.17
CA PRO B 796 -4.16 -36.56 55.16
C PRO B 796 -5.62 -36.95 55.01
N GLU B 797 -6.53 -36.25 55.70
CA GLU B 797 -7.97 -36.49 55.53
C GLU B 797 -8.63 -35.38 54.73
N THR B 798 -8.13 -34.15 54.84
CA THR B 798 -8.61 -33.03 54.04
C THR B 798 -7.43 -32.46 53.24
N GLN B 799 -7.52 -32.57 51.92
CA GLN B 799 -6.44 -32.14 51.05
C GLN B 799 -6.89 -31.36 49.82
N THR B 800 -8.19 -31.32 49.52
CA THR B 800 -8.65 -30.65 48.30
C THR B 800 -8.34 -29.17 48.32
N LEU B 801 -8.23 -28.55 49.50
CA LEU B 801 -7.89 -27.14 49.56
C LEU B 801 -6.50 -26.87 48.99
N PHE B 802 -5.54 -27.72 49.35
CA PHE B 802 -4.18 -27.57 48.83
C PHE B 802 -4.16 -27.66 47.31
N GLN B 803 -4.84 -28.67 46.76
CA GLN B 803 -4.86 -28.86 45.31
C GLN B 803 -5.55 -27.69 44.62
N SER B 804 -6.66 -27.21 45.19
CA SER B 804 -7.36 -26.07 44.59
C SER B 804 -6.46 -24.83 44.57
N GLY B 805 -5.81 -24.54 45.69
CA GLY B 805 -4.96 -23.37 45.74
C GLY B 805 -3.81 -23.45 44.75
N TRP B 806 -3.12 -24.60 44.71
CA TRP B 806 -1.99 -24.71 43.80
C TRP B 806 -2.46 -24.69 42.35
N PHE B 807 -3.62 -25.28 42.05
CA PHE B 807 -4.15 -25.25 40.69
C PHE B 807 -4.40 -23.82 40.25
N VAL B 808 -5.08 -23.04 41.10
CA VAL B 808 -5.40 -21.66 40.73
C VAL B 808 -4.12 -20.85 40.54
N VAL B 809 -3.19 -20.94 41.49
CA VAL B 809 -1.99 -20.12 41.40
C VAL B 809 -1.13 -20.54 40.21
N GLY B 810 -1.08 -21.84 39.92
CA GLY B 810 -0.30 -22.31 38.79
C GLY B 810 -0.88 -21.85 37.46
N LEU B 811 -2.20 -21.93 37.31
CA LEU B 811 -2.82 -21.45 36.08
C LEU B 811 -2.58 -19.95 35.90
N LEU B 812 -2.76 -19.17 36.98
CA LEU B 812 -2.49 -17.74 36.91
C LEU B 812 -1.05 -17.47 36.49
N SER B 813 -0.09 -18.18 37.11
CA SER B 813 1.31 -17.91 36.85
C SER B 813 1.72 -18.32 35.45
N GLN B 814 1.15 -19.42 34.94
CA GLN B 814 1.46 -19.82 33.57
C GLN B 814 0.90 -18.83 32.56
N THR B 815 -0.35 -18.42 32.73
CA THR B 815 -0.97 -17.58 31.72
C THR B 815 -0.48 -16.14 31.77
N LEU B 816 -0.05 -15.64 32.94
CA LEU B 816 0.32 -14.24 33.07
C LEU B 816 1.81 -13.97 32.85
N ILE B 817 2.64 -15.00 32.65
CA ILE B 817 4.05 -14.77 32.36
C ILE B 817 4.31 -14.56 30.88
N VAL B 818 3.32 -14.84 30.03
CA VAL B 818 3.51 -14.69 28.58
C VAL B 818 3.80 -13.24 28.23
N HIS B 819 3.10 -12.31 28.85
CA HIS B 819 3.15 -10.91 28.43
C HIS B 819 4.46 -10.20 28.81
N MET B 820 5.46 -10.90 29.34
CA MET B 820 6.67 -10.21 29.75
C MET B 820 7.94 -10.88 29.25
N ILE B 821 7.85 -12.15 28.87
CA ILE B 821 9.01 -12.83 28.31
C ILE B 821 8.83 -12.96 26.80
N ARG B 822 8.00 -12.09 26.24
CA ARG B 822 7.80 -12.01 24.81
C ARG B 822 8.51 -10.82 24.19
N THR B 823 9.06 -9.92 24.99
CA THR B 823 9.75 -8.75 24.49
C THR B 823 11.00 -8.50 25.32
N ARG B 824 11.92 -7.73 24.76
CA ARG B 824 13.12 -7.32 25.47
C ARG B 824 12.97 -5.95 26.13
N ARG B 825 12.01 -5.15 25.68
CA ARG B 825 11.77 -3.83 26.24
C ARG B 825 10.99 -3.98 27.56
N VAL B 826 10.51 -2.87 28.09
CA VAL B 826 9.67 -2.88 29.28
C VAL B 826 8.22 -3.05 28.84
N PRO B 827 7.50 -4.05 29.35
CA PRO B 827 6.17 -4.37 28.81
C PRO B 827 5.13 -3.31 29.17
N PHE B 828 4.09 -3.26 28.33
CA PHE B 828 2.88 -2.47 28.49
C PHE B 828 3.11 -0.96 28.37
N ILE B 829 4.35 -0.52 28.21
CA ILE B 829 4.61 0.90 27.96
C ILE B 829 5.52 1.15 26.77
N GLN B 830 6.24 0.15 26.27
CA GLN B 830 7.06 0.29 25.08
C GLN B 830 6.70 -0.72 23.99
N SER B 831 6.16 -1.88 24.36
CA SER B 831 5.77 -2.90 23.39
C SER B 831 4.61 -3.70 23.98
N CYS B 832 3.40 -3.37 23.56
CA CYS B 832 2.21 -4.07 24.01
C CYS B 832 2.04 -5.35 23.21
N ALA B 833 0.90 -6.01 23.37
CA ALA B 833 0.56 -7.22 22.63
C ALA B 833 -0.72 -7.01 21.86
N SER B 834 -0.98 -7.91 20.91
CA SER B 834 -2.18 -7.80 20.09
C SER B 834 -3.43 -8.05 20.92
N TRP B 835 -4.52 -7.41 20.52
CA TRP B 835 -5.77 -7.53 21.26
C TRP B 835 -6.31 -8.95 21.37
N PRO B 836 -6.31 -9.78 20.32
CA PRO B 836 -6.83 -11.16 20.49
C PRO B 836 -6.10 -11.96 21.56
N LEU B 837 -4.78 -11.79 21.69
CA LEU B 837 -4.07 -12.49 22.75
C LEU B 837 -4.52 -12.03 24.13
N MET B 838 -4.69 -10.72 24.32
CA MET B 838 -5.19 -10.22 25.60
C MET B 838 -6.59 -10.72 25.89
N ILE B 839 -7.45 -10.76 24.87
CA ILE B 839 -8.82 -11.22 25.07
C ILE B 839 -8.83 -12.69 25.46
N MET B 840 -8.03 -13.50 24.78
CA MET B 840 -7.95 -14.92 25.15
C MET B 840 -7.40 -15.10 26.55
N THR B 841 -6.38 -14.32 26.92
CA THR B 841 -5.83 -14.41 28.27
C THR B 841 -6.88 -14.07 29.31
N VAL B 842 -7.65 -12.99 29.09
CA VAL B 842 -8.68 -12.58 30.04
C VAL B 842 -9.76 -13.64 30.15
N ILE B 843 -10.21 -14.18 29.02
CA ILE B 843 -11.26 -15.18 29.04
C ILE B 843 -10.81 -16.43 29.78
N VAL B 844 -9.58 -16.89 29.50
CA VAL B 844 -9.06 -18.07 30.17
C VAL B 844 -8.90 -17.80 31.67
N MET B 845 -8.47 -16.59 32.02
CA MET B 845 -8.31 -16.26 33.44
C MET B 845 -9.65 -16.29 34.16
N ILE B 846 -10.68 -15.73 33.54
CA ILE B 846 -12.01 -15.74 34.14
C ILE B 846 -12.51 -17.17 34.30
N VAL B 847 -12.35 -18.00 33.26
CA VAL B 847 -12.82 -19.38 33.33
C VAL B 847 -12.09 -20.14 34.42
N GLY B 848 -10.77 -19.93 34.54
CA GLY B 848 -10.01 -20.61 35.57
C GLY B 848 -10.40 -20.19 36.97
N ILE B 849 -10.61 -18.88 37.18
CA ILE B 849 -10.97 -18.39 38.50
C ILE B 849 -12.36 -18.88 38.89
N ALA B 850 -13.31 -18.83 37.95
CA ALA B 850 -14.69 -19.17 38.28
C ALA B 850 -14.93 -20.68 38.37
N LEU B 851 -14.00 -21.49 37.92
CA LEU B 851 -14.23 -22.94 37.91
C LEU B 851 -14.38 -23.54 39.30
N PRO B 852 -13.53 -23.25 40.29
CA PRO B 852 -13.76 -23.83 41.62
C PRO B 852 -15.09 -23.42 42.25
N PHE B 853 -15.57 -22.21 41.99
CA PHE B 853 -16.87 -21.77 42.50
C PHE B 853 -17.97 -22.04 41.48
N SER B 854 -18.12 -23.31 41.13
CA SER B 854 -19.09 -23.74 40.15
C SER B 854 -19.73 -25.04 40.63
N PRO B 855 -20.96 -25.33 40.19
CA PRO B 855 -21.58 -26.61 40.57
C PRO B 855 -20.80 -27.83 40.11
N LEU B 856 -20.09 -27.73 38.99
CA LEU B 856 -19.32 -28.85 38.46
C LEU B 856 -18.05 -29.12 39.25
N ALA B 857 -17.68 -28.23 40.17
CA ALA B 857 -16.41 -28.38 40.90
C ALA B 857 -16.36 -29.69 41.67
N SER B 858 -17.46 -30.04 42.36
CA SER B 858 -17.47 -31.27 43.14
C SER B 858 -17.35 -32.51 42.24
N TYR B 859 -17.82 -32.41 41.00
CA TYR B 859 -17.69 -33.54 40.08
C TYR B 859 -16.23 -33.82 39.74
N LEU B 860 -15.43 -32.76 39.58
CA LEU B 860 -14.02 -32.89 39.23
C LEU B 860 -13.13 -33.02 40.45
N GLN B 861 -13.69 -33.39 41.61
CA GLN B 861 -12.94 -33.55 42.85
C GLN B 861 -12.23 -32.26 43.23
N LEU B 862 -13.02 -31.21 43.48
CA LEU B 862 -12.50 -29.90 43.80
C LEU B 862 -13.55 -29.10 44.54
N GLN B 863 -13.17 -28.53 45.69
CA GLN B 863 -14.11 -27.79 46.51
C GLN B 863 -13.90 -26.28 46.37
N ALA B 864 -14.58 -25.51 47.23
CA ALA B 864 -14.58 -24.06 47.13
C ALA B 864 -13.29 -23.48 47.71
N LEU B 865 -13.27 -22.16 47.93
CA LEU B 865 -12.09 -21.49 48.43
C LEU B 865 -12.52 -20.30 49.29
N PRO B 866 -11.97 -20.16 50.50
CA PRO B 866 -12.35 -19.02 51.35
C PRO B 866 -11.88 -17.70 50.77
N LEU B 867 -12.62 -16.64 51.10
CA LEU B 867 -12.30 -15.31 50.59
C LEU B 867 -11.23 -14.63 51.43
N SER B 868 -10.11 -15.32 51.66
CA SER B 868 -8.96 -14.75 52.33
C SER B 868 -7.64 -15.07 51.64
N TYR B 869 -7.62 -16.04 50.72
CA TYR B 869 -6.43 -16.39 49.97
C TYR B 869 -6.19 -15.44 48.80
N PHE B 870 -7.19 -14.66 48.41
CA PHE B 870 -7.06 -13.78 47.26
C PHE B 870 -5.96 -12.72 47.41
N PRO B 871 -5.84 -12.00 48.52
CA PRO B 871 -4.75 -11.02 48.62
C PRO B 871 -3.37 -11.65 48.54
N TRP B 872 -3.18 -12.82 49.16
CA TRP B 872 -1.89 -13.49 49.07
C TRP B 872 -1.62 -13.97 47.65
N LEU B 873 -2.66 -14.45 46.96
CA LEU B 873 -2.52 -14.83 45.55
C LEU B 873 -2.06 -13.63 44.72
N VAL B 874 -2.71 -12.49 44.90
CA VAL B 874 -2.36 -11.31 44.13
C VAL B 874 -0.93 -10.86 44.44
N ALA B 875 -0.56 -10.88 45.72
CA ALA B 875 0.78 -10.46 46.11
C ALA B 875 1.85 -11.36 45.49
N ILE B 876 1.68 -12.68 45.60
CA ILE B 876 2.69 -13.59 45.08
C ILE B 876 2.73 -13.52 43.55
N LEU B 877 1.57 -13.34 42.90
CA LEU B 877 1.53 -13.20 41.45
C LEU B 877 2.28 -11.96 41.01
N ALA B 878 2.04 -10.83 41.67
CA ALA B 878 2.75 -9.60 41.32
C ALA B 878 4.25 -9.73 41.55
N GLY B 879 4.64 -10.39 42.65
CA GLY B 879 6.05 -10.58 42.90
C GLY B 879 6.73 -11.41 41.83
N TYR B 880 6.09 -12.52 41.45
CA TYR B 880 6.67 -13.36 40.40
C TYR B 880 6.69 -12.64 39.06
N MET B 881 5.67 -11.84 38.79
CA MET B 881 5.59 -11.14 37.51
C MET B 881 6.64 -10.02 37.43
N THR B 882 6.97 -9.42 38.57
CA THR B 882 7.94 -8.33 38.57
C THR B 882 9.38 -8.79 38.77
N LEU B 883 9.60 -10.02 39.25
CA LEU B 883 10.98 -10.48 39.41
C LEU B 883 11.63 -10.75 38.06
N THR B 884 10.89 -11.35 37.12
CA THR B 884 11.48 -11.71 35.84
C THR B 884 11.86 -10.49 35.02
N GLN B 885 11.19 -9.35 35.24
CA GLN B 885 11.57 -8.13 34.54
C GLN B 885 12.98 -7.69 34.90
N LEU B 886 13.33 -7.78 36.18
CA LEU B 886 14.70 -7.49 36.59
C LEU B 886 15.66 -8.60 36.22
N VAL B 887 15.19 -9.85 36.21
CA VAL B 887 16.06 -10.97 35.88
C VAL B 887 16.48 -10.94 34.41
N LYS B 888 15.58 -10.51 33.51
CA LYS B 888 15.80 -10.62 32.07
C LYS B 888 17.12 -10.02 31.59
N GLY B 889 17.72 -9.12 32.37
CA GLY B 889 18.94 -8.47 31.92
C GLY B 889 20.08 -9.43 31.70
N PHE B 890 20.28 -10.36 32.63
CA PHE B 890 21.47 -11.21 32.61
C PHE B 890 21.40 -12.31 31.56
N TYR B 891 20.26 -12.50 30.89
CA TYR B 891 20.15 -13.59 29.93
C TYR B 891 20.75 -13.21 28.58
N SER B 892 20.32 -12.08 28.02
CA SER B 892 20.77 -11.69 26.69
C SER B 892 22.27 -11.39 26.67
N ARG B 893 22.83 -10.88 27.77
CA ARG B 893 24.25 -10.59 27.84
C ARG B 893 25.13 -11.83 27.78
N ARG B 894 24.55 -13.02 27.93
CA ARG B 894 25.32 -14.25 27.90
C ARG B 894 25.46 -14.79 26.47
N TYR B 895 24.34 -15.09 25.82
CA TYR B 895 24.37 -15.61 24.46
C TYR B 895 23.37 -14.97 23.51
N GLY B 896 22.39 -14.22 24.00
CA GLY B 896 21.47 -13.53 23.10
C GLY B 896 20.06 -14.07 23.10
N TRP B 897 19.07 -13.18 23.26
CA TRP B 897 17.68 -13.60 23.20
C TRP B 897 17.32 -14.14 21.82
N GLN B 898 17.77 -13.46 20.77
CA GLN B 898 17.45 -13.86 19.40
C GLN B 898 18.54 -13.41 18.43
#